data_1O4V
# 
_entry.id   1O4V 
# 
_audit_conform.dict_name       mmcif_pdbx.dic 
_audit_conform.dict_version    5.379 
_audit_conform.dict_location   http://mmcif.pdb.org/dictionaries/ascii/mmcif_pdbx.dic 
# 
loop_
_database_2.database_id 
_database_2.database_code 
_database_2.pdbx_database_accession 
_database_2.pdbx_DOI 
PDB   1O4V         pdb_00001o4v 10.2210/pdb1o4v/pdb 
RCSB  RCSB001806   ?            ?                   
WWPDB D_1000001806 ?            ?                   
# 
_pdbx_database_related.db_name        TargetDB 
_pdbx_database_related.db_id          282319 
_pdbx_database_related.details        . 
_pdbx_database_related.content_type   unspecified 
# 
_pdbx_database_status.entry_id                        1O4V 
_pdbx_database_status.status_code                     REL 
_pdbx_database_status.deposit_site                    RCSB 
_pdbx_database_status.process_site                    RCSB 
_pdbx_database_status.recvd_initial_deposition_date   2003-07-11 
_pdbx_database_status.SG_entry                        Y 
_pdbx_database_status.status_code_sf                  REL 
_pdbx_database_status.status_code_cs                  ? 
_pdbx_database_status.pdb_format_compatible           Y 
_pdbx_database_status.status_code_mr                  ? 
_pdbx_database_status.methods_development_category    ? 
_pdbx_database_status.status_code_nmr_data            ? 
# 
_audit_author.name           'Joint Center for Structural Genomics (JCSG)' 
_audit_author.pdbx_ordinal   1 
# 
_citation.id                        primary 
_citation.title                     
'Crystal structure of a phosphoribosylaminoimidazole mutase PurE (TM0446) from Thermotoga maritima at 1.77 A resolution' 
_citation.journal_abbrev            Proteins 
_citation.journal_volume            55 
_citation.page_first                474 
_citation.page_last                 478 
_citation.year                      2004 
_citation.journal_id_ASTM           PSFGEY 
_citation.country                   US 
_citation.journal_id_ISSN           0887-3585 
_citation.journal_id_CSD            0867 
_citation.book_publisher            ? 
_citation.pdbx_database_id_PubMed   15048837 
_citation.pdbx_database_id_DOI      10.1002/prot.20023 
# 
loop_
_citation_author.citation_id 
_citation_author.name 
_citation_author.ordinal 
_citation_author.identifier_ORCID 
primary 'Schwarzenbacher, R.' 1  ? 
primary 'Jaroszewski, L.'     2  ? 
primary 'von Delft, F.'       3  ? 
primary 'Abdubek, P.'         4  ? 
primary 'Ambing, E.'          5  ? 
primary 'Biorac, T.'          6  ? 
primary 'Brinen, L.S.'        7  ? 
primary 'Canaves, J.M.'       8  ? 
primary 'Cambell, J.'         9  ? 
primary 'Chiu, H.J.'          10 ? 
primary 'Dai, X.'             11 ? 
primary 'Deacon, A.M.'        12 ? 
primary 'DiDonato, M.'        13 ? 
primary 'Elsliger, M.A.'      14 ? 
primary 'Eshagi, S.'          15 ? 
primary 'Floyd, R.'           16 ? 
primary 'Godzik, A.'          17 ? 
primary 'Grittini, C.'        18 ? 
primary 'Grzechnik, S.K.'     19 ? 
primary 'Hampton, E.'         20 ? 
primary 'Karlak, C.'          21 ? 
primary 'Klock, H.E.'         22 ? 
primary 'Koesema, E.'         23 ? 
primary 'Kovarik, J.S.'       24 ? 
primary 'Kreusch, A.'         25 ? 
primary 'Kuhn, P.'            26 ? 
primary 'Lesley, S.A.'        27 ? 
primary 'Levin, I.'           28 ? 
primary 'McMullan, D.'        29 ? 
primary 'McPhillips, T.M.'    30 ? 
primary 'Miller, M.D.'        31 ? 
primary 'Morse, A.'           32 ? 
primary 'Moy, K.'             33 ? 
primary 'Ouyang, J.'          34 ? 
primary 'Page, R.'            35 ? 
primary 'Quijano, K.'         36 ? 
primary 'Robb, A.'            37 ? 
primary 'Spraggon, G.'        38 ? 
primary 'Stevens, R.C.'       39 ? 
primary 'van den Bedem, H.'   40 ? 
primary 'Velasquez, J.'       41 ? 
primary 'Vincent, J.'         42 ? 
primary 'Wang, X.'            43 ? 
primary 'West, B.'            44 ? 
primary 'Wolf, G.'            45 ? 
primary 'Xu, Q.'              46 ? 
primary 'Hodgson, K.O.'       47 ? 
primary 'Wooley, J.'          48 ? 
primary 'Wilson, I.A.'        49 ? 
# 
_cell.entry_id           1O4V 
_cell.length_a           103.249 
_cell.length_b           103.249 
_cell.length_c           65.445 
_cell.angle_alpha        90.00 
_cell.angle_beta         90.00 
_cell.angle_gamma        90.00 
_cell.Z_PDB              16 
_cell.pdbx_unique_axis   ? 
# 
_symmetry.entry_id                         1O4V 
_symmetry.space_group_name_H-M             'I 4 2 2' 
_symmetry.pdbx_full_space_group_name_H-M   ? 
_symmetry.cell_setting                     ? 
_symmetry.Int_Tables_number                97 
# 
loop_
_entity.id 
_entity.type 
_entity.src_method 
_entity.pdbx_description 
_entity.formula_weight 
_entity.pdbx_number_of_molecules 
_entity.pdbx_ec 
_entity.pdbx_mutation 
_entity.pdbx_fragment 
_entity.details 
1 polymer     man 'phosphoribosylaminoimidazole mutase PurE' 20070.227 1   4.1.1.21 ? ? ? 
2 non-polymer syn 'SULFATE ION'                              96.063    2   ?        ? ? ? 
3 water       nat water                                      18.015    118 ?        ? ? ? 
# 
_entity_name_com.entity_id   1 
_entity_name_com.name        'AIR carboxylase, AIRC' 
# 
_entity_poly.entity_id                      1 
_entity_poly.type                           'polypeptide(L)' 
_entity_poly.nstd_linkage                   no 
_entity_poly.nstd_monomer                   no 
_entity_poly.pdbx_seq_one_letter_code       
;MGSDKIHHHHHHVPRVGIIMGSDSDLPVMKQAAEILEEFGIDYEITIVSAHRTPDRMFEYAKNAEERGIEVIIAGAGGAA
HLPGMVASITHLPVIGVPVKTSTLNGLDSLFSIVQMPGGVPVATVAINNAKNAGILAASILGIKYPEIARKVKEYKERMK
REVLEKAQRLEQIGYKEYLNQKE
;
_entity_poly.pdbx_seq_one_letter_code_can   
;MGSDKIHHHHHHVPRVGIIMGSDSDLPVMKQAAEILEEFGIDYEITIVSAHRTPDRMFEYAKNAEERGIEVIIAGAGGAA
HLPGMVASITHLPVIGVPVKTSTLNGLDSLFSIVQMPGGVPVATVAINNAKNAGILAASILGIKYPEIARKVKEYKERMK
REVLEKAQRLEQIGYKEYLNQKE
;
_entity_poly.pdbx_strand_id                 A 
_entity_poly.pdbx_target_identifier         282319 
# 
loop_
_entity_poly_seq.entity_id 
_entity_poly_seq.num 
_entity_poly_seq.mon_id 
_entity_poly_seq.hetero 
1 1   MET n 
1 2   GLY n 
1 3   SER n 
1 4   ASP n 
1 5   LYS n 
1 6   ILE n 
1 7   HIS n 
1 8   HIS n 
1 9   HIS n 
1 10  HIS n 
1 11  HIS n 
1 12  HIS n 
1 13  VAL n 
1 14  PRO n 
1 15  ARG n 
1 16  VAL n 
1 17  GLY n 
1 18  ILE n 
1 19  ILE n 
1 20  MET n 
1 21  GLY n 
1 22  SER n 
1 23  ASP n 
1 24  SER n 
1 25  ASP n 
1 26  LEU n 
1 27  PRO n 
1 28  VAL n 
1 29  MET n 
1 30  LYS n 
1 31  GLN n 
1 32  ALA n 
1 33  ALA n 
1 34  GLU n 
1 35  ILE n 
1 36  LEU n 
1 37  GLU n 
1 38  GLU n 
1 39  PHE n 
1 40  GLY n 
1 41  ILE n 
1 42  ASP n 
1 43  TYR n 
1 44  GLU n 
1 45  ILE n 
1 46  THR n 
1 47  ILE n 
1 48  VAL n 
1 49  SER n 
1 50  ALA n 
1 51  HIS n 
1 52  ARG n 
1 53  THR n 
1 54  PRO n 
1 55  ASP n 
1 56  ARG n 
1 57  MET n 
1 58  PHE n 
1 59  GLU n 
1 60  TYR n 
1 61  ALA n 
1 62  LYS n 
1 63  ASN n 
1 64  ALA n 
1 65  GLU n 
1 66  GLU n 
1 67  ARG n 
1 68  GLY n 
1 69  ILE n 
1 70  GLU n 
1 71  VAL n 
1 72  ILE n 
1 73  ILE n 
1 74  ALA n 
1 75  GLY n 
1 76  ALA n 
1 77  GLY n 
1 78  GLY n 
1 79  ALA n 
1 80  ALA n 
1 81  HIS n 
1 82  LEU n 
1 83  PRO n 
1 84  GLY n 
1 85  MET n 
1 86  VAL n 
1 87  ALA n 
1 88  SER n 
1 89  ILE n 
1 90  THR n 
1 91  HIS n 
1 92  LEU n 
1 93  PRO n 
1 94  VAL n 
1 95  ILE n 
1 96  GLY n 
1 97  VAL n 
1 98  PRO n 
1 99  VAL n 
1 100 LYS n 
1 101 THR n 
1 102 SER n 
1 103 THR n 
1 104 LEU n 
1 105 ASN n 
1 106 GLY n 
1 107 LEU n 
1 108 ASP n 
1 109 SER n 
1 110 LEU n 
1 111 PHE n 
1 112 SER n 
1 113 ILE n 
1 114 VAL n 
1 115 GLN n 
1 116 MET n 
1 117 PRO n 
1 118 GLY n 
1 119 GLY n 
1 120 VAL n 
1 121 PRO n 
1 122 VAL n 
1 123 ALA n 
1 124 THR n 
1 125 VAL n 
1 126 ALA n 
1 127 ILE n 
1 128 ASN n 
1 129 ASN n 
1 130 ALA n 
1 131 LYS n 
1 132 ASN n 
1 133 ALA n 
1 134 GLY n 
1 135 ILE n 
1 136 LEU n 
1 137 ALA n 
1 138 ALA n 
1 139 SER n 
1 140 ILE n 
1 141 LEU n 
1 142 GLY n 
1 143 ILE n 
1 144 LYS n 
1 145 TYR n 
1 146 PRO n 
1 147 GLU n 
1 148 ILE n 
1 149 ALA n 
1 150 ARG n 
1 151 LYS n 
1 152 VAL n 
1 153 LYS n 
1 154 GLU n 
1 155 TYR n 
1 156 LYS n 
1 157 GLU n 
1 158 ARG n 
1 159 MET n 
1 160 LYS n 
1 161 ARG n 
1 162 GLU n 
1 163 VAL n 
1 164 LEU n 
1 165 GLU n 
1 166 LYS n 
1 167 ALA n 
1 168 GLN n 
1 169 ARG n 
1 170 LEU n 
1 171 GLU n 
1 172 GLN n 
1 173 ILE n 
1 174 GLY n 
1 175 TYR n 
1 176 LYS n 
1 177 GLU n 
1 178 TYR n 
1 179 LEU n 
1 180 ASN n 
1 181 GLN n 
1 182 LYS n 
1 183 GLU n 
# 
_entity_src_gen.entity_id                          1 
_entity_src_gen.pdbx_src_id                        1 
_entity_src_gen.pdbx_alt_source_flag               sample 
_entity_src_gen.pdbx_seq_type                      ? 
_entity_src_gen.pdbx_beg_seq_num                   ? 
_entity_src_gen.pdbx_end_seq_num                   ? 
_entity_src_gen.gene_src_common_name               ? 
_entity_src_gen.gene_src_genus                     Thermotoga 
_entity_src_gen.pdbx_gene_src_gene                 'PURE OR TM0446' 
_entity_src_gen.gene_src_species                   ? 
_entity_src_gen.gene_src_strain                    ? 
_entity_src_gen.gene_src_tissue                    ? 
_entity_src_gen.gene_src_tissue_fraction           ? 
_entity_src_gen.gene_src_details                   ? 
_entity_src_gen.pdbx_gene_src_fragment             ? 
_entity_src_gen.pdbx_gene_src_scientific_name      'Thermotoga maritima' 
_entity_src_gen.pdbx_gene_src_ncbi_taxonomy_id     2336 
_entity_src_gen.pdbx_gene_src_variant              ? 
_entity_src_gen.pdbx_gene_src_cell_line            ? 
_entity_src_gen.pdbx_gene_src_atcc                 ? 
_entity_src_gen.pdbx_gene_src_organ                ? 
_entity_src_gen.pdbx_gene_src_organelle            ? 
_entity_src_gen.pdbx_gene_src_cell                 ? 
_entity_src_gen.pdbx_gene_src_cellular_location    ? 
_entity_src_gen.host_org_common_name               ? 
_entity_src_gen.pdbx_host_org_scientific_name      'Escherichia coli' 
_entity_src_gen.pdbx_host_org_ncbi_taxonomy_id     562 
_entity_src_gen.host_org_genus                     Escherichia 
_entity_src_gen.pdbx_host_org_gene                 ? 
_entity_src_gen.pdbx_host_org_organ                ? 
_entity_src_gen.host_org_species                   ? 
_entity_src_gen.pdbx_host_org_tissue               ? 
_entity_src_gen.pdbx_host_org_tissue_fraction      ? 
_entity_src_gen.pdbx_host_org_strain               ? 
_entity_src_gen.pdbx_host_org_variant              ? 
_entity_src_gen.pdbx_host_org_cell_line            ? 
_entity_src_gen.pdbx_host_org_atcc                 ? 
_entity_src_gen.pdbx_host_org_culture_collection   ? 
_entity_src_gen.pdbx_host_org_cell                 ? 
_entity_src_gen.pdbx_host_org_organelle            ? 
_entity_src_gen.pdbx_host_org_cellular_location    ? 
_entity_src_gen.pdbx_host_org_vector_type          Plasmid 
_entity_src_gen.pdbx_host_org_vector               ? 
_entity_src_gen.host_org_details                   ? 
_entity_src_gen.expression_system_id               ? 
_entity_src_gen.plasmid_name                       ? 
_entity_src_gen.plasmid_details                    ? 
_entity_src_gen.pdbx_description                   ? 
# 
_struct_ref.id                         1 
_struct_ref.db_name                    UNP 
_struct_ref.db_code                    PUR6_THEMA 
_struct_ref.pdbx_db_accession          Q9WYS7 
_struct_ref.entity_id                  1 
_struct_ref.pdbx_seq_one_letter_code   
;PRVGIIMGSDSDLPVMKQAAEILEEFGIDYEITIVSAHRTPDRMFEYAKNAEERGIEVIIAGAGGAAHLPGMVASITHLP
VIGVPVKTSTLNGLDSLFSIVQMPGGVPVATVAINNAKNAGILAASILGIKYPEIARKVKEYKERMKREVLEKAQRLEQI
GYKEYLNQKE
;
_struct_ref.pdbx_align_begin           2 
_struct_ref.pdbx_db_isoform            ? 
# 
_struct_ref_seq.align_id                      1 
_struct_ref_seq.ref_id                        1 
_struct_ref_seq.pdbx_PDB_id_code              1O4V 
_struct_ref_seq.pdbx_strand_id                A 
_struct_ref_seq.seq_align_beg                 14 
_struct_ref_seq.pdbx_seq_align_beg_ins_code   ? 
_struct_ref_seq.seq_align_end                 183 
_struct_ref_seq.pdbx_seq_align_end_ins_code   ? 
_struct_ref_seq.pdbx_db_accession             Q9WYS7 
_struct_ref_seq.db_align_beg                  2 
_struct_ref_seq.pdbx_db_align_beg_ins_code    ? 
_struct_ref_seq.db_align_end                  171 
_struct_ref_seq.pdbx_db_align_end_ins_code    ? 
_struct_ref_seq.pdbx_auth_seq_align_beg       2 
_struct_ref_seq.pdbx_auth_seq_align_end       171 
# 
loop_
_struct_ref_seq_dif.align_id 
_struct_ref_seq_dif.pdbx_pdb_id_code 
_struct_ref_seq_dif.mon_id 
_struct_ref_seq_dif.pdbx_pdb_strand_id 
_struct_ref_seq_dif.seq_num 
_struct_ref_seq_dif.pdbx_pdb_ins_code 
_struct_ref_seq_dif.pdbx_seq_db_name 
_struct_ref_seq_dif.pdbx_seq_db_accession_code 
_struct_ref_seq_dif.db_mon_id 
_struct_ref_seq_dif.pdbx_seq_db_seq_num 
_struct_ref_seq_dif.details 
_struct_ref_seq_dif.pdbx_auth_seq_num 
_struct_ref_seq_dif.pdbx_ordinal 
1 1O4V MET A 1  ? UNP Q9WYS7 ? ? 'expression tag' -11 1  
1 1O4V GLY A 2  ? UNP Q9WYS7 ? ? 'expression tag' -10 2  
1 1O4V SER A 3  ? UNP Q9WYS7 ? ? 'expression tag' -9  3  
1 1O4V ASP A 4  ? UNP Q9WYS7 ? ? 'expression tag' -8  4  
1 1O4V LYS A 5  ? UNP Q9WYS7 ? ? 'expression tag' -7  5  
1 1O4V ILE A 6  ? UNP Q9WYS7 ? ? 'expression tag' -6  6  
1 1O4V HIS A 7  ? UNP Q9WYS7 ? ? 'expression tag' -5  7  
1 1O4V HIS A 8  ? UNP Q9WYS7 ? ? 'expression tag' -4  8  
1 1O4V HIS A 9  ? UNP Q9WYS7 ? ? 'expression tag' -3  9  
1 1O4V HIS A 10 ? UNP Q9WYS7 ? ? 'expression tag' -2  10 
1 1O4V HIS A 11 ? UNP Q9WYS7 ? ? 'expression tag' -1  11 
1 1O4V HIS A 12 ? UNP Q9WYS7 ? ? 'expression tag' 0   12 
1 1O4V VAL A 13 ? UNP Q9WYS7 ? ? 'expression tag' 1   13 
# 
loop_
_chem_comp.id 
_chem_comp.type 
_chem_comp.mon_nstd_flag 
_chem_comp.name 
_chem_comp.pdbx_synonyms 
_chem_comp.formula 
_chem_comp.formula_weight 
ALA 'L-peptide linking' y ALANINE         ? 'C3 H7 N O2'     89.093  
ARG 'L-peptide linking' y ARGININE        ? 'C6 H15 N4 O2 1' 175.209 
ASN 'L-peptide linking' y ASPARAGINE      ? 'C4 H8 N2 O3'    132.118 
ASP 'L-peptide linking' y 'ASPARTIC ACID' ? 'C4 H7 N O4'     133.103 
GLN 'L-peptide linking' y GLUTAMINE       ? 'C5 H10 N2 O3'   146.144 
GLU 'L-peptide linking' y 'GLUTAMIC ACID' ? 'C5 H9 N O4'     147.129 
GLY 'peptide linking'   y GLYCINE         ? 'C2 H5 N O2'     75.067  
HIS 'L-peptide linking' y HISTIDINE       ? 'C6 H10 N3 O2 1' 156.162 
HOH non-polymer         . WATER           ? 'H2 O'           18.015  
ILE 'L-peptide linking' y ISOLEUCINE      ? 'C6 H13 N O2'    131.173 
LEU 'L-peptide linking' y LEUCINE         ? 'C6 H13 N O2'    131.173 
LYS 'L-peptide linking' y LYSINE          ? 'C6 H15 N2 O2 1' 147.195 
MET 'L-peptide linking' y METHIONINE      ? 'C5 H11 N O2 S'  149.211 
PHE 'L-peptide linking' y PHENYLALANINE   ? 'C9 H11 N O2'    165.189 
PRO 'L-peptide linking' y PROLINE         ? 'C5 H9 N O2'     115.130 
SER 'L-peptide linking' y SERINE          ? 'C3 H7 N O3'     105.093 
SO4 non-polymer         . 'SULFATE ION'   ? 'O4 S -2'        96.063  
THR 'L-peptide linking' y THREONINE       ? 'C4 H9 N O3'     119.119 
TYR 'L-peptide linking' y TYROSINE        ? 'C9 H11 N O3'    181.189 
VAL 'L-peptide linking' y VALINE          ? 'C5 H11 N O2'    117.146 
# 
_exptl.crystals_number   1 
_exptl.method            'X-RAY DIFFRACTION' 
_exptl.entry_id          1O4V 
# 
_exptl_crystal.id                    1 
_exptl_crystal.density_percent_sol   43.12 
_exptl_crystal.density_Matthews      2.18 
_exptl_crystal.density_meas          ? 
_exptl_crystal.description           ? 
# 
_exptl_crystal_grow.crystal_id      1 
_exptl_crystal_grow.method          'VAPOR DIFFUSION, SITTING DROP, NANODROP' 
_exptl_crystal_grow.pH              5.6 
_exptl_crystal_grow.temp            293 
_exptl_crystal_grow.pdbx_details    
;2M ammonium sulfate, 0.1M tri-sodium citrate dihydrate pH 5.6, 0.2M potassium sodium tartrate tetrahydrate , VAPOR DIFFUSION, SITTING DROP, NANODROP, temperature 293K
;
_exptl_crystal_grow.temp_details    ? 
_exptl_crystal_grow.pdbx_pH_range   . 
# 
_diffrn.id                     1 
_diffrn.ambient_temp           100 
_diffrn.ambient_temp_details   ? 
_diffrn.crystal_id             1 
# 
_diffrn_detector.diffrn_id              1 
_diffrn_detector.detector               CCD 
_diffrn_detector.type                   'ADSC QUANTUM 315' 
_diffrn_detector.pdbx_collection_date   2003-02-03 
_diffrn_detector.details                'flat mirror' 
# 
_diffrn_radiation.diffrn_id                        1 
_diffrn_radiation.pdbx_monochromatic_or_laue_m_l   M 
_diffrn_radiation.monochromator                    'single crystal Si(111) bent monochromator' 
_diffrn_radiation.wavelength_id                    1 
_diffrn_radiation.pdbx_diffrn_protocol             'SINGLE WAVELENGTH' 
_diffrn_radiation.pdbx_scattering_type             x-ray 
# 
_diffrn_radiation_wavelength.id           1 
_diffrn_radiation_wavelength.wavelength   0.953690 
_diffrn_radiation_wavelength.wt           1.0 
# 
_diffrn_source.diffrn_id                   1 
_diffrn_source.source                      SYNCHROTRON 
_diffrn_source.pdbx_synchrotron_site       SSRL 
_diffrn_source.pdbx_synchrotron_beamline   BL11-1 
_diffrn_source.type                        'SSRL BEAMLINE BL11-1' 
_diffrn_source.pdbx_wavelength             0.953690 
_diffrn_source.pdbx_wavelength_list        ? 
# 
_reflns.observed_criterion_sigma_F   ? 
_reflns.observed_criterion_sigma_I   ? 
_reflns.d_resolution_high            1.770 
_reflns.d_resolution_low             24.37 
_reflns.number_all                   16697 
_reflns.number_obs                   16697 
_reflns.percent_possible_obs         95.4 
_reflns.pdbx_Rmerge_I_obs            ? 
_reflns.pdbx_netI_over_sigmaI        19.3 
_reflns.B_iso_Wilson_estimate        34.30 
_reflns.pdbx_redundancy              7.2 
_reflns.pdbx_Rsym_value              0.072 
_reflns.entry_id                     1O4V 
_reflns.R_free_details               ? 
_reflns.limit_h_max                  ? 
_reflns.limit_h_min                  ? 
_reflns.limit_k_max                  ? 
_reflns.limit_k_min                  ? 
_reflns.limit_l_max                  ? 
_reflns.limit_l_min                  ? 
_reflns.observed_criterion_F_max     ? 
_reflns.observed_criterion_F_min     ? 
_reflns.pdbx_ordinal                 1 
_reflns.pdbx_diffrn_id               1 
# 
_reflns_shell.d_res_high             1.77 
_reflns_shell.d_res_low              1.82 
_reflns_shell.percent_possible_all   73.8 
_reflns_shell.pdbx_Rsym_value        0.452 
_reflns_shell.pdbx_redundancy        3.5 
_reflns_shell.number_unique_all      931 
_reflns_shell.meanI_over_sigI_obs    2.1 
_reflns_shell.Rmerge_I_obs           ? 
_reflns_shell.percent_possible_obs   ? 
_reflns_shell.pdbx_ordinal           1 
_reflns_shell.pdbx_diffrn_id         1 
# 
_refine.ls_d_res_high                            1.77 
_refine.ls_d_res_low                             24.37 
_refine.pdbx_ls_sigma_F                          0.00 
_refine.pdbx_ls_sigma_I                          ? 
_refine.ls_number_reflns_obs                     15859 
_refine.ls_number_reflns_R_free                  838 
_refine.ls_percent_reflns_R_free                 5.0 
_refine.ls_percent_reflns_obs                    95.17 
_refine.ls_R_factor_obs                          0.1514 
_refine.ls_R_factor_R_work                       0.14981 
_refine.ls_R_factor_R_free                       0.18177 
_refine.pdbx_R_Free_selection_details            RANDOM 
_refine.pdbx_stereochemistry_target_values       'MAXIMUM LIKELIHOOD' 
_refine.pdbx_method_to_determine_struct          'MOLECULAR REPLACEMENT' 
_refine.pdbx_starting_model                      1QCZ 
_refine.pdbx_ls_cross_valid_method               THROUGHOUT 
_refine.pdbx_isotropic_thermal_model             ISOTROPIC 
_refine.B_iso_mean                               26.807 
_refine.aniso_B[1][1]                            -2.05 
_refine.aniso_B[2][2]                            -2.05 
_refine.aniso_B[3][3]                            4.11 
_refine.aniso_B[1][2]                            0.00 
_refine.aniso_B[1][3]                            0.00 
_refine.aniso_B[2][3]                            0.00 
_refine.details                                  
;1. WEAK, AMBIGUOUS DENSITY FOR BOTH THE N- AND C-TERMINAL RESIDUES WAS NOT MODELED. 2. UNEXPLAINED SURFACE DENSITY BETWEEN ASP11 AND ARG40, AND AT THE INTER-OCTAMER CONTACT AROUND GLU145, WAS MODELED AS WATERS. 3.  HYDROGENS HAVE BEEN ADDED IN THE RIDING POSITIONS
;
_refine.pdbx_overall_ESU_R                       0.103 
_refine.pdbx_overall_ESU_R_Free                  0.100 
_refine.overall_SU_ML                            0.067 
_refine.overall_SU_B                             4.354 
_refine.correlation_coeff_Fo_to_Fc               0.974 
_refine.correlation_coeff_Fo_to_Fc_free          0.964 
_refine.solvent_model_details                    'BABINET MODEL WITH MASK' 
_refine.pdbx_solvent_vdw_probe_radii             1.40 
_refine.pdbx_solvent_ion_probe_radii             0.80 
_refine.pdbx_solvent_shrinkage_radii             0.80 
_refine.entry_id                                 1O4V 
_refine.ls_R_factor_all                          ? 
_refine.ls_number_reflns_all                     ? 
_refine.ls_redundancy_reflns_obs                 ? 
_refine.pdbx_data_cutoff_high_absF               ? 
_refine.pdbx_data_cutoff_low_absF                ? 
_refine.ls_number_parameters                     ? 
_refine.ls_number_restraints                     ? 
_refine.ls_R_factor_R_free_error                 ? 
_refine.ls_R_factor_R_free_error_details         ? 
_refine.pdbx_stereochem_target_val_spec_case     ? 
_refine.solvent_model_param_bsol                 ? 
_refine.solvent_model_param_ksol                 ? 
_refine.occupancy_max                            ? 
_refine.occupancy_min                            ? 
_refine.pdbx_data_cutoff_high_rms_absF           ? 
_refine.B_iso_min                                ? 
_refine.B_iso_max                                ? 
_refine.overall_SU_R_Cruickshank_DPI             ? 
_refine.overall_SU_R_free                        ? 
_refine.pdbx_refine_id                           'X-RAY DIFFRACTION' 
_refine.pdbx_TLS_residual_ADP_flag               'LIKELY RESIDUAL' 
_refine.pdbx_diffrn_id                           1 
_refine.pdbx_overall_phase_error                 ? 
_refine.pdbx_overall_SU_R_free_Cruickshank_DPI   ? 
_refine.pdbx_overall_SU_R_Blow_DPI               ? 
_refine.pdbx_overall_SU_R_free_Blow_DPI          ? 
# 
_refine_hist.pdbx_refine_id                   'X-RAY DIFFRACTION' 
_refine_hist.cycle_id                         LAST 
_refine_hist.pdbx_number_atoms_protein        1280 
_refine_hist.pdbx_number_atoms_nucleic_acid   0 
_refine_hist.pdbx_number_atoms_ligand         10 
_refine_hist.number_atoms_solvent             118 
_refine_hist.number_atoms_total               1408 
_refine_hist.d_res_high                       1.77 
_refine_hist.d_res_low                        24.37 
# 
loop_
_refine_ls_restr.type 
_refine_ls_restr.number 
_refine_ls_restr.dev_ideal 
_refine_ls_restr.dev_ideal_target 
_refine_ls_restr.weight 
_refine_ls_restr.pdbx_refine_id 
_refine_ls_restr.pdbx_restraint_function 
r_bond_refined_d         1330 0.016  0.022  ? 'X-RAY DIFFRACTION' ? 
r_bond_other_d           1280 0.006  0.020  ? 'X-RAY DIFFRACTION' ? 
r_angle_refined_deg      1795 1.468  1.973  ? 'X-RAY DIFFRACTION' ? 
r_angle_other_deg        2974 0.927  3.000  ? 'X-RAY DIFFRACTION' ? 
r_dihedral_angle_1_deg   168  5.245  5.000  ? 'X-RAY DIFFRACTION' ? 
r_dihedral_angle_2_deg   53   37.012 23.774 ? 'X-RAY DIFFRACTION' ? 
r_dihedral_angle_3_deg   244  14.792 15.000 ? 'X-RAY DIFFRACTION' ? 
r_dihedral_angle_4_deg   10   14.694 15.000 ? 'X-RAY DIFFRACTION' ? 
r_chiral_restr           205  0.093  0.200  ? 'X-RAY DIFFRACTION' ? 
r_gen_planes_refined     1448 0.007  0.020  ? 'X-RAY DIFFRACTION' ? 
r_gen_planes_other       250  0.001  0.020  ? 'X-RAY DIFFRACTION' ? 
r_nbd_refined            254  0.223  0.200  ? 'X-RAY DIFFRACTION' ? 
r_nbd_other              1246 0.176  0.200  ? 'X-RAY DIFFRACTION' ? 
r_nbtor_other            805  0.085  0.200  ? 'X-RAY DIFFRACTION' ? 
r_xyhbond_nbd_refined    87   0.210  0.200  ? 'X-RAY DIFFRACTION' ? 
r_symmetry_vdw_refined   17   0.314  0.200  ? 'X-RAY DIFFRACTION' ? 
r_symmetry_vdw_other     95   0.209  0.200  ? 'X-RAY DIFFRACTION' ? 
r_symmetry_hbond_refined 18   0.243  0.200  ? 'X-RAY DIFFRACTION' ? 
r_mcbond_it              839  0.873  1.500  ? 'X-RAY DIFFRACTION' ? 
r_mcangle_it             1354 1.589  2.000  ? 'X-RAY DIFFRACTION' ? 
r_scbond_it              491  2.684  3.000  ? 'X-RAY DIFFRACTION' ? 
r_scangle_it             441  4.544  4.500  ? 'X-RAY DIFFRACTION' ? 
# 
_refine_ls_shell.pdbx_total_number_of_bins_used   20 
_refine_ls_shell.d_res_high                       1.770 
_refine_ls_shell.d_res_low                        1.816 
_refine_ls_shell.percent_reflns_obs               ? 
_refine_ls_shell.number_reflns_R_work             885 
_refine_ls_shell.R_factor_R_work                  0.234 
_refine_ls_shell.percent_reflns_R_free            4.94 
_refine_ls_shell.number_reflns_R_free             46 
_refine_ls_shell.R_factor_R_free                  0.236 
_refine_ls_shell.R_factor_R_free_error            ? 
_refine_ls_shell.redundancy_reflns_obs            ? 
_refine_ls_shell.number_reflns_all                ? 
_refine_ls_shell.number_reflns_obs                ? 
_refine_ls_shell.pdbx_refine_id                   'X-RAY DIFFRACTION' 
_refine_ls_shell.R_factor_all                     ? 
# 
_struct.entry_id                  1O4V 
_struct.title                     
;Crystal structure of the catalytic subunit of a phosphoribosylaminoimidazole mutase (tm0446) from thermotoga maritima at 1.77 A resolution
;
_struct.pdbx_model_details        ? 
_struct.pdbx_CASP_flag            ? 
_struct.pdbx_model_type_details   ? 
# 
_struct_keywords.text            
'Structural genomics, Joint Center for Structural Genomics, JCSG, Protein Structure Initiative, PSI, lyase' 
_struct_keywords.entry_id        1O4V 
_struct_keywords.pdbx_keywords   LYASE 
# 
loop_
_struct_asym.id 
_struct_asym.pdbx_blank_PDB_chainid_flag 
_struct_asym.pdbx_modified 
_struct_asym.entity_id 
_struct_asym.details 
A N N 1 ? 
B N N 2 ? 
C N N 2 ? 
D N N 3 ? 
# 
_struct_biol.id   1 
# 
loop_
_struct_conf.conf_type_id 
_struct_conf.id 
_struct_conf.pdbx_PDB_helix_id 
_struct_conf.beg_label_comp_id 
_struct_conf.beg_label_asym_id 
_struct_conf.beg_label_seq_id 
_struct_conf.pdbx_beg_PDB_ins_code 
_struct_conf.end_label_comp_id 
_struct_conf.end_label_asym_id 
_struct_conf.end_label_seq_id 
_struct_conf.pdbx_end_PDB_ins_code 
_struct_conf.beg_auth_comp_id 
_struct_conf.beg_auth_asym_id 
_struct_conf.beg_auth_seq_id 
_struct_conf.end_auth_comp_id 
_struct_conf.end_auth_asym_id 
_struct_conf.end_auth_seq_id 
_struct_conf.pdbx_PDB_helix_class 
_struct_conf.details 
_struct_conf.pdbx_PDB_helix_length 
HELX_P HELX_P1 1 SER A 22  ? SER A 24  ? SER A 10  SER A 12  5 ? 3  
HELX_P HELX_P2 2 ASP A 25  ? PHE A 39  ? ASP A 13  PHE A 27  1 ? 15 
HELX_P HELX_P3 3 THR A 53  ? ALA A 64  ? THR A 41  ALA A 52  1 ? 12 
HELX_P HELX_P4 4 HIS A 81  ? THR A 90  ? HIS A 69  THR A 78  1 ? 10 
HELX_P HELX_P5 5 GLY A 106 ? GLN A 115 ? GLY A 94  GLN A 103 1 ? 10 
HELX_P HELX_P6 6 ASN A 129 ? ILE A 143 ? ASN A 117 ILE A 131 1 ? 15 
HELX_P HELX_P7 7 TYR A 145 ? GLN A 172 ? TYR A 133 GLN A 160 1 ? 28 
HELX_P HELX_P8 8 TYR A 175 ? LYS A 182 ? TYR A 163 LYS A 170 1 ? 8  
# 
_struct_conf_type.id          HELX_P 
_struct_conf_type.criteria    ? 
_struct_conf_type.reference   ? 
# 
_struct_sheet.id               A 
_struct_sheet.type             ? 
_struct_sheet.number_strands   5 
_struct_sheet.details          ? 
# 
loop_
_struct_sheet_order.sheet_id 
_struct_sheet_order.range_id_1 
_struct_sheet_order.range_id_2 
_struct_sheet_order.offset 
_struct_sheet_order.sense 
A 1 2 ? parallel 
A 2 3 ? parallel 
A 3 4 ? parallel 
A 4 5 ? parallel 
# 
loop_
_struct_sheet_range.sheet_id 
_struct_sheet_range.id 
_struct_sheet_range.beg_label_comp_id 
_struct_sheet_range.beg_label_asym_id 
_struct_sheet_range.beg_label_seq_id 
_struct_sheet_range.pdbx_beg_PDB_ins_code 
_struct_sheet_range.end_label_comp_id 
_struct_sheet_range.end_label_asym_id 
_struct_sheet_range.end_label_seq_id 
_struct_sheet_range.pdbx_end_PDB_ins_code 
_struct_sheet_range.beg_auth_comp_id 
_struct_sheet_range.beg_auth_asym_id 
_struct_sheet_range.beg_auth_seq_id 
_struct_sheet_range.end_auth_comp_id 
_struct_sheet_range.end_auth_asym_id 
_struct_sheet_range.end_auth_seq_id 
A 1 ASP A 42  ? ILE A 47  ? ASP A 30  ILE A 35  
A 2 ARG A 15  ? MET A 20  ? ARG A 3   MET A 8   
A 3 VAL A 71  ? GLY A 77  ? VAL A 59  GLY A 65  
A 4 VAL A 94  ? VAL A 99  ? VAL A 82  VAL A 87  
A 5 ALA A 123 ? THR A 124 ? ALA A 111 THR A 112 
# 
loop_
_pdbx_struct_sheet_hbond.sheet_id 
_pdbx_struct_sheet_hbond.range_id_1 
_pdbx_struct_sheet_hbond.range_id_2 
_pdbx_struct_sheet_hbond.range_1_label_atom_id 
_pdbx_struct_sheet_hbond.range_1_label_comp_id 
_pdbx_struct_sheet_hbond.range_1_label_asym_id 
_pdbx_struct_sheet_hbond.range_1_label_seq_id 
_pdbx_struct_sheet_hbond.range_1_PDB_ins_code 
_pdbx_struct_sheet_hbond.range_1_auth_atom_id 
_pdbx_struct_sheet_hbond.range_1_auth_comp_id 
_pdbx_struct_sheet_hbond.range_1_auth_asym_id 
_pdbx_struct_sheet_hbond.range_1_auth_seq_id 
_pdbx_struct_sheet_hbond.range_2_label_atom_id 
_pdbx_struct_sheet_hbond.range_2_label_comp_id 
_pdbx_struct_sheet_hbond.range_2_label_asym_id 
_pdbx_struct_sheet_hbond.range_2_label_seq_id 
_pdbx_struct_sheet_hbond.range_2_PDB_ins_code 
_pdbx_struct_sheet_hbond.range_2_auth_atom_id 
_pdbx_struct_sheet_hbond.range_2_auth_comp_id 
_pdbx_struct_sheet_hbond.range_2_auth_asym_id 
_pdbx_struct_sheet_hbond.range_2_auth_seq_id 
A 1 2 O THR A 46 ? O THR A 34 N ILE A 18  ? N ILE A 6   
A 2 3 N GLY A 17 ? N GLY A 5  O ILE A 73  ? O ILE A 61  
A 3 4 N ALA A 74 ? N ALA A 62 O ILE A 95  ? O ILE A 83  
A 4 5 N GLY A 96 ? N GLY A 84 O ALA A 123 ? O ALA A 111 
# 
loop_
_struct_site.id 
_struct_site.pdbx_evidence_code 
_struct_site.pdbx_auth_asym_id 
_struct_site.pdbx_auth_comp_id 
_struct_site.pdbx_auth_seq_id 
_struct_site.pdbx_auth_ins_code 
_struct_site.pdbx_num_residues 
_struct_site.details 
AC1 Software A SO4 200 ? 8 'BINDING SITE FOR RESIDUE SO4 A 200' 
AC2 Software A SO4 201 ? 8 'BINDING SITE FOR RESIDUE SO4 A 201' 
# 
loop_
_struct_site_gen.id 
_struct_site_gen.site_id 
_struct_site_gen.pdbx_num_res 
_struct_site_gen.label_comp_id 
_struct_site_gen.label_asym_id 
_struct_site_gen.label_seq_id 
_struct_site_gen.pdbx_auth_ins_code 
_struct_site_gen.auth_comp_id 
_struct_site_gen.auth_asym_id 
_struct_site_gen.auth_seq_id 
_struct_site_gen.label_atom_id 
_struct_site_gen.label_alt_id 
_struct_site_gen.symmetry 
_struct_site_gen.details 
1  AC1 8 SER A 49  ? SER A 37  . ? 1_555 ? 
2  AC1 8 ALA A 50  ? ALA A 38  . ? 1_555 ? 
3  AC1 8 HIS A 51  ? HIS A 39  . ? 1_555 ? 
4  AC1 8 ARG A 52  ? ARG A 40  . ? 1_555 ? 
5  AC1 8 PRO A 117 ? PRO A 105 . ? 7_555 ? 
6  AC1 8 HOH D .   ? HOH A 210 . ? 1_555 ? 
7  AC1 8 HOH D .   ? HOH A 216 . ? 1_555 ? 
8  AC1 8 HOH D .   ? HOH A 299 . ? 1_555 ? 
9  AC2 8 ASN A 105 ? ASN A 93  . ? 1_555 ? 
10 AC2 8 ASN A 105 ? ASN A 93  . ? 3_555 ? 
11 AC2 8 ASN A 105 ? ASN A 93  . ? 2_555 ? 
12 AC2 8 ASN A 105 ? ASN A 93  . ? 4_555 ? 
13 AC2 8 HOH D .   ? HOH A 308 . ? 3_555 ? 
14 AC2 8 HOH D .   ? HOH A 308 . ? 4_555 ? 
15 AC2 8 HOH D .   ? HOH A 308 . ? 2_555 ? 
16 AC2 8 HOH D .   ? HOH A 308 . ? 1_555 ? 
# 
_atom_sites.entry_id                    1O4V 
_atom_sites.fract_transf_matrix[1][1]   0.00365173 
_atom_sites.fract_transf_matrix[1][2]   -0.00011076 
_atom_sites.fract_transf_matrix[1][3]   0.00896949 
_atom_sites.fract_transf_matrix[2][1]   0.00424996 
_atom_sites.fract_transf_matrix[2][2]   -0.00850698 
_atom_sites.fract_transf_matrix[2][3]   -0.00183533 
_atom_sites.fract_transf_matrix[3][1]   0.01246300 
_atom_sites.fract_transf_matrix[3][2]   0.00730157 
_atom_sites.fract_transf_matrix[3][3]   -0.00498388 
_atom_sites.fract_transf_vector[1]      0.226072 
_atom_sites.fract_transf_vector[2]      0.017843 
_atom_sites.fract_transf_vector[3]      0.143444 
# 
loop_
_atom_type.symbol 
C 
N 
O 
S 
# 
loop_
_atom_site.group_PDB 
_atom_site.id 
_atom_site.type_symbol 
_atom_site.label_atom_id 
_atom_site.label_alt_id 
_atom_site.label_comp_id 
_atom_site.label_asym_id 
_atom_site.label_entity_id 
_atom_site.label_seq_id 
_atom_site.pdbx_PDB_ins_code 
_atom_site.Cartn_x 
_atom_site.Cartn_y 
_atom_site.Cartn_z 
_atom_site.occupancy 
_atom_site.B_iso_or_equiv 
_atom_site.pdbx_formal_charge 
_atom_site.auth_seq_id 
_atom_site.auth_comp_id 
_atom_site.auth_asym_id 
_atom_site.auth_atom_id 
_atom_site.pdbx_PDB_model_num 
ATOM   1    N N   . PRO A 1 14  ? 7.462   -2.308  15.594  1.00 42.24 ? 2   PRO A N   1 
ATOM   2    C CA  . PRO A 1 14  ? 6.506   -2.224  14.473  1.00 41.51 ? 2   PRO A CA  1 
ATOM   3    C C   . PRO A 1 14  ? 7.152   -2.467  13.097  1.00 40.40 ? 2   PRO A C   1 
ATOM   4    O O   . PRO A 1 14  ? 8.114   -1.748  12.731  1.00 40.66 ? 2   PRO A O   1 
ATOM   5    C CB  . PRO A 1 14  ? 5.966   -0.779  14.565  1.00 42.11 ? 2   PRO A CB  1 
ATOM   6    C CG  . PRO A 1 14  ? 6.854   -0.026  15.551  1.00 42.25 ? 2   PRO A CG  1 
ATOM   7    C CD  . PRO A 1 14  ? 7.918   -0.979  16.040  1.00 42.76 ? 2   PRO A CD  1 
ATOM   8    N N   . ARG A 1 15  ? 6.630   -3.428  12.328  1.00 38.19 ? 3   ARG A N   1 
ATOM   9    C CA  . ARG A 1 15  ? 7.249   -3.787  11.049  1.00 36.16 ? 3   ARG A CA  1 
ATOM   10   C C   . ARG A 1 15  ? 6.190   -4.181  9.984   1.00 33.44 ? 3   ARG A C   1 
ATOM   11   O O   . ARG A 1 15  ? 5.189   -4.839  10.255  1.00 33.25 ? 3   ARG A O   1 
ATOM   12   C CB  . ARG A 1 15  ? 8.321   -4.867  11.251  1.00 36.90 ? 3   ARG A CB  1 
ATOM   13   C CG  A ARG A 1 15  ? 9.677   -4.587  10.596  0.50 38.39 ? 3   ARG A CG  1 
ATOM   14   C CG  B ARG A 1 15  ? 9.573   -4.670  10.388  0.50 39.46 ? 3   ARG A CG  1 
ATOM   15   C CD  A ARG A 1 15  ? 10.889  -4.946  11.494  0.50 40.15 ? 3   ARG A CD  1 
ATOM   16   C CD  B ARG A 1 15  ? 10.870  -5.244  10.962  0.50 42.66 ? 3   ARG A CD  1 
ATOM   17   N NE  A ARG A 1 15  ? 10.960  -4.154  12.729  0.50 40.00 ? 3   ARG A NE  1 
ATOM   18   N NE  B ARG A 1 15  ? 11.599  -6.022  9.956   0.50 44.06 ? 3   ARG A NE  1 
ATOM   19   C CZ  A ARG A 1 15  ? 11.712  -4.461  13.788  0.50 42.31 ? 3   ARG A CZ  1 
ATOM   20   C CZ  B ARG A 1 15  ? 11.510  -7.346  9.797   0.50 44.25 ? 3   ARG A CZ  1 
ATOM   21   N NH1 A ARG A 1 15  ? 11.709  -3.671  14.858  0.50 43.05 ? 3   ARG A NH1 1 
ATOM   22   N NH1 B ARG A 1 15  ? 12.220  -7.941  8.842   0.50 44.53 ? 3   ARG A NH1 1 
ATOM   23   N NH2 A ARG A 1 15  ? 12.471  -5.550  13.794  0.50 42.02 ? 3   ARG A NH2 1 
ATOM   24   N NH2 B ARG A 1 15  ? 10.727  -8.087  10.581  0.50 43.53 ? 3   ARG A NH2 1 
ATOM   25   N N   . VAL A 1 16  ? 6.433   -3.707  8.773   1.00 30.47 ? 4   VAL A N   1 
ATOM   26   C CA  . VAL A 1 16  ? 5.588   -3.966  7.624   1.00 28.13 ? 4   VAL A CA  1 
ATOM   27   C C   . VAL A 1 16  ? 6.439   -4.703  6.601   1.00 26.43 ? 4   VAL A C   1 
ATOM   28   O O   . VAL A 1 16  ? 7.592   -4.353  6.392   1.00 28.17 ? 4   VAL A O   1 
ATOM   29   C CB  . VAL A 1 16  ? 5.082   -2.640  7.040   1.00 26.68 ? 4   VAL A CB  1 
ATOM   30   C CG1 . VAL A 1 16  ? 4.290   -2.859  5.784   1.00 27.22 ? 4   VAL A CG1 1 
ATOM   31   C CG2 . VAL A 1 16  ? 4.291   -1.863  8.090   1.00 28.13 ? 4   VAL A CG2 1 
ATOM   32   N N   . GLY A 1 17  ? 5.855   -5.720  5.976   1.00 26.14 ? 5   GLY A N   1 
ATOM   33   C CA  . GLY A 1 17  ? 6.444   -6.413  4.822   1.00 25.85 ? 5   GLY A CA  1 
ATOM   34   C C   . GLY A 1 17  ? 5.773   -5.933  3.545   1.00 25.69 ? 5   GLY A C   1 
ATOM   35   O O   . GLY A 1 17  ? 4.550   -5.893  3.459   1.00 26.67 ? 5   GLY A O   1 
ATOM   36   N N   . ILE A 1 18  ? 6.576   -5.436  2.614   1.00 25.95 ? 6   ILE A N   1 
ATOM   37   C CA  . ILE A 1 18  ? 6.089   -5.014  1.319   1.00 25.26 ? 6   ILE A CA  1 
ATOM   38   C C   . ILE A 1 18  ? 6.612   -6.013  0.280   1.00 25.24 ? 6   ILE A C   1 
ATOM   39   O O   . ILE A 1 18  ? 7.848   -6.130  0.044   1.00 24.90 ? 6   ILE A O   1 
ATOM   40   C CB  . ILE A 1 18  ? 6.583   -3.594  0.974   1.00 23.75 ? 6   ILE A CB  1 
ATOM   41   C CG1 . ILE A 1 18  ? 6.159   -2.544  2.034   1.00 23.72 ? 6   ILE A CG1 1 
ATOM   42   C CG2 . ILE A 1 18  ? 6.154   -3.202  -0.439  1.00 23.14 ? 6   ILE A CG2 1 
ATOM   43   C CD1 . ILE A 1 18  ? 6.913   -1.158  1.838   1.00 24.88 ? 6   ILE A CD1 1 
ATOM   44   N N   . ILE A 1 19  ? 5.674   -6.716  -0.358  1.00 24.49 ? 7   ILE A N   1 
ATOM   45   C CA  . ILE A 1 19  ? 6.020   -7.696  -1.376  1.00 24.88 ? 7   ILE A CA  1 
ATOM   46   C C   . ILE A 1 19  ? 5.353   -7.439  -2.724  1.00 24.71 ? 7   ILE A C   1 
ATOM   47   O O   . ILE A 1 19  ? 4.338   -6.769  -2.793  1.00 25.41 ? 7   ILE A O   1 
ATOM   48   C CB  . ILE A 1 19  ? 5.739   -9.113  -0.826  1.00 24.18 ? 7   ILE A CB  1 
ATOM   49   C CG1 . ILE A 1 19  ? 4.288   -9.293  -0.468  1.00 24.78 ? 7   ILE A CG1 1 
ATOM   50   C CG2 . ILE A 1 19  ? 6.588   -9.342  0.414   1.00 26.72 ? 7   ILE A CG2 1 
ATOM   51   C CD1 . ILE A 1 19  ? 3.983   -10.696 -0.042  1.00 26.80 ? 7   ILE A CD1 1 
ATOM   52   N N   . MET A 1 20  ? 5.980   -7.915  -3.790  1.00 25.55 ? 8   MET A N   1 
ATOM   53   C CA  . MET A 1 20  ? 5.444   -7.809  -5.149  1.00 25.94 ? 8   MET A CA  1 
ATOM   54   C C   . MET A 1 20  ? 6.000   -8.943  -5.982  1.00 26.81 ? 8   MET A C   1 
ATOM   55   O O   . MET A 1 20  ? 7.106   -9.423  -5.745  1.00 27.63 ? 8   MET A O   1 
ATOM   56   C CB  . MET A 1 20  ? 5.844   -6.460  -5.748  1.00 27.17 ? 8   MET A CB  1 
ATOM   57   C CG  . MET A 1 20  ? 7.273   -6.411  -5.963  1.00 25.08 ? 8   MET A CG  1 
ATOM   58   S SD  . MET A 1 20  ? 7.872   -4.718  -5.863  1.00 28.36 ? 8   MET A SD  1 
ATOM   59   C CE  . MET A 1 20  ? 7.857   -4.540  -4.086  1.00 27.24 ? 8   MET A CE  1 
ATOM   60   N N   . GLY A 1 21  ? 5.275   -9.334  -7.026  1.00 29.32 ? 9   GLY A N   1 
ATOM   61   C CA  . GLY A 1 21  ? 5.649   -10.485 -7.819  1.00 29.47 ? 9   GLY A CA  1 
ATOM   62   C C   . GLY A 1 21  ? 6.698   -10.222 -8.834  1.00 29.84 ? 9   GLY A C   1 
ATOM   63   O O   . GLY A 1 21  ? 7.416   -11.114 -9.225  1.00 33.01 ? 9   GLY A O   1 
ATOM   64   N N   . SER A 1 22  ? 6.858   -8.974  -9.240  1.00 29.26 ? 10  SER A N   1 
ATOM   65   C CA  . SER A 1 22  ? 7.702   -8.693  -10.341 1.00 29.70 ? 10  SER A CA  1 
ATOM   66   C C   . SER A 1 22  ? 8.414   -7.400  -10.002 1.00 28.94 ? 10  SER A C   1 
ATOM   67   O O   . SER A 1 22  ? 7.843   -6.507  -9.370  1.00 28.26 ? 10  SER A O   1 
ATOM   68   C CB  . SER A 1 22  ? 6.874   -8.513  -11.607 1.00 29.09 ? 10  SER A CB  1 
ATOM   69   O OG  . SER A 1 22  ? 7.674   -7.942  -12.634 1.00 34.24 ? 10  SER A OG  1 
ATOM   70   N N   . ASP A 1 23  ? 9.652   -7.289  -10.427 1.00 30.21 ? 11  ASP A N   1 
ATOM   71   C CA  . ASP A 1 23  ? 10.346  -6.030  -10.241 1.00 30.13 ? 11  ASP A CA  1 
ATOM   72   C C   . ASP A 1 23  ? 9.746   -4.922  -11.135 1.00 31.11 ? 11  ASP A C   1 
ATOM   73   O O   . ASP A 1 23  ? 9.947   -3.720  -10.861 1.00 29.80 ? 11  ASP A O   1 
ATOM   74   C CB  . ASP A 1 23  ? 11.867  -6.207  -10.320 1.00 31.57 ? 11  ASP A CB  1 
ATOM   75   C CG  . ASP A 1 23  ? 12.390  -6.406  -11.723 1.00 32.34 ? 11  ASP A CG  1 
ATOM   76   O OD1 . ASP A 1 23  ? 11.636  -6.275  -12.705 1.00 35.10 ? 11  ASP A OD1 1 
ATOM   77   O OD2 . ASP A 1 23  ? 13.583  -6.693  -11.934 1.00 29.20 ? 11  ASP A OD2 1 
ATOM   78   N N   . SER A 1 24  ? 8.891   -5.308  -12.101 1.00 30.91 ? 12  SER A N   1 
ATOM   79   C CA  . SER A 1 24  ? 8.123   -4.317  -12.893 1.00 31.21 ? 12  SER A CA  1 
ATOM   80   C C   . SER A 1 24  ? 7.124   -3.536  -12.028 1.00 29.85 ? 12  SER A C   1 
ATOM   81   O O   . SER A 1 24  ? 6.707   -2.441  -12.373 1.00 29.55 ? 12  SER A O   1 
ATOM   82   C CB  . SER A 1 24  ? 7.400   -4.980  -14.072 1.00 31.14 ? 12  SER A CB  1 
ATOM   83   O OG  . SER A 1 24  ? 6.326   -5.786  -13.601 1.00 35.87 ? 12  SER A OG  1 
ATOM   84   N N   . ASP A 1 25  ? 6.784   -4.097  -10.881 1.00 29.00 ? 13  ASP A N   1 
ATOM   85   C CA  . ASP A 1 25  ? 5.877   -3.495  -9.916  1.00 28.67 ? 13  ASP A CA  1 
ATOM   86   C C   . ASP A 1 25  ? 6.565   -2.537  -8.956  1.00 26.81 ? 13  ASP A C   1 
ATOM   87   O O   . ASP A 1 25  ? 5.890   -1.826  -8.209  1.00 26.62 ? 13  ASP A O   1 
ATOM   88   C CB  . ASP A 1 25  ? 5.267   -4.549  -9.029  1.00 28.31 ? 13  ASP A CB  1 
ATOM   89   C CG  . ASP A 1 25  ? 4.417   -5.597  -9.770  1.00 33.51 ? 13  ASP A CG  1 
ATOM   90   O OD1 . ASP A 1 25  ? 3.741   -5.304  -10.788 1.00 32.51 ? 13  ASP A OD1 1 
ATOM   91   O OD2 . ASP A 1 25  ? 4.429   -6.771  -9.354  1.00 28.58 ? 13  ASP A OD2 1 
ATOM   92   N N   . LEU A 1 26  ? 7.896   -2.529  -8.961  1.00 26.02 ? 14  LEU A N   1 
ATOM   93   C CA  . LEU A 1 26  ? 8.642   -1.759  -8.000  1.00 25.56 ? 14  LEU A CA  1 
ATOM   94   C C   . LEU A 1 26  ? 8.462   -0.223  -8.123  1.00 25.37 ? 14  LEU A C   1 
ATOM   95   O O   . LEU A 1 26  ? 8.397   0.445   -7.093  1.00 24.56 ? 14  LEU A O   1 
ATOM   96   C CB  . LEU A 1 26  ? 10.120  -2.156  -8.015  1.00 25.91 ? 14  LEU A CB  1 
ATOM   97   C CG  . LEU A 1 26  ? 10.935  -1.559  -6.869  1.00 25.81 ? 14  LEU A CG  1 
ATOM   98   C CD1 . LEU A 1 26  ? 10.435  -1.968  -5.517  1.00 25.57 ? 14  LEU A CD1 1 
ATOM   99   C CD2 . LEU A 1 26  ? 12.417  -1.939  -7.044  1.00 26.54 ? 14  LEU A CD2 1 
ATOM   100  N N   . PRO A 1 27  ? 8.428   0.366   -9.325  1.00 26.66 ? 15  PRO A N   1 
ATOM   101  C CA  . PRO A 1 27  ? 8.107   1.797   -9.427  1.00 27.05 ? 15  PRO A CA  1 
ATOM   102  C C   . PRO A 1 27  ? 6.832   2.215   -8.651  1.00 27.45 ? 15  PRO A C   1 
ATOM   103  O O   . PRO A 1 27  ? 6.780   3.290   -8.069  1.00 28.10 ? 15  PRO A O   1 
ATOM   104  C CB  . PRO A 1 27  ? 7.949   1.982   -10.915 1.00 27.65 ? 15  PRO A CB  1 
ATOM   105  C CG  . PRO A 1 27  ? 9.068   1.057   -11.482 1.00 27.19 ? 15  PRO A CG  1 
ATOM   106  C CD  . PRO A 1 27  ? 8.793   -0.192  -10.645 1.00 27.53 ? 15  PRO A CD  1 
ATOM   107  N N   . VAL A 1 28  ? 5.826   1.379   -8.659  1.00 26.25 ? 16  VAL A N   1 
ATOM   108  C CA  . VAL A 1 28  ? 4.586   1.676   -7.939  1.00 27.38 ? 16  VAL A CA  1 
ATOM   109  C C   . VAL A 1 28  ? 4.734   1.377   -6.448  1.00 27.23 ? 16  VAL A C   1 
ATOM   110  O O   . VAL A 1 28  ? 4.431   2.214   -5.587  1.00 27.41 ? 16  VAL A O   1 
ATOM   111  C CB  . VAL A 1 28  ? 3.429   0.823   -8.506  1.00 27.61 ? 16  VAL A CB  1 
ATOM   112  C CG1 . VAL A 1 28  ? 2.235   0.816   -7.573  1.00 28.49 ? 16  VAL A CG1 1 
ATOM   113  C CG2 . VAL A 1 28  ? 3.073   1.271   -9.916  1.00 28.94 ? 16  VAL A CG2 1 
ATOM   114  N N   . MET A 1 29  ? 5.232   0.184   -6.147  1.00 28.10 ? 17  MET A N   1 
ATOM   115  C CA  . MET A 1 29  ? 5.292   -0.291  -4.775  1.00 27.91 ? 17  MET A CA  1 
ATOM   116  C C   . MET A 1 29  ? 6.281   0.500   -3.898  1.00 27.57 ? 17  MET A C   1 
ATOM   117  O O   . MET A 1 29  ? 6.071   0.575   -2.682  1.00 27.21 ? 17  MET A O   1 
ATOM   118  C CB  . MET A 1 29  ? 5.642   -1.777  -4.717  1.00 28.33 ? 17  MET A CB  1 
ATOM   119  C CG  . MET A 1 29  ? 4.582   -2.722  -5.276  1.00 27.20 ? 17  MET A CG  1 
ATOM   120  S SD  . MET A 1 29  ? 2.894   -2.414  -4.763  1.00 28.28 ? 17  MET A SD  1 
ATOM   121  C CE  . MET A 1 29  ? 3.029   -2.932  -3.059  1.00 28.92 ? 17  MET A CE  1 
ATOM   122  N N   . LYS A 1 30  ? 7.313   1.113   -4.490  1.00 28.18 ? 18  LYS A N   1 
ATOM   123  C CA  . LYS A 1 30  ? 8.232   1.943   -3.702  1.00 28.50 ? 18  LYS A CA  1 
ATOM   124  C C   . LYS A 1 30  ? 7.486   3.066   -2.959  1.00 28.21 ? 18  LYS A C   1 
ATOM   125  O O   . LYS A 1 30  ? 8.002   3.615   -1.983  1.00 27.84 ? 18  LYS A O   1 
ATOM   126  C CB  . LYS A 1 30  ? 9.334   2.537   -4.582  1.00 29.07 ? 18  LYS A CB  1 
ATOM   127  C CG  . LYS A 1 30  ? 8.827   3.526   -5.567  1.00 31.45 ? 18  LYS A CG  1 
ATOM   128  C CD  . LYS A 1 30  ? 9.985   4.300   -6.116  1.00 35.29 ? 18  LYS A CD  1 
ATOM   129  C CE  . LYS A 1 30  ? 9.571   5.482   -6.938  1.00 39.11 ? 18  LYS A CE  1 
ATOM   130  N NZ  . LYS A 1 30  ? 9.910   6.743   -6.231  1.00 41.33 ? 18  LYS A NZ  1 
ATOM   131  N N   . GLN A 1 31  ? 6.280   3.412   -3.431  1.00 27.91 ? 19  GLN A N   1 
ATOM   132  C CA  . GLN A 1 31  ? 5.497   4.486   -2.836  1.00 27.96 ? 19  GLN A CA  1 
ATOM   133  C C   . GLN A 1 31  ? 5.058   4.162   -1.425  1.00 25.95 ? 19  GLN A C   1 
ATOM   134  O O   . GLN A 1 31  ? 4.950   5.042   -0.575  1.00 24.39 ? 19  GLN A O   1 
ATOM   135  C CB  . GLN A 1 31  ? 4.292   4.824   -3.718  1.00 29.57 ? 19  GLN A CB  1 
ATOM   136  C CG  . GLN A 1 31  ? 4.705   5.467   -5.061  1.00 34.00 ? 19  GLN A CG  1 
ATOM   137  C CD  . GLN A 1 31  ? 3.554   5.479   -6.103  1.00 39.53 ? 19  GLN A CD  1 
ATOM   138  O OE1 . GLN A 1 31  ? 2.556   4.748   -5.978  1.00 46.22 ? 19  GLN A OE1 1 
ATOM   139  N NE2 . GLN A 1 31  ? 3.711   6.291   -7.129  1.00 46.21 ? 19  GLN A NE2 1 
ATOM   140  N N   . ALA A 1 32  ? 4.784   2.887   -1.167  1.00 25.48 ? 20  ALA A N   1 
ATOM   141  C CA  . ALA A 1 32  ? 4.509   2.470   0.171   1.00 25.48 ? 20  ALA A CA  1 
ATOM   142  C C   . ALA A 1 32  ? 5.741   2.588   1.082   1.00 25.91 ? 20  ALA A C   1 
ATOM   143  O O   . ALA A 1 32  ? 5.633   3.029   2.226   1.00 27.21 ? 20  ALA A O   1 
ATOM   144  C CB  . ALA A 1 32  ? 3.965   1.034   0.156   1.00 25.60 ? 20  ALA A CB  1 
ATOM   145  N N   . ALA A 1 33  ? 6.920   2.207   0.582   1.00 25.38 ? 21  ALA A N   1 
ATOM   146  C CA  . ALA A 1 33  ? 8.157   2.348   1.325   1.00 25.80 ? 21  ALA A CA  1 
ATOM   147  C C   . ALA A 1 33  ? 8.393   3.814   1.678   1.00 26.22 ? 21  ALA A C   1 
ATOM   148  O O   . ALA A 1 33  ? 8.667   4.125   2.812   1.00 27.33 ? 21  ALA A O   1 
ATOM   149  C CB  . ALA A 1 33  ? 9.354   1.761   0.532   1.00 25.16 ? 21  ALA A CB  1 
ATOM   150  N N   . GLU A 1 34  ? 8.194   4.715   0.731   1.00 26.82 ? 22  GLU A N   1 
ATOM   151  C CA  . GLU A 1 34  ? 8.460   6.142   0.947   1.00 27.48 ? 22  GLU A CA  1 
ATOM   152  C C   . GLU A 1 34  ? 7.591   6.716   2.054   1.00 26.81 ? 22  GLU A C   1 
ATOM   153  O O   . GLU A 1 34  ? 8.065   7.439   2.891   1.00 25.30 ? 22  GLU A O   1 
ATOM   154  C CB  . GLU A 1 34  ? 8.213   6.916   -0.335  1.00 27.70 ? 22  GLU A CB  1 
ATOM   155  C CG  . GLU A 1 34  ? 9.208   6.582   -1.428  1.00 31.54 ? 22  GLU A CG  1 
ATOM   156  C CD  . GLU A 1 34  ? 8.869   7.274   -2.735  1.00 36.38 ? 22  GLU A CD  1 
ATOM   157  O OE1 . GLU A 1 34  ? 7.660   7.491   -3.010  1.00 43.64 ? 22  GLU A OE1 1 
ATOM   158  O OE2 . GLU A 1 34  ? 9.814   7.596   -3.489  1.00 38.79 ? 22  GLU A OE2 1 
ATOM   159  N N   . ILE A 1 35  ? 6.302   6.376   2.069   1.00 27.38 ? 23  ILE A N   1 
ATOM   160  C CA  . ILE A 1 35  ? 5.406   6.806   3.148   1.00 28.59 ? 23  ILE A CA  1 
ATOM   161  C C   . ILE A 1 35  ? 5.841   6.275   4.489   1.00 28.56 ? 23  ILE A C   1 
ATOM   162  O O   . ILE A 1 35  ? 5.855   7.010   5.495   1.00 28.96 ? 23  ILE A O   1 
ATOM   163  C CB  . ILE A 1 35  ? 3.921   6.351   2.896   1.00 29.78 ? 23  ILE A CB  1 
ATOM   164  C CG1 . ILE A 1 35  ? 3.140   7.466   2.231   1.00 33.39 ? 23  ILE A CG1 1 
ATOM   165  C CG2 . ILE A 1 35  ? 3.195   6.031   4.259   1.00 32.43 ? 23  ILE A CG2 1 
ATOM   166  C CD1 . ILE A 1 35  ? 3.178   8.836   2.968   1.00 33.91 ? 23  ILE A CD1 1 
ATOM   167  N N   . LEU A 1 36  ? 6.174   4.987   4.529   1.00 29.13 ? 24  LEU A N   1 
ATOM   168  C CA  . LEU A 1 36  ? 6.571   4.364   5.782   1.00 29.02 ? 24  LEU A CA  1 
ATOM   169  C C   . LEU A 1 36  ? 7.842   5.025   6.341   1.00 29.38 ? 24  LEU A C   1 
ATOM   170  O O   . LEU A 1 36  ? 7.928   5.277   7.532   1.00 29.15 ? 24  LEU A O   1 
ATOM   171  C CB  . LEU A 1 36  ? 6.738   2.858   5.604   1.00 29.68 ? 24  LEU A CB  1 
ATOM   172  C CG  . LEU A 1 36  ? 5.442   2.064   5.384   1.00 29.66 ? 24  LEU A CG  1 
ATOM   173  C CD1 . LEU A 1 36  ? 5.811   0.609   5.186   1.00 30.58 ? 24  LEU A CD1 1 
ATOM   174  C CD2 . LEU A 1 36  ? 4.489   2.233   6.528   1.00 30.79 ? 24  LEU A CD2 1 
ATOM   175  N N   . GLU A 1 37  ? 8.789   5.330   5.469   1.00 29.50 ? 25  GLU A N   1 
ATOM   176  C CA  . GLU A 1 37  ? 9.991   6.089   5.823   1.00 30.80 ? 25  GLU A CA  1 
ATOM   177  C C   . GLU A 1 37  ? 9.660   7.485   6.385   1.00 30.34 ? 25  GLU A C   1 
ATOM   178  O O   . GLU A 1 37  ? 10.289  7.937   7.363   1.00 28.51 ? 25  GLU A O   1 
ATOM   179  C CB  . GLU A 1 37  ? 10.938  6.210   4.604   1.00 31.22 ? 25  GLU A CB  1 
ATOM   180  C CG  . GLU A 1 37  ? 11.486  4.871   4.141   1.00 34.90 ? 25  GLU A CG  1 
ATOM   181  C CD  . GLU A 1 37  ? 12.380  4.920   2.892   1.00 40.13 ? 25  GLU A CD  1 
ATOM   182  O OE1 . GLU A 1 37  ? 12.052  5.628   1.901   1.00 41.95 ? 25  GLU A OE1 1 
ATOM   183  O OE2 . GLU A 1 37  ? 13.414  4.206   2.900   1.00 39.84 ? 25  GLU A OE2 1 
ATOM   184  N N   . GLU A 1 38  ? 8.683   8.148   5.777   1.00 30.17 ? 26  GLU A N   1 
ATOM   185  C CA  . GLU A 1 38  ? 8.195   9.437   6.256   1.00 31.27 ? 26  GLU A CA  1 
ATOM   186  C C   . GLU A 1 38  ? 7.625   9.312   7.677   1.00 31.30 ? 26  GLU A C   1 
ATOM   187  O O   . GLU A 1 38  ? 7.833   10.194  8.523   1.00 31.36 ? 26  GLU A O   1 
ATOM   188  C CB  . GLU A 1 38  ? 7.179   10.040  5.272   1.00 31.93 ? 26  GLU A CB  1 
ATOM   189  C CG  . GLU A 1 38  ? 6.535   11.331  5.759   1.00 36.66 ? 26  GLU A CG  1 
ATOM   190  C CD  . GLU A 1 38  ? 5.739   12.079  4.687   1.00 42.04 ? 26  GLU A CD  1 
ATOM   191  O OE1 . GLU A 1 38  ? 5.907   11.800  3.466   1.00 42.90 ? 26  GLU A OE1 1 
ATOM   192  O OE2 . GLU A 1 38  ? 4.943   12.966  5.086   1.00 48.12 ? 26  GLU A OE2 1 
ATOM   193  N N   . PHE A 1 39  ? 6.974   8.194   7.964   1.00 30.17 ? 27  PHE A N   1 
ATOM   194  C CA  . PHE A 1 39  ? 6.419   7.958   9.293   1.00 30.48 ? 27  PHE A CA  1 
ATOM   195  C C   . PHE A 1 39  ? 7.384   7.341   10.291  1.00 30.27 ? 27  PHE A C   1 
ATOM   196  O O   . PHE A 1 39  ? 6.993   7.082   11.437  1.00 29.77 ? 27  PHE A O   1 
ATOM   197  C CB  . PHE A 1 39  ? 5.184   7.058   9.195   1.00 30.67 ? 27  PHE A CB  1 
ATOM   198  C CG  . PHE A 1 39  ? 4.018   7.678   8.472   1.00 31.55 ? 27  PHE A CG  1 
ATOM   199  C CD1 . PHE A 1 39  ? 2.958   6.903   8.110   1.00 35.32 ? 27  PHE A CD1 1 
ATOM   200  C CD2 . PHE A 1 39  ? 3.988   9.006   8.115   1.00 37.17 ? 27  PHE A CD2 1 
ATOM   201  C CE1 . PHE A 1 39  ? 1.877   7.446   7.440   1.00 34.99 ? 27  PHE A CE1 1 
ATOM   202  C CE2 . PHE A 1 39  ? 2.895   9.534   7.437   1.00 36.68 ? 27  PHE A CE2 1 
ATOM   203  C CZ  . PHE A 1 39  ? 1.851   8.742   7.108   1.00 33.64 ? 27  PHE A CZ  1 
ATOM   204  N N   . GLY A 1 40  ? 8.630   7.088   9.874   1.00 29.80 ? 28  GLY A N   1 
ATOM   205  C CA  . GLY A 1 40  ? 9.586   6.347   10.708  1.00 29.74 ? 28  GLY A CA  1 
ATOM   206  C C   . GLY A 1 40  ? 9.222   4.902   11.052  1.00 29.65 ? 28  GLY A C   1 
ATOM   207  O O   . GLY A 1 40  ? 9.615   4.402   12.108  1.00 30.00 ? 28  GLY A O   1 
ATOM   208  N N   . ILE A 1 41  ? 8.506   4.225   10.161  1.00 29.17 ? 29  ILE A N   1 
ATOM   209  C CA  . ILE A 1 41  ? 8.078   2.850   10.394  1.00 29.25 ? 29  ILE A CA  1 
ATOM   210  C C   . ILE A 1 41  ? 9.022   1.924   9.649   1.00 29.85 ? 29  ILE A C   1 
ATOM   211  O O   . ILE A 1 41  ? 9.283   2.122   8.457   1.00 29.83 ? 29  ILE A O   1 
ATOM   212  C CB  . ILE A 1 41  ? 6.639   2.641   9.917   1.00 29.23 ? 29  ILE A CB  1 
ATOM   213  C CG1 . ILE A 1 41  ? 5.698   3.527   10.747  1.00 27.51 ? 29  ILE A CG1 1 
ATOM   214  C CG2 . ILE A 1 41  ? 6.267   1.166   10.012  1.00 29.31 ? 29  ILE A CG2 1 
ATOM   215  C CD1 . ILE A 1 41  ? 4.270   3.577   10.200  1.00 27.07 ? 29  ILE A CD1 1 
ATOM   216  N N   . ASP A 1 42  ? 9.537   0.927   10.361  1.00 29.87 ? 30  ASP A N   1 
ATOM   217  C CA  . ASP A 1 42  ? 10.493  -0.018  9.786   1.00 29.93 ? 30  ASP A CA  1 
ATOM   218  C C   . ASP A 1 42  ? 9.778   -0.971  8.871   1.00 28.09 ? 30  ASP A C   1 
ATOM   219  O O   . ASP A 1 42  ? 8.633   -1.346  9.123   1.00 28.93 ? 30  ASP A O   1 
ATOM   220  C CB  . ASP A 1 42  ? 11.232  -0.789  10.861  1.00 30.85 ? 30  ASP A CB  1 
ATOM   221  C CG  . ASP A 1 42  ? 12.198  0.083   11.622  1.00 35.36 ? 30  ASP A CG  1 
ATOM   222  O OD1 . ASP A 1 42  ? 13.409  0.016   11.320  1.00 42.62 ? 30  ASP A OD1 1 
ATOM   223  O OD2 . ASP A 1 42  ? 11.836  0.905   12.503  1.00 42.09 ? 30  ASP A OD2 1 
ATOM   224  N N   . TYR A 1 43  ? 10.438  -1.346  7.786   1.00 27.21 ? 31  TYR A N   1 
ATOM   225  C CA  . TYR A 1 43  ? 9.810   -2.233  6.778   1.00 26.08 ? 31  TYR A CA  1 
ATOM   226  C C   . TYR A 1 43  ? 10.903  -3.011  6.067   1.00 25.92 ? 31  TYR A C   1 
ATOM   227  O O   . TYR A 1 43  ? 12.108  -2.621  6.118   1.00 25.03 ? 31  TYR A O   1 
ATOM   228  C CB  . TYR A 1 43  ? 9.000   -1.433  5.723   1.00 25.73 ? 31  TYR A CB  1 
ATOM   229  C CG  . TYR A 1 43  ? 9.898   -0.558  4.849   1.00 26.25 ? 31  TYR A CG  1 
ATOM   230  C CD1 . TYR A 1 43  ? 10.237  0.720   5.239   1.00 27.73 ? 31  TYR A CD1 1 
ATOM   231  C CD2 . TYR A 1 43  ? 10.406  -1.031  3.652   1.00 25.80 ? 31  TYR A CD2 1 
ATOM   232  C CE1 . TYR A 1 43  ? 11.087  1.509   4.458   1.00 29.83 ? 31  TYR A CE1 1 
ATOM   233  C CE2 . TYR A 1 43  ? 11.266  -0.260  2.863   1.00 26.80 ? 31  TYR A CE2 1 
ATOM   234  C CZ  . TYR A 1 43  ? 11.600  0.999   3.258   1.00 28.76 ? 31  TYR A CZ  1 
ATOM   235  O OH  . TYR A 1 43  ? 12.452  1.748   2.445   1.00 28.76 ? 31  TYR A OH  1 
ATOM   236  N N   . GLU A 1 44  ? 10.469  -4.073  5.393   1.00 26.30 ? 32  GLU A N   1 
ATOM   237  C CA  . GLU A 1 44  ? 11.272  -4.776  4.395   1.00 26.98 ? 32  GLU A CA  1 
ATOM   238  C C   . GLU A 1 44  ? 10.505  -4.737  3.111   1.00 26.05 ? 32  GLU A C   1 
ATOM   239  O O   . GLU A 1 44  ? 9.277   -4.674  3.134   1.00 27.21 ? 32  GLU A O   1 
ATOM   240  C CB  . GLU A 1 44  ? 11.540  -6.231  4.776   1.00 27.43 ? 32  GLU A CB  1 
ATOM   241  C CG  . GLU A 1 44  ? 10.305  -7.068  4.959   1.00 28.90 ? 32  GLU A CG  1 
ATOM   242  C CD  . GLU A 1 44  ? 10.614  -8.472  5.472   1.00 33.20 ? 32  GLU A CD  1 
ATOM   243  O OE1 . GLU A 1 44  ? 11.607  -8.656  6.206   1.00 31.80 ? 32  GLU A OE1 1 
ATOM   244  O OE2 . GLU A 1 44  ? 9.813   -9.384  5.189   1.00 32.68 ? 32  GLU A OE2 1 
ATOM   245  N N   . ILE A 1 45  ? 11.237  -4.729  2.003   1.00 25.67 ? 33  ILE A N   1 
ATOM   246  C CA  . ILE A 1 45  ? 10.637  -4.726  0.675   1.00 25.08 ? 33  ILE A CA  1 
ATOM   247  C C   . ILE A 1 45  ? 11.380  -5.771  -0.154  1.00 25.97 ? 33  ILE A C   1 
ATOM   248  O O   . ILE A 1 45  ? 12.630  -5.748  -0.257  1.00 26.48 ? 33  ILE A O   1 
ATOM   249  C CB  . ILE A 1 45  ? 10.635  -3.303  0.057   1.00 24.87 ? 33  ILE A CB  1 
ATOM   250  C CG1 . ILE A 1 45  ? 9.942   -3.245  -1.290  1.00 24.89 ? 33  ILE A CG1 1 
ATOM   251  C CG2 . ILE A 1 45  ? 12.076  -2.747  -0.152  1.00 24.03 ? 33  ILE A CG2 1 
ATOM   252  C CD1 . ILE A 1 45  ? 9.605   -1.834  -1.747  1.00 24.28 ? 33  ILE A CD1 1 
ATOM   253  N N   . THR A 1 46  ? 10.631  -6.700  -0.737  1.00 25.19 ? 34  THR A N   1 
ATOM   254  C CA  . THR A 1 46  ? 11.265  -7.765  -1.501  1.00 25.95 ? 34  THR A CA  1 
ATOM   255  C C   . THR A 1 46  ? 10.313  -8.295  -2.588  1.00 25.94 ? 34  THR A C   1 
ATOM   256  O O   . THR A 1 46  ? 9.178   -7.825  -2.701  1.00 24.72 ? 34  THR A O   1 
ATOM   257  C CB  . THR A 1 46  ? 11.694  -8.889  -0.549  1.00 26.36 ? 34  THR A CB  1 
ATOM   258  O OG1 . THR A 1 46  ? 12.353  -9.932  -1.273  1.00 30.39 ? 34  THR A OG1 1 
ATOM   259  C CG2 . THR A 1 46  ? 10.460  -9.558  0.095   1.00 27.32 ? 34  THR A CG2 1 
ATOM   260  N N   . ILE A 1 47  ? 10.828  -9.211  -3.392  1.00 25.22 ? 35  ILE A N   1 
ATOM   261  C CA  . ILE A 1 47  ? 10.072  -9.856  -4.439  1.00 25.86 ? 35  ILE A CA  1 
ATOM   262  C C   . ILE A 1 47  ? 9.651   -11.263 -3.956  1.00 26.73 ? 35  ILE A C   1 
ATOM   263  O O   . ILE A 1 47  ? 10.464  -12.046 -3.446  1.00 26.56 ? 35  ILE A O   1 
ATOM   264  C CB  . ILE A 1 47  ? 10.884  -9.898  -5.740  1.00 26.82 ? 35  ILE A CB  1 
ATOM   265  C CG1 . ILE A 1 47  ? 11.228  -8.478  -6.192  1.00 28.69 ? 35  ILE A CG1 1 
ATOM   266  C CG2 . ILE A 1 47  ? 10.132  -10.677 -6.828  1.00 27.13 ? 35  ILE A CG2 1 
ATOM   267  C CD1 . ILE A 1 47  ? 12.425  -8.420  -6.967  1.00 30.92 ? 35  ILE A CD1 1 
ATOM   268  N N   . VAL A 1 48  ? 8.356   -11.526 -4.117  1.00 25.54 ? 36  VAL A N   1 
ATOM   269  C CA  . VAL A 1 48  ? 7.678   -12.796 -3.830  1.00 25.77 ? 36  VAL A CA  1 
ATOM   270  C C   . VAL A 1 48  ? 6.624   -12.970 -4.932  1.00 25.90 ? 36  VAL A C   1 
ATOM   271  O O   . VAL A 1 48  ? 5.659   -12.210 -4.986  1.00 26.87 ? 36  VAL A O   1 
ATOM   272  C CB  . VAL A 1 48  ? 6.966   -12.720 -2.505  1.00 26.07 ? 36  VAL A CB  1 
ATOM   273  C CG1 . VAL A 1 48  ? 6.135   -14.012 -2.235  1.00 24.67 ? 36  VAL A CG1 1 
ATOM   274  C CG2 . VAL A 1 48  ? 7.904   -12.430 -1.355  1.00 27.65 ? 36  VAL A CG2 1 
ATOM   275  N N   . SER A 1 49  ? 6.836   -13.932 -5.825  1.00 25.68 ? 37  SER A N   1 
ATOM   276  C CA  . SER A 1 49  ? 5.973   -14.171 -6.962  1.00 25.78 ? 37  SER A CA  1 
ATOM   277  C C   . SER A 1 49  ? 5.035   -15.323 -6.595  1.00 25.89 ? 37  SER A C   1 
ATOM   278  O O   . SER A 1 49  ? 5.484   -16.456 -6.394  1.00 25.44 ? 37  SER A O   1 
ATOM   279  C CB  . SER A 1 49  ? 6.761   -14.540 -8.207  1.00 26.79 ? 37  SER A CB  1 
ATOM   280  O OG  . SER A 1 49  ? 5.898   -14.868 -9.277  1.00 26.99 ? 37  SER A OG  1 
ATOM   281  N N   . ALA A 1 50  ? 3.749   -15.057 -6.605  1.00 25.65 ? 38  ALA A N   1 
ATOM   282  C CA  . ALA A 1 50  ? 2.780   -16.136 -6.406  1.00 24.84 ? 38  ALA A CA  1 
ATOM   283  C C   . ALA A 1 50  ? 2.953   -17.232 -7.463  1.00 24.80 ? 38  ALA A C   1 
ATOM   284  O O   . ALA A 1 50  ? 2.751   -18.436 -7.204  1.00 26.48 ? 38  ALA A O   1 
ATOM   285  C CB  . ALA A 1 50  ? 1.310   -15.590 -6.452  1.00 25.38 ? 38  ALA A CB  1 
ATOM   286  N N   . HIS A 1 51  ? 3.230   -16.839 -8.687  1.00 24.30 ? 39  HIS A N   1 
ATOM   287  C CA  . HIS A 1 51  ? 3.158   -17.778 -9.781  1.00 24.78 ? 39  HIS A CA  1 
ATOM   288  C C   . HIS A 1 51  ? 4.503   -18.386 -10.153 1.00 24.81 ? 39  HIS A C   1 
ATOM   289  O O   . HIS A 1 51  ? 4.532   -19.503 -10.665 1.00 24.92 ? 39  HIS A O   1 
ATOM   290  C CB  . HIS A 1 51  ? 2.564   -17.094 -11.000 1.00 26.75 ? 39  HIS A CB  1 
ATOM   291  C CG  . HIS A 1 51  ? 1.201   -16.545 -10.758 1.00 28.33 ? 39  HIS A CG  1 
ATOM   292  N ND1 . HIS A 1 51  ? 0.845   -15.271 -11.140 1.00 30.35 ? 39  HIS A ND1 1 
ATOM   293  C CD2 . HIS A 1 51  ? 0.104   -17.101 -10.194 1.00 30.82 ? 39  HIS A CD2 1 
ATOM   294  C CE1 . HIS A 1 51  ? -0.419  -15.067 -10.823 1.00 33.76 ? 39  HIS A CE1 1 
ATOM   295  N NE2 . HIS A 1 51  ? -0.893  -16.153 -10.236 1.00 29.74 ? 39  HIS A NE2 1 
ATOM   296  N N   . ARG A 1 52  ? 5.602   -17.640 -9.938  1.00 23.51 ? 40  ARG A N   1 
ATOM   297  C CA  . ARG A 1 52  ? 6.926   -18.167 -10.263 1.00 23.94 ? 40  ARG A CA  1 
ATOM   298  C C   . ARG A 1 52  ? 7.705   -18.695 -9.072  1.00 23.96 ? 40  ARG A C   1 
ATOM   299  O O   . ARG A 1 52  ? 8.627   -19.485 -9.267  1.00 26.03 ? 40  ARG A O   1 
ATOM   300  C CB  . ARG A 1 52  ? 7.764   -17.128 -11.019 1.00 23.81 ? 40  ARG A CB  1 
ATOM   301  C CG  . ARG A 1 52  ? 7.177   -16.841 -12.399 1.00 28.16 ? 40  ARG A CG  1 
ATOM   302  C CD  . ARG A 1 52  ? 7.813   -15.693 -13.145 1.00 31.61 ? 40  ARG A CD  1 
ATOM   303  N NE  . ARG A 1 52  ? 7.377   -14.476 -12.510 1.00 38.31 ? 40  ARG A NE  1 
ATOM   304  C CZ  . ARG A 1 52  ? 8.006   -13.310 -12.551 1.00 42.00 ? 40  ARG A CZ  1 
ATOM   305  N NH1 . ARG A 1 52  ? 9.163   -13.160 -13.196 1.00 44.95 ? 40  ARG A NH1 1 
ATOM   306  N NH2 . ARG A 1 52  ? 7.470   -12.292 -11.888 1.00 42.50 ? 40  ARG A NH2 1 
ATOM   307  N N   . THR A 1 53  ? 7.389   -18.217 -7.874  1.00 23.62 ? 41  THR A N   1 
ATOM   308  C CA  . THR A 1 53  ? 7.964   -18.754 -6.647  1.00 24.34 ? 41  THR A CA  1 
ATOM   309  C C   . THR A 1 53  ? 6.892   -19.067 -5.626  1.00 24.81 ? 41  THR A C   1 
ATOM   310  O O   . THR A 1 53  ? 6.839   -18.469 -4.547  1.00 24.47 ? 41  THR A O   1 
ATOM   311  C CB  . THR A 1 53  ? 8.977   -17.802 -6.010  1.00 23.56 ? 41  THR A CB  1 
ATOM   312  O OG1 . THR A 1 53  ? 8.339   -16.602 -5.604  1.00 22.28 ? 41  THR A OG1 1 
ATOM   313  C CG2 . THR A 1 53  ? 10.114  -17.387 -6.962  1.00 23.30 ? 41  THR A CG2 1 
ATOM   314  N N   . PRO A 1 54  ? 6.005   -20.022 -5.920  1.00 26.39 ? 42  PRO A N   1 
ATOM   315  C CA  . PRO A 1 54  ? 4.928   -20.282 -5.009  1.00 26.67 ? 42  PRO A CA  1 
ATOM   316  C C   . PRO A 1 54  ? 5.320   -20.784 -3.600  1.00 27.00 ? 42  PRO A C   1 
ATOM   317  O O   . PRO A 1 54  ? 4.670   -20.430 -2.633  1.00 27.14 ? 42  PRO A O   1 
ATOM   318  C CB  . PRO A 1 54  ? 4.064   -21.334 -5.745  1.00 26.93 ? 42  PRO A CB  1 
ATOM   319  C CG  . PRO A 1 54  ? 4.882   -21.896 -6.730  1.00 25.34 ? 42  PRO A CG  1 
ATOM   320  C CD  . PRO A 1 54  ? 5.947   -20.848 -7.130  1.00 25.95 ? 42  PRO A CD  1 
ATOM   321  N N   . ASP A 1 55  ? 6.328   -21.643 -3.506  1.00 27.26 ? 43  ASP A N   1 
ATOM   322  C CA  . ASP A 1 55  ? 6.836   -22.137 -2.207  1.00 27.50 ? 43  ASP A CA  1 
ATOM   323  C C   . ASP A 1 55  ? 7.369   -20.984 -1.378  1.00 26.35 ? 43  ASP A C   1 
ATOM   324  O O   . ASP A 1 55  ? 7.137   -20.911 -0.194  1.00 25.54 ? 43  ASP A O   1 
ATOM   325  C CB  . ASP A 1 55  ? 7.971   -23.146 -2.404  1.00 29.28 ? 43  ASP A CB  1 
ATOM   326  C CG  . ASP A 1 55  ? 7.510   -24.423 -3.027  1.00 36.45 ? 43  ASP A CG  1 
ATOM   327  O OD1 . ASP A 1 55  ? 6.462   -24.939 -2.556  1.00 39.35 ? 43  ASP A OD1 1 
ATOM   328  O OD2 . ASP A 1 55  ? 8.080   -24.957 -4.009  1.00 41.60 ? 43  ASP A OD2 1 
ATOM   329  N N   . ARG A 1 56  ? 8.123   -20.088 -2.017  1.00 25.03 ? 44  ARG A N   1 
ATOM   330  C CA  . ARG A 1 56  ? 8.588   -18.872 -1.361  1.00 24.92 ? 44  ARG A CA  1 
ATOM   331  C C   . ARG A 1 56  ? 7.468   -18.004 -0.808  1.00 25.44 ? 44  ARG A C   1 
ATOM   332  O O   . ARG A 1 56  ? 7.550   -17.551 0.325   1.00 25.60 ? 44  ARG A O   1 
ATOM   333  C CB  . ARG A 1 56  ? 9.502   -18.090 -2.314  1.00 23.89 ? 44  ARG A CB  1 
ATOM   334  C CG  . ARG A 1 56  ? 9.832   -16.707 -1.859  1.00 26.32 ? 44  ARG A CG  1 
ATOM   335  C CD  . ARG A 1 56  ? 10.795  -15.992 -2.795  1.00 25.55 ? 44  ARG A CD  1 
ATOM   336  N NE  . ARG A 1 56  ? 10.923  -14.636 -2.325  1.00 29.91 ? 44  ARG A NE  1 
ATOM   337  C CZ  . ARG A 1 56  ? 11.808  -14.237 -1.421  1.00 35.20 ? 44  ARG A CZ  1 
ATOM   338  N NH1 . ARG A 1 56  ? 12.697  -15.102 -0.913  1.00 36.01 ? 44  ARG A NH1 1 
ATOM   339  N NH2 . ARG A 1 56  ? 11.837  -12.951 -1.048  1.00 38.20 ? 44  ARG A NH2 1 
ATOM   340  N N   . MET A 1 57  ? 6.387   -17.837 -1.572  1.00 25.47 ? 45  MET A N   1 
ATOM   341  C CA  . MET A 1 57  ? 5.197   -17.150 -1.086  1.00 25.83 ? 45  MET A CA  1 
ATOM   342  C C   . MET A 1 57  ? 4.607   -17.805 0.155   1.00 26.54 ? 45  MET A C   1 
ATOM   343  O O   . MET A 1 57  ? 4.317   -17.116 1.121   1.00 25.59 ? 45  MET A O   1 
ATOM   344  C CB  . MET A 1 57  ? 4.165   -17.071 -2.209  1.00 26.22 ? 45  MET A CB  1 
ATOM   345  C CG  A MET A 1 57  ? 2.880   -16.396 -1.772  0.65 26.14 ? 45  MET A CG  1 
ATOM   346  C CG  B MET A 1 57  ? 2.862   -16.349 -1.884  0.35 26.78 ? 45  MET A CG  1 
ATOM   347  S SD  A MET A 1 57  ? 1.545   -16.432 -2.909  0.65 25.91 ? 45  MET A SD  1 
ATOM   348  S SD  B MET A 1 57  ? 1.622   -17.363 -1.061  0.35 28.75 ? 45  MET A SD  1 
ATOM   349  C CE  A MET A 1 57  ? 1.126   -18.109 -2.959  0.65 25.56 ? 45  MET A CE  1 
ATOM   350  C CE  B MET A 1 57  ? 1.353   -18.645 -2.312  0.35 28.45 ? 45  MET A CE  1 
ATOM   351  N N   . PHE A 1 58  ? 4.413   -19.132 0.112   1.00 26.29 ? 46  PHE A N   1 
ATOM   352  C CA  . PHE A 1 58  ? 3.865   -19.874 1.235   1.00 26.81 ? 46  PHE A CA  1 
ATOM   353  C C   . PHE A 1 58  ? 4.694   -19.669 2.489   1.00 27.12 ? 46  PHE A C   1 
ATOM   354  O O   . PHE A 1 58  ? 4.139   -19.366 3.549   1.00 26.60 ? 46  PHE A O   1 
ATOM   355  C CB  A PHE A 1 58  ? 3.773   -21.375 0.912   0.65 27.08 ? 46  PHE A CB  1 
ATOM   356  C CB  B PHE A 1 58  ? 3.738   -21.379 0.907   0.35 26.35 ? 46  PHE A CB  1 
ATOM   357  C CG  A PHE A 1 58  ? 2.725   -22.040 1.666   0.65 28.82 ? 46  PHE A CG  1 
ATOM   358  C CG  B PHE A 1 58  ? 2.410   -21.755 0.333   0.35 25.11 ? 46  PHE A CG  1 
ATOM   359  C CD1 A PHE A 1 58  ? 1.573   -22.490 1.028   0.65 30.69 ? 46  PHE A CD1 1 
ATOM   360  C CD1 B PHE A 1 58  ? 1.957   -21.178 -0.848  0.35 24.18 ? 46  PHE A CD1 1 
ATOM   361  C CD2 A PHE A 1 58  ? 2.843   -22.181 3.042   0.65 31.13 ? 46  PHE A CD2 1 
ATOM   362  C CD2 B PHE A 1 58  ? 1.591   -22.675 0.984   0.35 24.13 ? 46  PHE A CD2 1 
ATOM   363  C CE1 A PHE A 1 58  ? 0.565   -23.076 1.747   0.65 32.36 ? 46  PHE A CE1 1 
ATOM   364  C CE1 B PHE A 1 58  ? 0.705   -21.522 -1.377  0.35 22.34 ? 46  PHE A CE1 1 
ATOM   365  C CE2 A PHE A 1 58  ? 1.814   -22.777 3.773   0.65 31.78 ? 46  PHE A CE2 1 
ATOM   366  C CE2 B PHE A 1 58  ? 0.341   -23.008 0.474   0.35 23.75 ? 46  PHE A CE2 1 
ATOM   367  C CZ  A PHE A 1 58  ? 0.685   -23.206 3.117   0.65 32.41 ? 46  PHE A CZ  1 
ATOM   368  C CZ  B PHE A 1 58  ? -0.107  -22.436 -0.708  0.35 24.05 ? 46  PHE A CZ  1 
ATOM   369  N N   . GLU A 1 59  ? 6.013   -19.795 2.333   1.00 27.33 ? 47  GLU A N   1 
ATOM   370  C CA  . GLU A 1 59  ? 6.949   -19.652 3.415   1.00 28.00 ? 47  GLU A CA  1 
ATOM   371  C C   . GLU A 1 59  ? 6.955   -18.236 3.974   1.00 27.03 ? 47  GLU A C   1 
ATOM   372  O O   . GLU A 1 59  ? 7.001   -18.061 5.186   1.00 26.02 ? 47  GLU A O   1 
ATOM   373  C CB  . GLU A 1 59  ? 8.319   -20.073 2.913   1.00 28.63 ? 47  GLU A CB  1 
ATOM   374  C CG  . GLU A 1 59  ? 9.441   -20.080 3.905   1.00 33.65 ? 47  GLU A CG  1 
ATOM   375  C CD  . GLU A 1 59  ? 10.734  -20.504 3.221   1.00 36.04 ? 47  GLU A CD  1 
ATOM   376  O OE1 . GLU A 1 59  ? 11.291  -19.704 2.455   1.00 38.35 ? 47  GLU A OE1 1 
ATOM   377  O OE2 . GLU A 1 59  ? 11.165  -21.645 3.415   1.00 39.09 ? 47  GLU A OE2 1 
ATOM   378  N N   . TYR A 1 60  ? 6.894   -17.235 3.089   1.00 27.05 ? 48  TYR A N   1 
ATOM   379  C CA  . TYR A 1 60  ? 6.840   -15.846 3.516   1.00 26.94 ? 48  TYR A CA  1 
ATOM   380  C C   . TYR A 1 60  ? 5.611   -15.598 4.366   1.00 26.05 ? 48  TYR A C   1 
ATOM   381  O O   . TYR A 1 60  ? 5.692   -15.016 5.422   1.00 25.62 ? 48  TYR A O   1 
ATOM   382  C CB  . TYR A 1 60  ? 6.830   -14.887 2.324   1.00 27.63 ? 48  TYR A CB  1 
ATOM   383  C CG  . TYR A 1 60  ? 6.978   -13.446 2.769   1.00 26.61 ? 48  TYR A CG  1 
ATOM   384  C CD1 . TYR A 1 60  ? 8.228   -12.869 2.884   1.00 28.53 ? 48  TYR A CD1 1 
ATOM   385  C CD2 . TYR A 1 60  ? 5.868   -12.688 3.114   1.00 26.54 ? 48  TYR A CD2 1 
ATOM   386  C CE1 . TYR A 1 60  ? 8.379   -11.570 3.329   1.00 28.76 ? 48  TYR A CE1 1 
ATOM   387  C CE2 . TYR A 1 60  ? 5.997   -11.402 3.579   1.00 27.63 ? 48  TYR A CE2 1 
ATOM   388  C CZ  . TYR A 1 60  ? 7.265   -10.839 3.670   1.00 29.13 ? 48  TYR A CZ  1 
ATOM   389  O OH  . TYR A 1 60  ? 7.433   -9.558  4.118   1.00 33.01 ? 48  TYR A OH  1 
ATOM   390  N N   . ALA A 1 61  ? 4.455   -16.015 3.885   1.00 26.79 ? 49  ALA A N   1 
ATOM   391  C CA  . ALA A 1 61  ? 3.221   -15.784 4.627   1.00 26.28 ? 49  ALA A CA  1 
ATOM   392  C C   . ALA A 1 61  ? 3.184   -16.515 5.985   1.00 27.45 ? 49  ALA A C   1 
ATOM   393  O O   . ALA A 1 61  ? 2.758   -15.960 7.000   1.00 28.13 ? 49  ALA A O   1 
ATOM   394  C CB  . ALA A 1 61  ? 2.054   -16.201 3.750   1.00 26.79 ? 49  ALA A CB  1 
ATOM   395  N N   . LYS A 1 62  ? 3.581   -17.781 5.994   1.00 27.87 ? 50  LYS A N   1 
ATOM   396  C CA  . LYS A 1 62  ? 3.608   -18.571 7.216   1.00 28.52 ? 50  LYS A CA  1 
ATOM   397  C C   . LYS A 1 62  ? 4.495   -17.985 8.293   1.00 28.11 ? 50  LYS A C   1 
ATOM   398  O O   . LYS A 1 62  ? 4.163   -18.062 9.465   1.00 28.25 ? 50  LYS A O   1 
ATOM   399  C CB  . LYS A 1 62  ? 4.146   -19.967 6.947   1.00 29.81 ? 50  LYS A CB  1 
ATOM   400  C CG  . LYS A 1 62  ? 3.166   -20.964 6.441   1.00 33.61 ? 50  LYS A CG  1 
ATOM   401  C CD  . LYS A 1 62  ? 3.656   -22.364 6.772   1.00 35.92 ? 50  LYS A CD  1 
ATOM   402  N N   . ASN A 1 63  ? 5.660   -17.446 7.909   1.00 26.53 ? 51  ASN A N   1 
ATOM   403  C CA  . ASN A 1 63  ? 6.654   -17.016 8.875   1.00 26.21 ? 51  ASN A CA  1 
ATOM   404  C C   . ASN A 1 63  ? 6.685   -15.535 9.253   1.00 26.34 ? 51  ASN A C   1 
ATOM   405  O O   . ASN A 1 63  ? 7.449   -15.146 10.140  1.00 24.90 ? 51  ASN A O   1 
ATOM   406  C CB  . ASN A 1 63  ? 8.037   -17.505 8.392   1.00 25.78 ? 51  ASN A CB  1 
ATOM   407  C CG  . ASN A 1 63  ? 8.111   -19.016 8.404   1.00 27.83 ? 51  ASN A CG  1 
ATOM   408  O OD1 . ASN A 1 63  ? 8.161   -19.596 9.468   1.00 28.26 ? 51  ASN A OD1 1 
ATOM   409  N ND2 . ASN A 1 63  ? 8.023   -19.658 7.241   1.00 26.05 ? 51  ASN A ND2 1 
ATOM   410  N N   . ALA A 1 64  ? 5.825   -14.721 8.628   1.00 25.99 ? 52  ALA A N   1 
ATOM   411  C CA  . ALA A 1 64  ? 5.879   -13.279 8.788   1.00 26.73 ? 52  ALA A CA  1 
ATOM   412  C C   . ALA A 1 64  ? 5.641   -12.852 10.247  1.00 27.38 ? 52  ALA A C   1 
ATOM   413  O O   . ALA A 1 64  ? 6.399   -12.022 10.774  1.00 25.96 ? 52  ALA A O   1 
ATOM   414  C CB  . ALA A 1 64  ? 4.880   -12.583 7.857   1.00 26.90 ? 52  ALA A CB  1 
ATOM   415  N N   . GLU A 1 65  ? 4.629   -13.454 10.883  1.00 28.49 ? 53  GLU A N   1 
ATOM   416  C CA  . GLU A 1 65  ? 4.272   -13.152 12.282  1.00 30.72 ? 53  GLU A CA  1 
ATOM   417  C C   . GLU A 1 65  ? 5.432   -13.424 13.210  1.00 29.94 ? 53  GLU A C   1 
ATOM   418  O O   . GLU A 1 65  ? 5.823   -12.562 14.013  1.00 30.72 ? 53  GLU A O   1 
ATOM   419  C CB  . GLU A 1 65  ? 3.082   -13.992 12.755  1.00 31.35 ? 53  GLU A CB  1 
ATOM   420  C CG  . GLU A 1 65  ? 2.720   -13.765 14.227  1.00 36.49 ? 53  GLU A CG  1 
ATOM   421  C CD  . GLU A 1 65  ? 1.842   -14.863 14.823  1.00 42.00 ? 53  GLU A CD  1 
ATOM   422  O OE1 . GLU A 1 65  ? 1.553   -15.875 14.132  1.00 49.19 ? 53  GLU A OE1 1 
ATOM   423  O OE2 . GLU A 1 65  ? 1.445   -14.723 15.996  1.00 46.14 ? 53  GLU A OE2 1 
ATOM   424  N N   . GLU A 1 66  ? 6.009   -14.611 13.077  1.00 30.50 ? 54  GLU A N   1 
ATOM   425  C CA  . GLU A 1 66  ? 7.156   -15.001 13.903  1.00 30.40 ? 54  GLU A CA  1 
ATOM   426  C C   . GLU A 1 66  ? 8.329   -14.052 13.772  1.00 30.34 ? 54  GLU A C   1 
ATOM   427  O O   . GLU A 1 66  ? 9.059   -13.841 14.739  1.00 30.20 ? 54  GLU A O   1 
ATOM   428  C CB  . GLU A 1 66  ? 7.619   -16.414 13.569  1.00 31.45 ? 54  GLU A CB  1 
ATOM   429  N N   . ARG A 1 67  ? 8.512   -13.464 12.590  1.00 29.84 ? 55  ARG A N   1 
ATOM   430  C CA  . ARG A 1 67  ? 9.595   -12.503 12.379  1.00 29.68 ? 55  ARG A CA  1 
ATOM   431  C C   . ARG A 1 67  ? 9.277   -11.075 12.795  1.00 29.18 ? 55  ARG A C   1 
ATOM   432  O O   . ARG A 1 67  ? 10.102  -10.177 12.594  1.00 28.73 ? 55  ARG A O   1 
ATOM   433  C CB  . ARG A 1 67  ? 10.013  -12.506 10.924  1.00 30.29 ? 55  ARG A CB  1 
ATOM   434  C CG  . ARG A 1 67  ? 10.646  -13.802 10.516  1.00 31.70 ? 55  ARG A CG  1 
ATOM   435  C CD  . ARG A 1 67  ? 11.358  -13.691 9.211   1.00 32.28 ? 55  ARG A CD  1 
ATOM   436  N NE  . ARG A 1 67  ? 10.482  -13.213 8.182   1.00 32.36 ? 55  ARG A NE  1 
ATOM   437  C CZ  . ARG A 1 67  ? 10.646  -12.103 7.478   1.00 30.96 ? 55  ARG A CZ  1 
ATOM   438  N NH1 . ARG A 1 67  ? 11.704  -11.304 7.635   1.00 32.85 ? 55  ARG A NH1 1 
ATOM   439  N NH2 . ARG A 1 67  ? 9.756   -11.817 6.562   1.00 29.13 ? 55  ARG A NH2 1 
ATOM   440  N N   . GLY A 1 68  ? 8.097   -10.845 13.357  1.00 27.56 ? 56  GLY A N   1 
ATOM   441  C CA  . GLY A 1 68  ? 7.734   -9.533  13.862  1.00 27.51 ? 56  GLY A CA  1 
ATOM   442  C C   . GLY A 1 68  ? 6.983   -8.639  12.877  1.00 27.64 ? 56  GLY A C   1 
ATOM   443  O O   . GLY A 1 68  ? 6.629   -7.517  13.221  1.00 27.11 ? 56  GLY A O   1 
ATOM   444  N N   . ILE A 1 69  ? 6.713   -9.138  11.669  1.00 27.01 ? 57  ILE A N   1 
ATOM   445  C CA  . ILE A 1 69  ? 5.893   -8.423  10.707  1.00 26.83 ? 57  ILE A CA  1 
ATOM   446  C C   . ILE A 1 69  ? 4.471   -8.365  11.270  1.00 26.70 ? 57  ILE A C   1 
ATOM   447  O O   . ILE A 1 69  ? 3.931   -9.371  11.763  1.00 26.90 ? 57  ILE A O   1 
ATOM   448  C CB  . ILE A 1 69  ? 5.924   -9.103  9.314   1.00 26.36 ? 57  ILE A CB  1 
ATOM   449  C CG1 . ILE A 1 69  ? 7.342   -9.158  8.725   1.00 27.30 ? 57  ILE A CG1 1 
ATOM   450  C CG2 . ILE A 1 69  ? 4.972   -8.376  8.334   1.00 26.80 ? 57  ILE A CG2 1 
ATOM   451  C CD1 . ILE A 1 69  ? 7.965   -7.853  8.540   1.00 29.19 ? 57  ILE A CD1 1 
ATOM   452  N N   . GLU A 1 70  ? 3.863   -7.187  11.229  1.00 26.68 ? 58  GLU A N   1 
ATOM   453  C CA  . GLU A 1 70  ? 2.476   -7.034  11.723  1.00 26.29 ? 58  GLU A CA  1 
ATOM   454  C C   . GLU A 1 70  ? 1.438   -6.711  10.638  1.00 26.69 ? 58  GLU A C   1 
ATOM   455  O O   . GLU A 1 70  ? 0.248   -6.970  10.821  1.00 25.74 ? 58  GLU A O   1 
ATOM   456  C CB  . GLU A 1 70  ? 2.431   -6.019  12.854  1.00 26.54 ? 58  GLU A CB  1 
ATOM   457  C CG  . GLU A 1 70  ? 3.101   -6.555  14.104  1.00 29.77 ? 58  GLU A CG  1 
ATOM   458  C CD  . GLU A 1 70  ? 3.402   -5.500  15.145  1.00 34.74 ? 58  GLU A CD  1 
ATOM   459  O OE1 . GLU A 1 70  ? 4.032   -4.497  14.798  1.00 40.71 ? 58  GLU A OE1 1 
ATOM   460  O OE2 . GLU A 1 70  ? 3.060   -5.704  16.322  1.00 40.64 ? 58  GLU A OE2 1 
ATOM   461  N N   . VAL A 1 71  ? 1.888   -6.158  9.526   1.00 25.20 ? 59  VAL A N   1 
ATOM   462  C CA  . VAL A 1 71  ? 1.051   -5.892  8.386   1.00 26.40 ? 59  VAL A CA  1 
ATOM   463  C C   . VAL A 1 71  ? 1.823   -6.234  7.127   1.00 26.06 ? 59  VAL A C   1 
ATOM   464  O O   . VAL A 1 71  ? 3.010   -5.917  7.022   1.00 26.01 ? 59  VAL A O   1 
ATOM   465  C CB  . VAL A 1 71  ? 0.657   -4.392  8.296   1.00 26.30 ? 59  VAL A CB  1 
ATOM   466  C CG1 . VAL A 1 71  ? -0.392  -4.180  7.173   1.00 29.11 ? 59  VAL A CG1 1 
ATOM   467  C CG2 . VAL A 1 71  ? 0.114   -3.886  9.642   1.00 28.54 ? 59  VAL A CG2 1 
ATOM   468  N N   . ILE A 1 72  ? 1.143   -6.842  6.165   1.00 26.00 ? 60  ILE A N   1 
ATOM   469  C CA  . ILE A 1 72  ? 1.746   -7.105  4.866   1.00 26.12 ? 60  ILE A CA  1 
ATOM   470  C C   . ILE A 1 72  ? 1.042   -6.277  3.804   1.00 26.20 ? 60  ILE A C   1 
ATOM   471  O O   . ILE A 1 72  ? -0.202  -6.240  3.726   1.00 26.43 ? 60  ILE A O   1 
ATOM   472  C CB  . ILE A 1 72  ? 1.688   -8.580  4.527   1.00 25.64 ? 60  ILE A CB  1 
ATOM   473  C CG1 . ILE A 1 72  ? 2.576   -9.361  5.479   1.00 26.65 ? 60  ILE A CG1 1 
ATOM   474  C CG2 . ILE A 1 72  ? 2.129   -8.843  3.044   1.00 26.41 ? 60  ILE A CG2 1 
ATOM   475  C CD1 . ILE A 1 72  ? 2.270   -10.862 5.441   1.00 26.43 ? 60  ILE A CD1 1 
ATOM   476  N N   . ILE A 1 73  ? 1.843   -5.621  2.990   1.00 25.93 ? 61  ILE A N   1 
ATOM   477  C CA  . ILE A 1 73  ? 1.379   -4.911  1.837   1.00 26.20 ? 61  ILE A CA  1 
ATOM   478  C C   . ILE A 1 73  ? 1.864   -5.716  0.631   1.00 26.83 ? 61  ILE A C   1 
ATOM   479  O O   . ILE A 1 73  ? 3.067   -5.895  0.439   1.00 26.16 ? 61  ILE A O   1 
ATOM   480  C CB  . ILE A 1 73  ? 2.026   -3.509  1.779   1.00 26.02 ? 61  ILE A CB  1 
ATOM   481  C CG1 . ILE A 1 73  ? 1.506   -2.636  2.935   1.00 26.17 ? 61  ILE A CG1 1 
ATOM   482  C CG2 . ILE A 1 73  ? 1.774   -2.841  0.420   1.00 27.54 ? 61  ILE A CG2 1 
ATOM   483  C CD1 . ILE A 1 73  ? 2.261   -1.329  3.037   1.00 25.17 ? 61  ILE A CD1 1 
ATOM   484  N N   . ALA A 1 74  ? 0.928   -6.167  -0.177  1.00 26.06 ? 62  ALA A N   1 
ATOM   485  C CA  . ALA A 1 74  ? 1.262   -6.969  -1.346  1.00 26.35 ? 62  ALA A CA  1 
ATOM   486  C C   . ALA A 1 74  ? 0.705   -6.374  -2.619  1.00 26.85 ? 62  ALA A C   1 
ATOM   487  O O   . ALA A 1 74  ? -0.471  -6.101  -2.710  1.00 26.91 ? 62  ALA A O   1 
ATOM   488  C CB  . ALA A 1 74  ? 0.750   -8.344  -1.194  1.00 24.89 ? 62  ALA A CB  1 
ATOM   489  N N   . GLY A 1 75  ? 1.580   -6.205  -3.601  1.00 26.47 ? 63  GLY A N   1 
ATOM   490  C CA  . GLY A 1 75  ? 1.192   -5.717  -4.908  1.00 27.18 ? 63  GLY A CA  1 
ATOM   491  C C   . GLY A 1 75  ? 1.236   -6.803  -5.976  1.00 28.12 ? 63  GLY A C   1 
ATOM   492  O O   . GLY A 1 75  ? 2.160   -7.622  -6.000  1.00 26.99 ? 63  GLY A O   1 
ATOM   493  N N   . ALA A 1 76  ? 0.286   -6.752  -6.903  1.00 27.66 ? 64  ALA A N   1 
ATOM   494  C CA  . ALA A 1 76  ? 0.215   -7.700  -8.007  1.00 27.75 ? 64  ALA A CA  1 
ATOM   495  C C   . ALA A 1 76  ? -0.644  -7.107  -9.164  1.00 28.44 ? 64  ALA A C   1 
ATOM   496  O O   . ALA A 1 76  ? -1.592  -6.338  -8.931  1.00 26.43 ? 64  ALA A O   1 
ATOM   497  C CB  . ALA A 1 76  ? -0.403  -9.033  -7.499  1.00 27.82 ? 64  ALA A CB  1 
ATOM   498  N N   . GLY A 1 77  ? -0.234  -7.426  -10.405 1.00 29.31 ? 65  GLY A N   1 
ATOM   499  C CA  . GLY A 1 77  ? -0.981  -7.057  -11.606 1.00 29.63 ? 65  GLY A CA  1 
ATOM   500  C C   . GLY A 1 77  ? -1.532  -8.229  -12.416 1.00 29.72 ? 65  GLY A C   1 
ATOM   501  O O   . GLY A 1 77  ? -1.030  -9.346  -12.348 1.00 30.64 ? 65  GLY A O   1 
ATOM   502  N N   . GLY A 1 78  ? -2.590  -7.960  -13.178 1.00 29.42 ? 66  GLY A N   1 
ATOM   503  C CA  . GLY A 1 78  ? -3.224  -8.934  -14.028 1.00 28.86 ? 66  GLY A CA  1 
ATOM   504  C C   . GLY A 1 78  ? -4.099  -9.840  -13.198 1.00 29.55 ? 66  GLY A C   1 
ATOM   505  O O   . GLY A 1 78  ? -4.910  -9.382  -12.397 1.00 30.64 ? 66  GLY A O   1 
ATOM   506  N N   . ALA A 1 79  ? -3.957  -11.138 -13.413 1.00 29.47 ? 67  ALA A N   1 
ATOM   507  C CA  . ALA A 1 79  ? -4.512  -12.148 -12.518 1.00 28.27 ? 67  ALA A CA  1 
ATOM   508  C C   . ALA A 1 79  ? -3.667  -12.095 -11.248 1.00 28.83 ? 67  ALA A C   1 
ATOM   509  O O   . ALA A 1 79  ? -2.647  -12.784 -11.073 1.00 28.34 ? 67  ALA A O   1 
ATOM   510  C CB  . ALA A 1 79  ? -4.479  -13.524 -13.167 1.00 29.98 ? 67  ALA A CB  1 
ATOM   511  N N   . ALA A 1 80  ? -4.088  -11.211 -10.364 1.00 28.07 ? 68  ALA A N   1 
ATOM   512  C CA  . ALA A 1 80  ? -3.252  -10.767 -9.261  1.00 29.37 ? 68  ALA A CA  1 
ATOM   513  C C   . ALA A 1 80  ? -3.574  -11.583 -8.005  1.00 28.39 ? 68  ALA A C   1 
ATOM   514  O O   . ALA A 1 80  ? -4.341  -11.142 -7.147  1.00 31.32 ? 68  ALA A O   1 
ATOM   515  C CB  . ALA A 1 80  ? -3.469  -9.312  -9.005  1.00 29.04 ? 68  ALA A CB  1 
ATOM   516  N N   . HIS A 1 81  ? -2.896  -12.706 -7.837  1.00 27.01 ? 69  HIS A N   1 
ATOM   517  C CA  . HIS A 1 81  ? -3.206  -13.664 -6.749  1.00 26.32 ? 69  HIS A CA  1 
ATOM   518  C C   . HIS A 1 81  ? -2.406  -13.482 -5.446  1.00 26.09 ? 69  HIS A C   1 
ATOM   519  O O   . HIS A 1 81  ? -2.764  -14.008 -4.392  1.00 25.81 ? 69  HIS A O   1 
ATOM   520  C CB  . HIS A 1 81  ? -2.953  -15.044 -7.320  1.00 27.14 ? 69  HIS A CB  1 
ATOM   521  C CG  . HIS A 1 81  ? -3.777  -15.331 -8.535  1.00 28.74 ? 69  HIS A CG  1 
ATOM   522  N ND1 . HIS A 1 81  ? -3.507  -16.364 -9.390  1.00 29.85 ? 69  HIS A ND1 1 
ATOM   523  C CD2 . HIS A 1 81  ? -4.907  -14.739 -9.010  1.00 33.11 ? 69  HIS A CD2 1 
ATOM   524  C CE1 . HIS A 1 81  ? -4.409  -16.393 -10.353 1.00 28.86 ? 69  HIS A CE1 1 
ATOM   525  N NE2 . HIS A 1 81  ? -5.285  -15.430 -10.140 1.00 29.68 ? 69  HIS A NE2 1 
ATOM   526  N N   . LEU A 1 82  ? -1.285  -12.770 -5.525  1.00 24.82 ? 70  LEU A N   1 
ATOM   527  C CA  . LEU A 1 82  ? -0.416  -12.676 -4.363  1.00 24.17 ? 70  LEU A CA  1 
ATOM   528  C C   . LEU A 1 82  ? -1.060  -12.182 -3.074  1.00 24.27 ? 70  LEU A C   1 
ATOM   529  O O   . LEU A 1 82  ? -0.868  -12.838 -2.047  1.00 25.53 ? 70  LEU A O   1 
ATOM   530  C CB  . LEU A 1 82  ? 0.812   -11.841 -4.692  1.00 22.11 ? 70  LEU A CB  1 
ATOM   531  C CG  . LEU A 1 82  ? 1.863   -11.617 -3.584  1.00 22.72 ? 70  LEU A CG  1 
ATOM   532  C CD1 . LEU A 1 82  ? 2.632   -12.850 -3.320  1.00 24.81 ? 70  LEU A CD1 1 
ATOM   533  C CD2 . LEU A 1 82  ? 2.870   -10.557 -4.005  1.00 22.85 ? 70  LEU A CD2 1 
ATOM   534  N N   . PRO A 1 83  ? -1.799  -11.073 -3.057  1.00 24.98 ? 71  PRO A N   1 
ATOM   535  C CA  . PRO A 1 83  ? -2.377  -10.635 -1.774  1.00 24.60 ? 71  PRO A CA  1 
ATOM   536  C C   . PRO A 1 83  ? -3.299  -11.671 -1.194  1.00 25.59 ? 71  PRO A C   1 
ATOM   537  O O   . PRO A 1 83  ? -3.242  -11.958 -0.004  1.00 26.31 ? 71  PRO A O   1 
ATOM   538  C CB  . PRO A 1 83  ? -3.145  -9.342  -2.123  1.00 25.76 ? 71  PRO A CB  1 
ATOM   539  C CG  . PRO A 1 83  ? -2.524  -8.855  -3.348  1.00 25.61 ? 71  PRO A CG  1 
ATOM   540  C CD  . PRO A 1 83  ? -2.027  -10.064 -4.117  1.00 26.03 ? 71  PRO A CD  1 
ATOM   541  N N   . GLY A 1 84  ? -4.161  -12.190 -2.030  1.00 26.63 ? 72  GLY A N   1 
ATOM   542  C CA  . GLY A 1 84  ? -5.180  -13.143 -1.570  1.00 25.29 ? 72  GLY A CA  1 
ATOM   543  C C   . GLY A 1 84  ? -4.562  -14.436 -1.079  1.00 25.75 ? 72  GLY A C   1 
ATOM   544  O O   . GLY A 1 84  ? -5.063  -15.060 -0.108  1.00 25.02 ? 72  GLY A O   1 
ATOM   545  N N   . MET A 1 85  ? -3.546  -14.924 -1.766  1.00 23.98 ? 73  MET A N   1 
ATOM   546  C CA  . MET A 1 85  ? -2.891  -16.164 -1.333  1.00 25.60 ? 73  MET A CA  1 
ATOM   547  C C   . MET A 1 85  ? -2.141  -15.951 -0.014  1.00 26.90 ? 73  MET A C   1 
ATOM   548  O O   . MET A 1 85  ? -2.190  -16.806 0.879   1.00 26.41 ? 73  MET A O   1 
ATOM   549  C CB  . MET A 1 85  ? -1.989  -16.729 -2.415  1.00 25.72 ? 73  MET A CB  1 
ATOM   550  C CG  . MET A 1 85  ? -2.757  -17.380 -3.569  1.00 25.91 ? 73  MET A CG  1 
ATOM   551  S SD  . MET A 1 85  ? -4.002  -18.618 -3.045  1.00 28.24 ? 73  MET A SD  1 
ATOM   552  C CE  . MET A 1 85  ? -2.986  -19.719 -2.168  1.00 28.32 ? 73  MET A CE  1 
ATOM   553  N N   . VAL A 1 86  ? -1.499  -14.795 0.135   1.00 25.58 ? 74  VAL A N   1 
ATOM   554  C CA  . VAL A 1 86  ? -0.857  -14.474 1.391   1.00 26.12 ? 74  VAL A CA  1 
ATOM   555  C C   . VAL A 1 86  ? -1.873  -14.433 2.527   1.00 25.45 ? 74  VAL A C   1 
ATOM   556  O O   . VAL A 1 86  ? -1.669  -15.085 3.572   1.00 25.61 ? 74  VAL A O   1 
ATOM   557  C CB  . VAL A 1 86  ? 0.018   -13.231 1.292   1.00 26.92 ? 74  VAL A CB  1 
ATOM   558  C CG1 . VAL A 1 86  ? 0.527   -12.821 2.660   1.00 29.80 ? 74  VAL A CG1 1 
ATOM   559  C CG2 . VAL A 1 86  ? 1.133   -13.547 0.398   1.00 27.58 ? 74  VAL A CG2 1 
ATOM   560  N N   . ALA A 1 87  ? -2.989  -13.758 2.292   1.00 25.12 ? 75  ALA A N   1 
ATOM   561  C CA  . ALA A 1 87  ? -4.038  -13.677 3.320   1.00 24.68 ? 75  ALA A CA  1 
ATOM   562  C C   . ALA A 1 87  ? -4.662  -15.038 3.670   1.00 25.80 ? 75  ALA A C   1 
ATOM   563  O O   . ALA A 1 87  ? -5.248  -15.207 4.763   1.00 24.11 ? 75  ALA A O   1 
ATOM   564  C CB  . ALA A 1 87  ? -5.084  -12.720 2.896   1.00 25.29 ? 75  ALA A CB  1 
ATOM   565  N N   . SER A 1 88  ? -4.564  -16.009 2.762   1.00 25.96 ? 76  SER A N   1 
ATOM   566  C CA  . SER A 1 88  ? -5.166  -17.357 2.990   1.00 26.72 ? 76  SER A CA  1 
ATOM   567  C C   . SER A 1 88  ? -4.342  -18.156 4.022   1.00 26.79 ? 76  SER A C   1 
ATOM   568  O O   . SER A 1 88  ? -4.825  -19.100 4.681   1.00 27.84 ? 76  SER A O   1 
ATOM   569  C CB  . SER A 1 88  ? -5.130  -18.096 1.645   1.00 27.97 ? 76  SER A CB  1 
ATOM   570  O OG  . SER A 1 88  ? -5.967  -17.381 0.700   1.00 30.42 ? 76  SER A OG  1 
ATOM   571  N N   . ILE A 1 89  ? -3.086  -17.751 4.146   1.00 27.08 ? 77  ILE A N   1 
ATOM   572  C CA  . ILE A 1 89  ? -2.072  -18.459 4.914   1.00 28.34 ? 77  ILE A CA  1 
ATOM   573  C C   . ILE A 1 89  ? -1.843  -17.780 6.254   1.00 29.23 ? 77  ILE A C   1 
ATOM   574  O O   . ILE A 1 89  ? -1.865  -18.435 7.291   1.00 29.89 ? 77  ILE A O   1 
ATOM   575  C CB  . ILE A 1 89  ? -0.774  -18.561 4.068   1.00 27.88 ? 77  ILE A CB  1 
ATOM   576  C CG1 . ILE A 1 89  ? -1.076  -19.384 2.795   1.00 28.51 ? 77  ILE A CG1 1 
ATOM   577  C CG2 . ILE A 1 89  ? 0.341   -19.212 4.893   1.00 31.06 ? 77  ILE A CG2 1 
ATOM   578  C CD1 . ILE A 1 89  ? -0.063  -19.443 1.756   1.00 30.72 ? 77  ILE A CD1 1 
ATOM   579  N N   . THR A 1 90  ? -1.669  -16.468 6.260   1.00 29.89 ? 78  THR A N   1 
ATOM   580  C CA  . THR A 1 90  ? -1.427  -15.737 7.493   1.00 29.78 ? 78  THR A CA  1 
ATOM   581  C C   . THR A 1 90  ? -2.714  -15.172 8.079   1.00 29.36 ? 78  THR A C   1 
ATOM   582  O O   . THR A 1 90  ? -3.671  -14.880 7.360   1.00 27.70 ? 78  THR A O   1 
ATOM   583  C CB  . THR A 1 90  ? -0.354  -14.631 7.274   1.00 30.22 ? 78  THR A CB  1 
ATOM   584  O OG1 . THR A 1 90  ? -0.007  -14.022 8.537   1.00 34.00 ? 78  THR A OG1 1 
ATOM   585  C CG2 . THR A 1 90  ? -0.873  -13.491 6.432   1.00 31.07 ? 78  THR A CG2 1 
ATOM   586  N N   . HIS A 1 91  ? -2.723  -15.036 9.403   1.00 30.28 ? 79  HIS A N   1 
ATOM   587  C CA  . HIS A 1 91  ? -3.800  -14.361 10.154  1.00 29.65 ? 79  HIS A CA  1 
ATOM   588  C C   . HIS A 1 91  ? -3.566  -12.845 10.229  1.00 29.00 ? 79  HIS A C   1 
ATOM   589  O O   . HIS A 1 91  ? -4.433  -12.097 10.677  1.00 29.44 ? 79  HIS A O   1 
ATOM   590  C CB  . HIS A 1 91  ? -3.876  -14.927 11.571  1.00 30.93 ? 79  HIS A CB  1 
ATOM   591  C CG  . HIS A 1 91  ? -2.657  -14.627 12.376  1.00 30.21 ? 79  HIS A CG  1 
ATOM   592  N ND1 . HIS A 1 91  ? -2.642  -13.673 13.371  1.00 35.31 ? 79  HIS A ND1 1 
ATOM   593  C CD2 . HIS A 1 91  ? -1.389  -15.084 12.276  1.00 33.99 ? 79  HIS A CD2 1 
ATOM   594  C CE1 . HIS A 1 91  ? -1.422  -13.596 13.883  1.00 34.75 ? 79  HIS A CE1 1 
ATOM   595  N NE2 . HIS A 1 91  ? -0.637  -14.431 13.226  1.00 33.71 ? 79  HIS A NE2 1 
ATOM   596  N N   . LEU A 1 92  ? -2.377  -12.389 9.825   1.00 27.69 ? 80  LEU A N   1 
ATOM   597  C CA  . LEU A 1 92  ? -2.086  -10.955 9.790   1.00 26.50 ? 80  LEU A CA  1 
ATOM   598  C C   . LEU A 1 92  ? -2.948  -10.210 8.769   1.00 25.36 ? 80  LEU A C   1 
ATOM   599  O O   . LEU A 1 92  ? -3.336  -10.796 7.758   1.00 24.83 ? 80  LEU A O   1 
ATOM   600  C CB  . LEU A 1 92  ? -0.631  -10.700 9.413   1.00 26.81 ? 80  LEU A CB  1 
ATOM   601  C CG  . LEU A 1 92  ? 0.440   -11.223 10.353  1.00 28.37 ? 80  LEU A CG  1 
ATOM   602  C CD1 . LEU A 1 92  ? 1.776   -10.936 9.677   1.00 27.47 ? 80  LEU A CD1 1 
ATOM   603  C CD2 . LEU A 1 92  ? 0.368   -10.576 11.731  1.00 30.48 ? 80  LEU A CD2 1 
ATOM   604  N N   . PRO A 1 93  ? -3.198  -8.919  8.983   1.00 25.16 ? 81  PRO A N   1 
ATOM   605  C CA  . PRO A 1 93  ? -3.901  -8.122  7.986   1.00 25.96 ? 81  PRO A CA  1 
ATOM   606  C C   . PRO A 1 93  ? -3.042  -7.961  6.744   1.00 25.54 ? 81  PRO A C   1 
ATOM   607  O O   . PRO A 1 93  ? -1.827  -7.650  6.831   1.00 25.52 ? 81  PRO A O   1 
ATOM   608  C CB  . PRO A 1 93  ? -4.166  -6.791  8.686   1.00 25.98 ? 81  PRO A CB  1 
ATOM   609  C CG  . PRO A 1 93  ? -3.192  -6.714  9.743   1.00 26.81 ? 81  PRO A CG  1 
ATOM   610  C CD  . PRO A 1 93  ? -2.909  -8.118  10.174  1.00 25.44 ? 81  PRO A CD  1 
ATOM   611  N N   . VAL A 1 94  ? -3.665  -8.224  5.593   1.00 25.70 ? 82  VAL A N   1 
ATOM   612  C CA  . VAL A 1 94  ? -3.012  -8.085  4.304   1.00 26.46 ? 82  VAL A CA  1 
ATOM   613  C C   . VAL A 1 94  ? -3.711  -7.011  3.463   1.00 25.87 ? 82  VAL A C   1 
ATOM   614  O O   . VAL A 1 94  ? -4.923  -7.071  3.223   1.00 25.98 ? 82  VAL A O   1 
ATOM   615  C CB  . VAL A 1 94  ? -2.970  -9.416  3.497   1.00 26.00 ? 82  VAL A CB  1 
ATOM   616  C CG1 . VAL A 1 94  ? -2.234  -9.213  2.172   1.00 26.92 ? 82  VAL A CG1 1 
ATOM   617  C CG2 . VAL A 1 94  ? -2.305  -10.543 4.337   1.00 27.05 ? 82  VAL A CG2 1 
ATOM   618  N N   . ILE A 1 95  ? -2.912  -6.067  2.999   1.00 25.87 ? 83  ILE A N   1 
ATOM   619  C CA  . ILE A 1 95  ? -3.371  -4.979  2.152   1.00 25.86 ? 83  ILE A CA  1 
ATOM   620  C C   . ILE A 1 95  ? -2.913  -5.251  0.741   1.00 26.12 ? 83  ILE A C   1 
ATOM   621  O O   . ILE A 1 95  ? -1.703  -5.452  0.498   1.00 26.59 ? 83  ILE A O   1 
ATOM   622  C CB  . ILE A 1 95  ? -2.753  -3.643  2.604   1.00 25.96 ? 83  ILE A CB  1 
ATOM   623  C CG1 . ILE A 1 95  ? -3.157  -3.318  4.057   1.00 24.56 ? 83  ILE A CG1 1 
ATOM   624  C CG2 . ILE A 1 95  ? -3.173  -2.524  1.646   1.00 26.70 ? 83  ILE A CG2 1 
ATOM   625  C CD1 . ILE A 1 95  ? -2.289  -2.264  4.712   1.00 26.43 ? 83  ILE A CD1 1 
ATOM   626  N N   . GLY A 1 96  ? -3.850  -5.157  -0.199  1.00 25.92 ? 84  GLY A N   1 
ATOM   627  C CA  . GLY A 1 96  ? -3.604  -5.451  -1.612  1.00 26.05 ? 84  GLY A CA  1 
ATOM   628  C C   . GLY A 1 96  ? -3.558  -4.180  -2.452  1.00 25.64 ? 84  GLY A C   1 
ATOM   629  O O   . GLY A 1 96  ? -4.491  -3.389  -2.442  1.00 26.00 ? 84  GLY A O   1 
ATOM   630  N N   . VAL A 1 97  ? -2.467  -4.004  -3.203  1.00 24.92 ? 85  VAL A N   1 
ATOM   631  C CA  . VAL A 1 97  ? -2.341  -2.945  -4.189  1.00 25.11 ? 85  VAL A CA  1 
ATOM   632  C C   . VAL A 1 97  ? -2.509  -3.536  -5.594  1.00 25.33 ? 85  VAL A C   1 
ATOM   633  O O   . VAL A 1 97  ? -1.685  -4.321  -6.015  1.00 24.18 ? 85  VAL A O   1 
ATOM   634  C CB  . VAL A 1 97  ? -0.983  -2.271  -4.094  1.00 25.47 ? 85  VAL A CB  1 
ATOM   635  C CG1 . VAL A 1 97  ? -0.872  -1.187  -5.148  1.00 27.48 ? 85  VAL A CG1 1 
ATOM   636  C CG2 . VAL A 1 97  ? -0.756  -1.722  -2.688  1.00 27.04 ? 85  VAL A CG2 1 
ATOM   637  N N   . PRO A 1 98  ? -3.611  -3.234  -6.300  1.00 24.51 ? 86  PRO A N   1 
ATOM   638  C CA  . PRO A 1 98  ? -3.775  -3.682  -7.688  1.00 24.25 ? 86  PRO A CA  1 
ATOM   639  C C   . PRO A 1 98  ? -2.887  -2.858  -8.572  1.00 24.88 ? 86  PRO A C   1 
ATOM   640  O O   . PRO A 1 98  ? -2.978  -1.662  -8.513  1.00 26.96 ? 86  PRO A O   1 
ATOM   641  C CB  . PRO A 1 98  ? -5.248  -3.373  -7.998  1.00 25.09 ? 86  PRO A CB  1 
ATOM   642  C CG  . PRO A 1 98  ? -5.855  -3.076  -6.659  1.00 24.04 ? 86  PRO A CG  1 
ATOM   643  C CD  . PRO A 1 98  ? -4.766  -2.467  -5.832  1.00 25.44 ? 86  PRO A CD  1 
ATOM   644  N N   . VAL A 1 99  ? -1.995  -3.499  -9.303  1.00 24.89 ? 87  VAL A N   1 
ATOM   645  C CA  . VAL A 1 99  ? -1.050  -2.749  -10.157 1.00 25.32 ? 87  VAL A CA  1 
ATOM   646  C C   . VAL A 1 99  ? -1.655  -2.640  -11.548 1.00 25.95 ? 87  VAL A C   1 
ATOM   647  O O   . VAL A 1 99  ? -2.184  -3.627  -12.100 1.00 25.74 ? 87  VAL A O   1 
ATOM   648  C CB  . VAL A 1 99  ? 0.324   -3.449  -10.190 1.00 25.43 ? 87  VAL A CB  1 
ATOM   649  C CG1 . VAL A 1 99  ? 1.300   -2.738  -11.164 1.00 27.23 ? 87  VAL A CG1 1 
ATOM   650  C CG2 . VAL A 1 99  ? 0.887   -3.546  -8.784  1.00 26.56 ? 87  VAL A CG2 1 
ATOM   651  N N   . LYS A 1 100 ? -1.570  -1.433  -12.124 1.00 27.94 ? 88  LYS A N   1 
ATOM   652  C CA  . LYS A 1 100 ? -2.144  -1.148  -13.430 1.00 29.59 ? 88  LYS A CA  1 
ATOM   653  C C   . LYS A 1 100 ? -1.519  -2.055  -14.484 1.00 31.60 ? 88  LYS A C   1 
ATOM   654  O O   . LYS A 1 100 ? -0.302  -2.175  -14.570 1.00 31.85 ? 88  LYS A O   1 
ATOM   655  C CB  . LYS A 1 100 ? -1.891  0.329   -13.789 1.00 30.24 ? 88  LYS A CB  1 
ATOM   656  C CG  . LYS A 1 100 ? -2.591  0.844   -15.025 1.00 31.84 ? 88  LYS A CG  1 
ATOM   657  C CD  . LYS A 1 100 ? -2.154  2.296   -15.272 1.00 34.39 ? 88  LYS A CD  1 
ATOM   658  C CE  . LYS A 1 100 ? -2.680  2.810   -16.611 1.00 37.24 ? 88  LYS A CE  1 
ATOM   659  N NZ  . LYS A 1 100 ? -2.340  4.253   -16.824 1.00 35.64 ? 88  LYS A NZ  1 
ATOM   660  N N   . THR A 1 101 ? -2.364  -2.665  -15.303 1.00 33.18 ? 89  THR A N   1 
ATOM   661  C CA  . THR A 1 101 ? -1.941  -3.419  -16.491 1.00 34.93 ? 89  THR A CA  1 
ATOM   662  C C   . THR A 1 101 ? -2.062  -2.562  -17.753 1.00 36.00 ? 89  THR A C   1 
ATOM   663  O O   . THR A 1 101 ? -2.951  -1.711  -17.823 1.00 35.98 ? 89  THR A O   1 
ATOM   664  C CB  . THR A 1 101 ? -2.833  -4.669  -16.609 1.00 35.12 ? 89  THR A CB  1 
ATOM   665  O OG1 . THR A 1 101 ? -4.239  -4.325  -16.569 1.00 32.02 ? 89  THR A OG1 1 
ATOM   666  C CG2 . THR A 1 101 ? -2.650  -5.528  -15.358 1.00 34.53 ? 89  THR A CG2 1 
ATOM   667  N N   . SER A 1 102 ? -1.184  -2.794  -18.742 1.00 37.26 ? 90  SER A N   1 
ATOM   668  C CA  . SER A 1 102 ? -1.291  -2.103  -20.037 1.00 38.50 ? 90  SER A CA  1 
ATOM   669  C C   . SER A 1 102 ? -2.600  -2.418  -20.775 1.00 38.06 ? 90  SER A C   1 
ATOM   670  O O   . SER A 1 102 ? -3.125  -1.566  -21.499 1.00 38.70 ? 90  SER A O   1 
ATOM   671  C CB  . SER A 1 102 ? -0.090  -2.405  -20.952 1.00 39.35 ? 90  SER A CB  1 
ATOM   672  O OG  . SER A 1 102 ? 0.053   -3.802  -21.195 1.00 42.74 ? 90  SER A OG  1 
ATOM   673  N N   . THR A 1 103 ? -3.154  -3.619  -20.609 1.00 36.29 ? 91  THR A N   1 
ATOM   674  C CA  . THR A 1 103 ? -4.328  -3.928  -21.403 1.00 35.42 ? 91  THR A CA  1 
ATOM   675  C C   . THR A 1 103 ? -5.564  -3.396  -20.732 1.00 34.32 ? 91  THR A C   1 
ATOM   676  O O   . THR A 1 103 ? -6.241  -2.527  -21.290 1.00 35.40 ? 91  THR A O   1 
ATOM   677  C CB  . THR A 1 103 ? -4.452  -5.437  -21.702 1.00 35.24 ? 91  THR A CB  1 
ATOM   678  O OG1 . THR A 1 103 ? -4.452  -6.161  -20.475 1.00 36.40 ? 91  THR A OG1 1 
ATOM   679  C CG2 . THR A 1 103 ? -3.199  -5.945  -22.458 1.00 35.37 ? 91  THR A CG2 1 
ATOM   680  N N   . LEU A 1 104 ? -5.859  -3.880  -19.527 1.00 32.83 ? 92  LEU A N   1 
ATOM   681  C CA  . LEU A 1 104 ? -7.112  -3.543  -18.878 1.00 31.55 ? 92  LEU A CA  1 
ATOM   682  C C   . LEU A 1 104 ? -6.998  -2.483  -17.775 1.00 31.57 ? 92  LEU A C   1 
ATOM   683  O O   . LEU A 1 104 ? -7.890  -2.374  -16.938 1.00 31.74 ? 92  LEU A O   1 
ATOM   684  C CB  . LEU A 1 104 ? -7.781  -4.804  -18.347 1.00 31.99 ? 92  LEU A CB  1 
ATOM   685  C CG  . LEU A 1 104 ? -8.053  -5.875  -19.420 1.00 31.68 ? 92  LEU A CG  1 
ATOM   686  C CD1 . LEU A 1 104 ? -8.585  -7.116  -18.763 1.00 31.93 ? 92  LEU A CD1 1 
ATOM   687  C CD2 . LEU A 1 104 ? -9.022  -5.349  -20.458 1.00 34.16 ? 92  LEU A CD2 1 
ATOM   688  N N   . ASN A 1 105 ? -5.908  -1.729  -17.774 1.00 30.94 ? 93  ASN A N   1 
ATOM   689  C CA  . ASN A 1 105 ? -5.713  -0.602  -16.860 1.00 31.71 ? 93  ASN A CA  1 
ATOM   690  C C   . ASN A 1 105 ? -5.899  -0.934  -15.373 1.00 31.22 ? 93  ASN A C   1 
ATOM   691  O O   . ASN A 1 105 ? -6.300  -0.067  -14.571 1.00 32.38 ? 93  ASN A O   1 
ATOM   692  C CB  . ASN A 1 105 ? -6.645  0.550   -17.243 1.00 32.35 ? 93  ASN A CB  1 
ATOM   693  C CG  . ASN A 1 105 ? -6.289  1.180   -18.565 1.00 36.42 ? 93  ASN A CG  1 
ATOM   694  O OD1 . ASN A 1 105 ? -5.158  1.055   -19.056 1.00 41.51 ? 93  ASN A OD1 1 
ATOM   695  N ND2 . ASN A 1 105 ? -7.257  1.833   -19.169 1.00 39.61 ? 93  ASN A ND2 1 
ATOM   696  N N   . GLY A 1 106 ? -5.673  -2.197  -15.002 1.00 29.25 ? 94  GLY A N   1 
ATOM   697  C CA  . GLY A 1 106 ? -5.699  -2.588  -13.622 1.00 27.73 ? 94  GLY A CA  1 
ATOM   698  C C   . GLY A 1 106 ? -7.056  -3.092  -13.173 1.00 27.25 ? 94  GLY A C   1 
ATOM   699  O O   . GLY A 1 106 ? -7.230  -3.422  -12.001 1.00 27.27 ? 94  GLY A O   1 
ATOM   700  N N   . LEU A 1 107 ? -8.023  -3.144  -14.073 1.00 27.98 ? 95  LEU A N   1 
ATOM   701  C CA  . LEU A 1 107 ? -9.349  -3.642  -13.678 1.00 28.57 ? 95  LEU A CA  1 
ATOM   702  C C   . LEU A 1 107 ? -9.297  -5.118  -13.370 1.00 27.59 ? 95  LEU A C   1 
ATOM   703  O O   . LEU A 1 107 ? -10.021 -5.641  -12.466 1.00 27.43 ? 95  LEU A O   1 
ATOM   704  C CB  . LEU A 1 107 ? -10.378 -3.374  -14.757 1.00 30.43 ? 95  LEU A CB  1 
ATOM   705  C CG  . LEU A 1 107 ? -11.823 -3.332  -14.320 1.00 33.73 ? 95  LEU A CG  1 
ATOM   706  C CD1 . LEU A 1 107 ? -12.066 -2.333  -13.206 1.00 38.39 ? 95  LEU A CD1 1 
ATOM   707  C CD2 . LEU A 1 107 ? -12.657 -3.007  -15.528 1.00 39.81 ? 95  LEU A CD2 1 
ATOM   708  N N   . ASP A 1 108 ? -8.476  -5.829  -14.144 1.00 26.23 ? 96  ASP A N   1 
ATOM   709  C CA  . ASP A 1 108 ? -8.236  -7.222  -13.863 1.00 26.04 ? 96  ASP A CA  1 
ATOM   710  C C   . ASP A 1 108 ? -7.564  -7.376  -12.498 1.00 25.82 ? 96  ASP A C   1 
ATOM   711  O O   . ASP A 1 108 ? -8.014  -8.197  -11.674 1.00 24.42 ? 96  ASP A O   1 
ATOM   712  C CB  . ASP A 1 108 ? -7.487  -7.953  -14.964 1.00 25.35 ? 96  ASP A CB  1 
ATOM   713  C CG  . ASP A 1 108 ? -6.246  -7.185  -15.484 1.00 26.15 ? 96  ASP A CG  1 
ATOM   714  O OD1 . ASP A 1 108 ? -5.960  -5.999  -15.051 1.00 26.19 ? 96  ASP A OD1 1 
ATOM   715  O OD2 . ASP A 1 108 ? -5.566  -7.717  -16.386 1.00 26.61 ? 96  ASP A OD2 1 
ATOM   716  N N   . SER A 1 109 ? -6.532  -6.573  -12.251 1.00 23.31 ? 97  SER A N   1 
ATOM   717  C CA  . SER A 1 109 ? -5.869  -6.547  -10.946 1.00 24.92 ? 97  SER A CA  1 
ATOM   718  C C   . SER A 1 109 ? -6.852  -6.293  -9.794  1.00 24.06 ? 97  SER A C   1 
ATOM   719  O O   . SER A 1 109 ? -6.814  -6.995  -8.783  1.00 24.19 ? 97  SER A O   1 
ATOM   720  C CB  . SER A 1 109 ? -4.774  -5.542  -10.902 1.00 24.89 ? 97  SER A CB  1 
ATOM   721  O OG  . SER A 1 109 ? -3.988  -5.592  -12.107 1.00 24.73 ? 97  SER A OG  1 
ATOM   722  N N   . LEU A 1 110 ? -7.751  -5.318  -9.974  1.00 24.98 ? 98  LEU A N   1 
ATOM   723  C CA  . LEU A 1 110 ? -8.659  -4.913  -8.903  1.00 24.88 ? 98  LEU A CA  1 
ATOM   724  C C   . LEU A 1 110 ? -9.615  -6.054  -8.599  1.00 26.47 ? 98  LEU A C   1 
ATOM   725  O O   . LEU A 1 110 ? -9.803  -6.400  -7.447  1.00 26.74 ? 98  LEU A O   1 
ATOM   726  C CB  . LEU A 1 110 ? -9.441  -3.682  -9.333  1.00 25.24 ? 98  LEU A CB  1 
ATOM   727  C CG  . LEU A 1 110 ? -10.578 -3.222  -8.415  1.00 26.63 ? 98  LEU A CG  1 
ATOM   728  C CD1 . LEU A 1 110 ? -10.044 -2.963  -7.013  1.00 26.62 ? 98  LEU A CD1 1 
ATOM   729  C CD2 . LEU A 1 110 ? -11.268 -2.014  -9.053  1.00 29.19 ? 98  LEU A CD2 1 
ATOM   730  N N   . PHE A 1 111 ? -10.230 -6.619  -9.624  1.00 27.00 ? 99  PHE A N   1 
ATOM   731  C CA  . PHE A 1 111 ? -11.210 -7.707  -9.369  1.00 27.62 ? 99  PHE A CA  1 
ATOM   732  C C   . PHE A 1 111 ? -10.545 -8.936  -8.708  1.00 28.39 ? 99  PHE A C   1 
ATOM   733  O O   . PHE A 1 111 ? -11.151 -9.570  -7.820  1.00 31.30 ? 99  PHE A O   1 
ATOM   734  C CB  . PHE A 1 111 ? -11.942 -8.124  -10.632 1.00 28.67 ? 99  PHE A CB  1 
ATOM   735  C CG  . PHE A 1 111 ? -12.930 -7.097  -11.205 1.00 28.98 ? 99  PHE A CG  1 
ATOM   736  C CD1 . PHE A 1 111 ? -13.379 -5.983  -10.493 1.00 30.51 ? 99  PHE A CD1 1 
ATOM   737  C CD2 . PHE A 1 111 ? -13.486 -7.321  -12.454 1.00 27.76 ? 99  PHE A CD2 1 
ATOM   738  C CE1 . PHE A 1 111 ? -14.317 -5.080  -11.067 1.00 30.08 ? 99  PHE A CE1 1 
ATOM   739  C CE2 . PHE A 1 111 ? -14.402 -6.440  -13.001 1.00 28.97 ? 99  PHE A CE2 1 
ATOM   740  C CZ  . PHE A 1 111 ? -14.823 -5.321  -12.308 1.00 29.64 ? 99  PHE A CZ  1 
ATOM   741  N N   . SER A 1 112 ? -9.324  -9.275  -9.149  1.00 29.66 ? 100 SER A N   1 
ATOM   742  C CA  . SER A 1 112 ? -8.535  -10.402 -8.634  1.00 29.89 ? 100 SER A CA  1 
ATOM   743  C C   . SER A 1 112 ? -8.181  -10.271 -7.184  1.00 29.17 ? 100 SER A C   1 
ATOM   744  O O   . SER A 1 112 ? -7.887  -11.262 -6.527  1.00 30.13 ? 100 SER A O   1 
ATOM   745  C CB  . SER A 1 112 ? -7.166  -10.474 -9.386  1.00 31.19 ? 100 SER A CB  1 
ATOM   746  O OG  . SER A 1 112 ? -7.385  -10.836 -10.693 1.00 37.83 ? 100 SER A OG  1 
ATOM   747  N N   . ILE A 1 113 ? -8.116  -9.034  -6.690  1.00 27.66 ? 101 ILE A N   1 
ATOM   748  C CA  . ILE A 1 113 ? -7.754  -8.773  -5.316  1.00 27.39 ? 101 ILE A CA  1 
ATOM   749  C C   . ILE A 1 113 ? -8.965  -8.500  -4.452  1.00 27.57 ? 101 ILE A C   1 
ATOM   750  O O   . ILE A 1 113 ? -9.054  -9.093  -3.397  1.00 28.83 ? 101 ILE A O   1 
ATOM   751  C CB  . ILE A 1 113 ? -6.788  -7.576  -5.220  1.00 27.48 ? 101 ILE A CB  1 
ATOM   752  C CG1 . ILE A 1 113 ? -5.478  -7.940  -5.889  1.00 27.47 ? 101 ILE A CG1 1 
ATOM   753  C CG2 . ILE A 1 113 ? -6.588  -7.190  -3.776  1.00 26.42 ? 101 ILE A CG2 1 
ATOM   754  C CD1 . ILE A 1 113 ? -4.569  -6.748  -6.292  1.00 25.78 ? 101 ILE A CD1 1 
ATOM   755  N N   . VAL A 1 114 ? -9.894  -7.616  -4.879  1.00 27.42 ? 102 VAL A N   1 
ATOM   756  C CA  . VAL A 1 114 ? -10.908 -7.117  -3.969  1.00 26.65 ? 102 VAL A CA  1 
ATOM   757  C C   . VAL A 1 114 ? -12.016 -8.150  -3.769  1.00 26.04 ? 102 VAL A C   1 
ATOM   758  O O   . VAL A 1 114 ? -12.590 -8.243  -2.675  1.00 27.69 ? 102 VAL A O   1 
ATOM   759  C CB  . VAL A 1 114 ? -11.501 -5.763  -4.388  1.00 27.52 ? 102 VAL A CB  1 
ATOM   760  C CG1 . VAL A 1 114 ? -12.470 -5.905  -5.563  1.00 24.83 ? 102 VAL A CG1 1 
ATOM   761  C CG2 . VAL A 1 114 ? -12.255 -5.076  -3.199  1.00 29.03 ? 102 VAL A CG2 1 
ATOM   762  N N   . GLN A 1 115 ? -12.235 -9.000  -4.773  1.00 25.86 ? 103 GLN A N   1 
ATOM   763  C CA  . GLN A 1 115 ? -13.411 -9.904  -4.790  1.00 26.47 ? 103 GLN A CA  1 
ATOM   764  C C   . GLN A 1 115 ? -13.183 -11.241 -4.046  1.00 26.36 ? 103 GLN A C   1 
ATOM   765  O O   . GLN A 1 115 ? -13.705 -12.302 -4.424  1.00 26.79 ? 103 GLN A O   1 
ATOM   766  C CB  . GLN A 1 115 ? -13.904 -10.123 -6.246  1.00 27.35 ? 103 GLN A CB  1 
ATOM   767  C CG  . GLN A 1 115 ? -14.659 -8.959  -6.817  1.00 25.40 ? 103 GLN A CG  1 
ATOM   768  C CD  . GLN A 1 115 ? -15.967 -8.692  -6.072  1.00 24.58 ? 103 GLN A CD  1 
ATOM   769  O OE1 . GLN A 1 115 ? -16.016 -7.792  -5.218  1.00 24.48 ? 103 GLN A OE1 1 
ATOM   770  N NE2 . GLN A 1 115 ? -17.015 -9.471  -6.372  1.00 26.20 ? 103 GLN A NE2 1 
ATOM   771  N N   . MET A 1 116 ? -12.366 -11.183 -3.005  1.00 26.88 ? 104 MET A N   1 
ATOM   772  C CA  . MET A 1 116 ? -12.103 -12.361 -2.173  1.00 27.22 ? 104 MET A CA  1 
ATOM   773  C C   . MET A 1 116 ? -13.379 -12.917 -1.601  1.00 28.07 ? 104 MET A C   1 
ATOM   774  O O   . MET A 1 116 ? -14.172 -12.187 -1.024  1.00 26.73 ? 104 MET A O   1 
ATOM   775  C CB  . MET A 1 116 ? -11.148 -12.019 -1.048  1.00 27.04 ? 104 MET A CB  1 
ATOM   776  C CG  . MET A 1 116 ? -9.732  -11.776 -1.556  1.00 27.50 ? 104 MET A CG  1 
ATOM   777  S SD  . MET A 1 116 ? -8.934  -13.246 -2.249  1.00 29.90 ? 104 MET A SD  1 
ATOM   778  C CE  . MET A 1 116 ? -8.801  -14.232 -0.733  1.00 31.32 ? 104 MET A CE  1 
ATOM   779  N N   . PRO A 1 117 ? -13.600 -14.217 -1.759  1.00 29.98 ? 105 PRO A N   1 
ATOM   780  C CA  . PRO A 1 117 ? -14.781 -14.815 -1.154  1.00 29.27 ? 105 PRO A CA  1 
ATOM   781  C C   . PRO A 1 117 ? -14.774 -14.781 0.370   1.00 29.04 ? 105 PRO A C   1 
ATOM   782  O O   . PRO A 1 117 ? -13.721 -14.603 0.994   1.00 27.99 ? 105 PRO A O   1 
ATOM   783  C CB  . PRO A 1 117 ? -14.724 -16.260 -1.659  1.00 30.38 ? 105 PRO A CB  1 
ATOM   784  C CG  . PRO A 1 117 ? -13.989 -16.109 -2.976  1.00 31.95 ? 105 PRO A CG  1 
ATOM   785  C CD  . PRO A 1 117 ? -12.840 -15.215 -2.538  1.00 30.76 ? 105 PRO A CD  1 
ATOM   786  N N   . GLY A 1 118 ? -15.937 -15.089 0.952   1.00 29.35 ? 106 GLY A N   1 
ATOM   787  C CA  . GLY A 1 118 ? -16.109 -15.081 2.406   1.00 29.21 ? 106 GLY A CA  1 
ATOM   788  C C   . GLY A 1 118 ? -15.093 -15.980 3.094   1.00 29.03 ? 106 GLY A C   1 
ATOM   789  O O   . GLY A 1 118 ? -14.845 -17.092 2.644   1.00 30.27 ? 106 GLY A O   1 
ATOM   790  N N   . GLY A 1 119 ? -14.497 -15.482 4.176   1.00 28.04 ? 107 GLY A N   1 
ATOM   791  C CA  . GLY A 1 119 ? -13.528 -16.233 4.968   1.00 27.11 ? 107 GLY A CA  1 
ATOM   792  C C   . GLY A 1 119 ? -12.139 -15.596 4.967   1.00 27.06 ? 107 GLY A C   1 
ATOM   793  O O   . GLY A 1 119 ? -11.432 -15.626 5.977   1.00 26.25 ? 107 GLY A O   1 
ATOM   794  N N   . VAL A 1 120 ? -11.742 -15.055 3.833   1.00 26.63 ? 108 VAL A N   1 
ATOM   795  C CA  . VAL A 1 120 ? -10.376 -14.547 3.660   1.00 26.46 ? 108 VAL A CA  1 
ATOM   796  C C   . VAL A 1 120 ? -10.371 -13.144 3.016   1.00 27.64 ? 108 VAL A C   1 
ATOM   797  O O   . VAL A 1 120 ? -10.396 -13.000 1.795   1.00 28.31 ? 108 VAL A O   1 
ATOM   798  C CB  . VAL A 1 120 ? -9.512  -15.554 2.823   1.00 26.39 ? 108 VAL A CB  1 
ATOM   799  C CG1 . VAL A 1 120 ? -8.030  -15.034 2.649   1.00 27.87 ? 108 VAL A CG1 1 
ATOM   800  C CG2 . VAL A 1 120 ? -9.547  -16.953 3.436   1.00 26.59 ? 108 VAL A CG2 1 
ATOM   801  N N   . PRO A 1 121 ? -10.234 -12.103 3.827   1.00 27.39 ? 109 PRO A N   1 
ATOM   802  C CA  . PRO A 1 121 ? -10.229 -10.731 3.308   1.00 27.39 ? 109 PRO A CA  1 
ATOM   803  C C   . PRO A 1 121 ? -8.868  -10.277 2.913   1.00 27.67 ? 109 PRO A C   1 
ATOM   804  O O   . PRO A 1 121 ? -7.889  -10.722 3.506   1.00 28.19 ? 109 PRO A O   1 
ATOM   805  C CB  . PRO A 1 121 ? -10.717 -9.914  4.513   1.00 27.19 ? 109 PRO A CB  1 
ATOM   806  C CG  . PRO A 1 121 ? -10.154 -10.674 5.706   1.00 28.13 ? 109 PRO A CG  1 
ATOM   807  C CD  . PRO A 1 121 ? -10.106 -12.144 5.307   1.00 28.34 ? 109 PRO A CD  1 
ATOM   808  N N   . VAL A 1 122 ? -8.822  -9.411  1.896   1.00 27.13 ? 110 VAL A N   1 
ATOM   809  C CA  . VAL A 1 122 ? -7.716  -8.555  1.624   1.00 26.95 ? 110 VAL A CA  1 
ATOM   810  C C   . VAL A 1 122 ? -8.247  -7.146  1.685   1.00 27.01 ? 110 VAL A C   1 
ATOM   811  O O   . VAL A 1 122 ? -9.284  -6.832  1.061   1.00 25.11 ? 110 VAL A O   1 
ATOM   812  C CB  . VAL A 1 122 ? -7.106  -8.836  0.216   1.00 26.29 ? 110 VAL A CB  1 
ATOM   813  C CG1 . VAL A 1 122 ? -6.048  -7.792  -0.168  1.00 28.12 ? 110 VAL A CG1 1 
ATOM   814  C CG2 . VAL A 1 122 ? -6.545  -10.247 0.178   1.00 27.69 ? 110 VAL A CG2 1 
ATOM   815  N N   . ALA A 1 123 ? -7.477  -6.297  2.342   1.00 26.69 ? 111 ALA A N   1 
ATOM   816  C CA  . ALA A 1 123 ? -7.762  -4.860  2.429   1.00 27.51 ? 111 ALA A CA  1 
ATOM   817  C C   . ALA A 1 123 ? -7.297  -4.201  1.162   1.00 26.59 ? 111 ALA A C   1 
ATOM   818  O O   . ALA A 1 123 ? -6.093  -3.943  0.976   1.00 27.29 ? 111 ALA A O   1 
ATOM   819  C CB  . ALA A 1 123 ? -7.108  -4.238  3.637   1.00 27.60 ? 111 ALA A CB  1 
ATOM   820  N N   . THR A 1 124 ? -8.229  -3.886  0.276   1.00 25.77 ? 112 THR A N   1 
ATOM   821  C CA  . THR A 1 124 ? -7.849  -3.456  -1.072  1.00 25.18 ? 112 THR A CA  1 
ATOM   822  C C   . THR A 1 124 ? -7.841  -1.934  -1.172  1.00 24.84 ? 112 THR A C   1 
ATOM   823  O O   . THR A 1 124 ? -8.750  -1.253  -0.692  1.00 23.68 ? 112 THR A O   1 
ATOM   824  C CB  . THR A 1 124 ? -8.756  -4.068  -2.157  1.00 25.06 ? 112 THR A CB  1 
ATOM   825  O OG1 . THR A 1 124 ? -8.862  -5.480  -1.967  1.00 27.05 ? 112 THR A OG1 1 
ATOM   826  C CG2 . THR A 1 124 ? -8.127  -3.862  -3.582  1.00 25.74 ? 112 THR A CG2 1 
ATOM   827  N N   . VAL A 1 125 ? -6.793  -1.378  -1.751  1.00 24.73 ? 113 VAL A N   1 
ATOM   828  C CA  . VAL A 1 125 ? -6.789  0.045   -2.057  1.00 25.98 ? 113 VAL A CA  1 
ATOM   829  C C   . VAL A 1 125 ? -6.776  0.294   -3.565  1.00 26.26 ? 113 VAL A C   1 
ATOM   830  O O   . VAL A 1 125 ? -6.830  -0.646  -4.352  1.00 26.03 ? 113 VAL A O   1 
ATOM   831  C CB  . VAL A 1 125 ? -5.558  0.761   -1.446  1.00 26.20 ? 113 VAL A CB  1 
ATOM   832  C CG1 . VAL A 1 125 ? -5.567  0.674   0.044   1.00 25.87 ? 113 VAL A CG1 1 
ATOM   833  C CG2 . VAL A 1 125 ? -4.315  0.150   -1.966  1.00 29.79 ? 113 VAL A CG2 1 
ATOM   834  N N   . ALA A 1 126 ? -6.751  1.570   -3.956  1.00 26.08 ? 114 ALA A N   1 
ATOM   835  C CA  . ALA A 1 126 ? -6.911  1.975   -5.345  1.00 25.91 ? 114 ALA A CA  1 
ATOM   836  C C   . ALA A 1 126 ? -5.824  1.426   -6.265  1.00 26.14 ? 114 ALA A C   1 
ATOM   837  O O   . ALA A 1 126 ? -4.706  1.199   -5.836  1.00 25.10 ? 114 ALA A O   1 
ATOM   838  C CB  . ALA A 1 126 ? -6.909  3.486   -5.471  1.00 25.61 ? 114 ALA A CB  1 
ATOM   839  N N   . ILE A 1 127 ? -6.184  1.264   -7.535  1.00 26.31 ? 115 ILE A N   1 
ATOM   840  C CA  . ILE A 1 127 ? -5.242  0.801   -8.527  1.00 26.06 ? 115 ILE A CA  1 
ATOM   841  C C   . ILE A 1 127 ? -4.014  1.746   -8.487  1.00 25.23 ? 115 ILE A C   1 
ATOM   842  O O   . ILE A 1 127 ? -4.123  2.998   -8.520  1.00 24.45 ? 115 ILE A O   1 
ATOM   843  C CB  . ILE A 1 127 ? -5.869  0.749   -9.913  1.00 26.54 ? 115 ILE A CB  1 
ATOM   844  C CG1 . ILE A 1 127 ? -7.040  -0.243  -9.934  1.00 27.93 ? 115 ILE A CG1 1 
ATOM   845  C CG2 . ILE A 1 127 ? -4.836  0.398   -10.990 1.00 28.17 ? 115 ILE A CG2 1 
ATOM   846  C CD1 . ILE A 1 127 ? -8.016  0.002   -11.033 1.00 27.35 ? 115 ILE A CD1 1 
ATOM   847  N N   . ASN A 1 128 ? -2.855  1.109   -8.367  1.00 26.14 ? 116 ASN A N   1 
ATOM   848  C CA  . ASN A 1 128 ? -1.549  1.758   -8.382  1.00 26.23 ? 116 ASN A CA  1 
ATOM   849  C C   . ASN A 1 128 ? -1.259  2.634   -7.152  1.00 27.17 ? 116 ASN A C   1 
ATOM   850  O O   . ASN A 1 128 ? -0.230  3.335   -7.116  1.00 27.00 ? 116 ASN A O   1 
ATOM   851  C CB  . ASN A 1 128 ? -1.354  2.552   -9.667  1.00 27.40 ? 116 ASN A CB  1 
ATOM   852  C CG  . ASN A 1 128 ? -0.552  1.792   -10.717 1.00 27.48 ? 116 ASN A CG  1 
ATOM   853  O OD1 . ASN A 1 128 ? -0.438  0.549   -10.657 1.00 27.34 ? 116 ASN A OD1 1 
ATOM   854  N ND2 . ASN A 1 128 ? -0.018  2.521   -11.691 1.00 28.48 ? 116 ASN A ND2 1 
ATOM   855  N N   . ASN A 1 129 ? -2.104  2.556   -6.130  1.00 27.02 ? 117 ASN A N   1 
ATOM   856  C CA  . ASN A 1 129 ? -1.968  3.465   -4.978  1.00 26.95 ? 117 ASN A CA  1 
ATOM   857  C C   . ASN A 1 129 ? -1.283  2.800   -3.778  1.00 26.51 ? 117 ASN A C   1 
ATOM   858  O O   . ASN A 1 129 ? -1.891  2.539   -2.729  1.00 23.43 ? 117 ASN A O   1 
ATOM   859  C CB  . ASN A 1 129 ? -3.316  4.048   -4.607  1.00 27.49 ? 117 ASN A CB  1 
ATOM   860  C CG  . ASN A 1 129 ? -3.205  5.367   -3.901  1.00 28.50 ? 117 ASN A CG  1 
ATOM   861  O OD1 . ASN A 1 129 ? -2.267  5.609   -3.156  1.00 27.50 ? 117 ASN A OD1 1 
ATOM   862  N ND2 . ASN A 1 129 ? -4.188  6.227   -4.119  1.00 30.41 ? 117 ASN A ND2 1 
ATOM   863  N N   . ALA A 1 130 ? 0.021   2.587   -3.951  1.00 25.27 ? 118 ALA A N   1 
ATOM   864  C CA  . ALA A 1 130 ? 0.837   1.986   -2.909  1.00 25.89 ? 118 ALA A CA  1 
ATOM   865  C C   . ALA A 1 130 ? 1.080   3.000   -1.787  1.00 26.02 ? 118 ALA A C   1 
ATOM   866  O O   . ALA A 1 130 ? 1.324   2.625   -0.645  1.00 26.86 ? 118 ALA A O   1 
ATOM   867  C CB  . ALA A 1 130 ? 2.136   1.511   -3.481  1.00 25.53 ? 118 ALA A CB  1 
ATOM   868  N N   . LYS A 1 131 ? 1.086   4.294   -2.114  1.00 25.22 ? 119 LYS A N   1 
ATOM   869  C CA  . LYS A 1 131 ? 1.137   5.308   -1.080  1.00 25.77 ? 119 LYS A CA  1 
ATOM   870  C C   . LYS A 1 131 ? 0.002   5.062   -0.054  1.00 25.21 ? 119 LYS A C   1 
ATOM   871  O O   . LYS A 1 131 ? 0.263   4.996   1.143   1.00 25.76 ? 119 LYS A O   1 
ATOM   872  C CB  . LYS A 1 131 ? 1.026   6.686   -1.718  1.00 26.26 ? 119 LYS A CB  1 
ATOM   873  C CG  . LYS A 1 131 ? 0.969   7.813   -0.753  1.00 28.89 ? 119 LYS A CG  1 
ATOM   874  C CD  . LYS A 1 131 ? 0.744   9.085   -1.556  1.00 33.85 ? 119 LYS A CD  1 
ATOM   875  C CE  . LYS A 1 131 ? 0.941   10.278  -0.728  1.00 38.69 ? 119 LYS A CE  1 
ATOM   876  N NZ  . LYS A 1 131 ? 1.495   11.412  -1.563  1.00 42.33 ? 119 LYS A NZ  1 
ATOM   877  N N   . ASN A 1 132 ? -1.228  4.818   -0.521  1.00 26.47 ? 120 ASN A N   1 
ATOM   878  C CA  . ASN A 1 132 ? -2.347  4.567   0.394   1.00 26.23 ? 120 ASN A CA  1 
ATOM   879  C C   . ASN A 1 132 ? -2.249  3.251   1.180   1.00 26.19 ? 120 ASN A C   1 
ATOM   880  O O   . ASN A 1 132 ? -2.753  3.145   2.295   1.00 25.81 ? 120 ASN A O   1 
ATOM   881  C CB  . ASN A 1 132 ? -3.721  4.673   -0.290  1.00 26.23 ? 120 ASN A CB  1 
ATOM   882  C CG  . ASN A 1 132 ? -4.236  6.119   -0.354  1.00 26.75 ? 120 ASN A CG  1 
ATOM   883  O OD1 . ASN A 1 132 ? -3.558  7.037   0.102   1.00 32.09 ? 120 ASN A OD1 1 
ATOM   884  N ND2 . ASN A 1 132 ? -5.409  6.320   -0.950  1.00 27.58 ? 120 ASN A ND2 1 
ATOM   885  N N   . ALA A 1 133 ? -1.617  2.244   0.585   1.00 26.45 ? 121 ALA A N   1 
ATOM   886  C CA  . ALA A 1 133 ? -1.352  0.983   1.316   1.00 25.84 ? 121 ALA A CA  1 
ATOM   887  C C   . ALA A 1 133 ? -0.392  1.297   2.497   1.00 25.90 ? 121 ALA A C   1 
ATOM   888  O O   . ALA A 1 133 ? -0.568  0.808   3.603   1.00 25.83 ? 121 ALA A O   1 
ATOM   889  C CB  . ALA A 1 133 ? -0.743  -0.053  0.369   1.00 25.27 ? 121 ALA A CB  1 
ATOM   890  N N   . GLY A 1 134 ? 0.598   2.148   2.263   1.00 24.98 ? 122 GLY A N   1 
ATOM   891  C CA  . GLY A 1 134 ? 1.505   2.630   3.332   1.00 25.86 ? 122 GLY A CA  1 
ATOM   892  C C   . GLY A 1 134 ? 0.768   3.354   4.465   1.00 25.95 ? 122 GLY A C   1 
ATOM   893  O O   . GLY A 1 134 ? 0.974   3.079   5.663   1.00 25.65 ? 122 GLY A O   1 
ATOM   894  N N   . ILE A 1 135 ? -0.064  4.333   4.098   1.00 25.76 ? 123 ILE A N   1 
ATOM   895  C CA  . ILE A 1 135 ? -0.855  5.068   5.080   1.00 24.81 ? 123 ILE A CA  1 
ATOM   896  C C   . ILE A 1 135 ? -1.818  4.136   5.844   1.00 24.73 ? 123 ILE A C   1 
ATOM   897  O O   . ILE A 1 135 ? -1.966  4.268   7.046   1.00 24.54 ? 123 ILE A O   1 
ATOM   898  C CB  . ILE A 1 135 ? -1.606  6.251   4.405   1.00 23.75 ? 123 ILE A CB  1 
ATOM   899  C CG1 . ILE A 1 135 ? -0.613  7.236   3.747   1.00 25.65 ? 123 ILE A CG1 1 
ATOM   900  C CG2 . ILE A 1 135 ? -2.455  7.026   5.440   1.00 25.17 ? 123 ILE A CG2 1 
ATOM   901  C CD1 . ILE A 1 135 ? -1.236  8.117   2.703   1.00 30.08 ? 123 ILE A CD1 1 
ATOM   902  N N   . LEU A 1 136 ? -2.449  3.186   5.167   1.00 25.99 ? 124 LEU A N   1 
ATOM   903  C CA  . LEU A 1 136 ? -3.386  2.245   5.815   1.00 25.66 ? 124 LEU A CA  1 
ATOM   904  C C   . LEU A 1 136 ? -2.636  1.361   6.804   1.00 25.65 ? 124 LEU A C   1 
ATOM   905  O O   . LEU A 1 136 ? -3.085  1.150   7.913   1.00 26.16 ? 124 LEU A O   1 
ATOM   906  C CB  . LEU A 1 136 ? -4.089  1.342   4.788   1.00 25.94 ? 124 LEU A CB  1 
ATOM   907  C CG  . LEU A 1 136 ? -5.108  0.295   5.240   1.00 27.75 ? 124 LEU A CG  1 
ATOM   908  C CD1 . LEU A 1 136 ? -6.176  0.870   6.160   1.00 30.89 ? 124 LEU A CD1 1 
ATOM   909  C CD2 . LEU A 1 136 ? -5.719  -0.341  4.011   1.00 27.78 ? 124 LEU A CD2 1 
ATOM   910  N N   . ALA A 1 137 ? -1.467  0.877   6.393   1.00 25.63 ? 125 ALA A N   1 
ATOM   911  C CA  . ALA A 1 137 ? -0.600  0.098   7.281   1.00 24.88 ? 125 ALA A CA  1 
ATOM   912  C C   . ALA A 1 137 ? -0.299  0.927   8.534   1.00 25.09 ? 125 ALA A C   1 
ATOM   913  O O   . ALA A 1 137 ? -0.393  0.424   9.643   1.00 25.86 ? 125 ALA A O   1 
ATOM   914  C CB  . ALA A 1 137 ? 0.700   -0.279  6.553   1.00 25.79 ? 125 ALA A CB  1 
ATOM   915  N N   . ALA A 1 138 ? 0.019   2.213   8.371   1.00 25.38 ? 126 ALA A N   1 
ATOM   916  C CA  . ALA A 1 138 ? 0.266   3.089   9.523   1.00 25.35 ? 126 ALA A CA  1 
ATOM   917  C C   . ALA A 1 138 ? -0.961  3.247   10.436  1.00 25.94 ? 126 ALA A C   1 
ATOM   918  O O   . ALA A 1 138 ? -0.839  3.178   11.649  1.00 26.04 ? 126 ALA A O   1 
ATOM   919  C CB  . ALA A 1 138 ? 0.766   4.446   9.055   1.00 26.02 ? 126 ALA A CB  1 
ATOM   920  N N   . SER A 1 139 ? -2.133  3.460   9.837   1.00 25.17 ? 127 SER A N   1 
ATOM   921  C CA  . SER A 1 139 ? -3.392  3.567   10.592  1.00 26.17 ? 127 SER A CA  1 
ATOM   922  C C   . SER A 1 139 ? -3.664  2.303   11.389  1.00 24.44 ? 127 SER A C   1 
ATOM   923  O O   . SER A 1 139 ? -4.075  2.383   12.548  1.00 24.41 ? 127 SER A O   1 
ATOM   924  C CB  . SER A 1 139 ? -4.576  3.827   9.656   1.00 25.67 ? 127 SER A CB  1 
ATOM   925  O OG  . SER A 1 139 ? -4.655  5.203   9.353   1.00 32.64 ? 127 SER A OG  1 
ATOM   926  N N   . ILE A 1 140 ? -3.407  1.150   10.778  1.00 24.58 ? 128 ILE A N   1 
ATOM   927  C CA  . ILE A 1 140 ? -3.520  -0.173  11.470  1.00 25.48 ? 128 ILE A CA  1 
ATOM   928  C C   . ILE A 1 140 ? -2.524  -0.251  12.610  1.00 25.07 ? 128 ILE A C   1 
ATOM   929  O O   . ILE A 1 140 ? -2.916  -0.514  13.726  1.00 26.60 ? 128 ILE A O   1 
ATOM   930  C CB  . ILE A 1 140 ? -3.337  -1.350  10.469  1.00 24.16 ? 128 ILE A CB  1 
ATOM   931  C CG1 . ILE A 1 140 ? -4.562  -1.385  9.545   1.00 26.31 ? 128 ILE A CG1 1 
ATOM   932  C CG2 . ILE A 1 140 ? -3.136  -2.650  11.198  1.00 24.61 ? 128 ILE A CG2 1 
ATOM   933  C CD1 . ILE A 1 140 ? -4.501  -2.327  8.363   1.00 26.88 ? 128 ILE A CD1 1 
ATOM   934  N N   . LEU A 1 141 ? -1.249  0.063   12.342  1.00 25.52 ? 129 LEU A N   1 
ATOM   935  C CA  . LEU A 1 141 ? -0.230  0.035   13.382  1.00 25.68 ? 129 LEU A CA  1 
ATOM   936  C C   . LEU A 1 141 ? -0.581  0.991   14.515  1.00 25.75 ? 129 LEU A C   1 
ATOM   937  O O   . LEU A 1 141 ? -0.348  0.686   15.690  1.00 26.50 ? 129 LEU A O   1 
ATOM   938  C CB  . LEU A 1 141 ? 1.157   0.318   12.793  1.00 25.86 ? 129 LEU A CB  1 
ATOM   939  C CG  . LEU A 1 141 ? 1.679   -0.843  11.912  1.00 26.62 ? 129 LEU A CG  1 
ATOM   940  C CD1 . LEU A 1 141 ? 2.953   -0.395  11.266  1.00 27.12 ? 129 LEU A CD1 1 
ATOM   941  C CD2 . LEU A 1 141 ? 1.901   -2.120  12.703  1.00 27.69 ? 129 LEU A CD2 1 
ATOM   942  N N   . GLY A 1 142 ? -1.201  2.115   14.170  1.00 26.40 ? 130 GLY A N   1 
ATOM   943  C CA  . GLY A 1 142 ? -1.538  3.169   15.116  1.00 26.30 ? 130 GLY A CA  1 
ATOM   944  C C   . GLY A 1 142 ? -2.494  2.779   16.209  1.00 27.28 ? 130 GLY A C   1 
ATOM   945  O O   . GLY A 1 142 ? -2.502  3.416   17.258  1.00 27.72 ? 130 GLY A O   1 
ATOM   946  N N   . ILE A 1 143 ? -3.270  1.722   16.021  1.00 27.06 ? 131 ILE A N   1 
ATOM   947  C CA  . ILE A 1 143 ? -4.130  1.277   17.126  1.00 28.43 ? 131 ILE A CA  1 
ATOM   948  C C   . ILE A 1 143 ? -3.328  0.645   18.274  1.00 27.84 ? 131 ILE A C   1 
ATOM   949  O O   . ILE A 1 143 ? -3.773  0.641   19.406  1.00 28.49 ? 131 ILE A O   1 
ATOM   950  C CB  . ILE A 1 143 ? -5.281  0.342   16.667  1.00 28.60 ? 131 ILE A CB  1 
ATOM   951  C CG1 . ILE A 1 143 ? -4.803  -1.093  16.468  1.00 29.96 ? 131 ILE A CG1 1 
ATOM   952  C CG2 . ILE A 1 143 ? -6.025  0.926   15.440  1.00 30.84 ? 131 ILE A CG2 1 
ATOM   953  C CD1 . ILE A 1 143 ? -5.947  -2.125  16.383  1.00 31.48 ? 131 ILE A CD1 1 
ATOM   954  N N   . LYS A 1 144 ? -2.159  0.111   17.949  1.00 28.33 ? 132 LYS A N   1 
ATOM   955  C CA  . LYS A 1 144 ? -1.255  -0.519  18.904  1.00 28.67 ? 132 LYS A CA  1 
ATOM   956  C C   . LYS A 1 144 ? -0.158  0.435   19.394  1.00 28.43 ? 132 LYS A C   1 
ATOM   957  O O   . LYS A 1 144 ? 0.219   0.395   20.566  1.00 28.06 ? 132 LYS A O   1 
ATOM   958  C CB  . LYS A 1 144 ? -0.587  -1.728  18.250  1.00 28.43 ? 132 LYS A CB  1 
ATOM   959  C CG  . LYS A 1 144 ? 0.281   -2.529  19.178  1.00 30.32 ? 132 LYS A CG  1 
ATOM   960  C CD  . LYS A 1 144 ? 0.757   -3.789  18.480  1.00 32.67 ? 132 LYS A CD  1 
ATOM   961  C CE  . LYS A 1 144 ? 1.751   -4.559  19.319  1.00 33.02 ? 132 LYS A CE  1 
ATOM   962  N NZ  . LYS A 1 144 ? 2.032   -5.863  18.670  1.00 33.91 ? 132 LYS A NZ  1 
ATOM   963  N N   . TYR A 1 145 ? 0.357   1.266   18.490  1.00 27.85 ? 133 TYR A N   1 
ATOM   964  C CA  . TYR A 1 145 ? 1.491   2.157   18.763  1.00 28.04 ? 133 TYR A CA  1 
ATOM   965  C C   . TYR A 1 145 ? 1.039   3.625   18.735  1.00 28.80 ? 133 TYR A C   1 
ATOM   966  O O   . TYR A 1 145 ? 0.853   4.186   17.655  1.00 28.45 ? 133 TYR A O   1 
ATOM   967  C CB  . TYR A 1 145 ? 2.612   1.943   17.734  1.00 27.59 ? 133 TYR A CB  1 
ATOM   968  C CG  . TYR A 1 145 ? 3.127   0.529   17.687  1.00 25.51 ? 133 TYR A CG  1 
ATOM   969  C CD1 . TYR A 1 145 ? 2.701   -0.347  16.690  1.00 27.76 ? 133 TYR A CD1 1 
ATOM   970  C CD2 . TYR A 1 145 ? 4.049   0.056   18.631  1.00 26.39 ? 133 TYR A CD2 1 
ATOM   971  C CE1 . TYR A 1 145 ? 3.145   -1.651  16.636  1.00 27.64 ? 133 TYR A CE1 1 
ATOM   972  C CE2 . TYR A 1 145 ? 4.512   -1.259  18.586  1.00 29.15 ? 133 TYR A CE2 1 
ATOM   973  C CZ  . TYR A 1 145 ? 4.039   -2.112  17.577  1.00 29.40 ? 133 TYR A CZ  1 
ATOM   974  O OH  . TYR A 1 145 ? 4.445   -3.430  17.468  1.00 31.49 ? 133 TYR A OH  1 
ATOM   975  N N   . PRO A 1 146 ? 0.848   4.228   19.912  1.00 28.85 ? 134 PRO A N   1 
ATOM   976  C CA  . PRO A 1 146 ? 0.380   5.609   20.005  1.00 29.27 ? 134 PRO A CA  1 
ATOM   977  C C   . PRO A 1 146 ? 1.243   6.594   19.234  1.00 29.18 ? 134 PRO A C   1 
ATOM   978  O O   . PRO A 1 146 ? 0.709   7.562   18.697  1.00 29.97 ? 134 PRO A O   1 
ATOM   979  C CB  . PRO A 1 146 ? 0.433   5.913   21.502  1.00 29.30 ? 134 PRO A CB  1 
ATOM   980  C CG  . PRO A 1 146 ? 0.360   4.613   22.162  1.00 30.20 ? 134 PRO A CG  1 
ATOM   981  C CD  . PRO A 1 146 ? 1.021   3.632   21.244  1.00 29.67 ? 134 PRO A CD  1 
ATOM   982  N N   . GLU A 1 147 ? 2.548   6.345   19.156  1.00 29.00 ? 135 GLU A N   1 
ATOM   983  C CA  . GLU A 1 147 ? 3.435   7.216   18.391  1.00 29.91 ? 135 GLU A CA  1 
ATOM   984  C C   . GLU A 1 147 ? 3.068   7.267   16.920  1.00 29.04 ? 135 GLU A C   1 
ATOM   985  O O   . GLU A 1 147 ? 3.119   8.327   16.301  1.00 28.23 ? 135 GLU A O   1 
ATOM   986  C CB  . GLU A 1 147 ? 4.925   6.841   18.575  1.00 30.36 ? 135 GLU A CB  1 
ATOM   987  C CG  . GLU A 1 147 ? 5.393   5.516   17.964  1.00 35.14 ? 135 GLU A CG  1 
ATOM   988  C CD  . GLU A 1 147 ? 5.308   4.285   18.883  1.00 40.34 ? 135 GLU A CD  1 
ATOM   989  O OE1 . GLU A 1 147 ? 4.515   4.295   19.891  1.00 39.05 ? 135 GLU A OE1 1 
ATOM   990  O OE2 . GLU A 1 147 ? 6.045   3.290   18.565  1.00 43.60 ? 135 GLU A OE2 1 
ATOM   991  N N   . ILE A 1 148 ? 2.683   6.118   16.374  1.00 28.71 ? 136 ILE A N   1 
ATOM   992  C CA  . ILE A 1 148 ? 2.287   6.018   14.982  1.00 28.33 ? 136 ILE A CA  1 
ATOM   993  C C   . ILE A 1 148 ? 0.924   6.678   14.790  1.00 28.68 ? 136 ILE A C   1 
ATOM   994  O O   . ILE A 1 148 ? 0.733   7.396   13.813  1.00 29.37 ? 136 ILE A O   1 
ATOM   995  C CB  . ILE A 1 148 ? 2.321   4.534   14.502  1.00 28.19 ? 136 ILE A CB  1 
ATOM   996  C CG1 . ILE A 1 148 ? 3.758   3.983   14.605  1.00 27.56 ? 136 ILE A CG1 1 
ATOM   997  C CG2 . ILE A 1 148 ? 1.816   4.402   13.073  1.00 27.80 ? 136 ILE A CG2 1 
ATOM   998  C CD1 . ILE A 1 148 ? 3.864   2.529   14.206  1.00 30.54 ? 136 ILE A CD1 1 
ATOM   999  N N   . ALA A 1 149 ? -0.019  6.464   15.707  1.00 28.23 ? 137 ALA A N   1 
ATOM   1000 C CA  . ALA A 1 149 ? -1.304  7.165   15.612  1.00 28.86 ? 137 ALA A CA  1 
ATOM   1001 C C   . ALA A 1 149 ? -1.073  8.686   15.509  1.00 29.64 ? 137 ALA A C   1 
ATOM   1002 O O   . ALA A 1 149 ? -1.718  9.371   14.690  1.00 30.70 ? 137 ALA A O   1 
ATOM   1003 C CB  . ALA A 1 149 ? -2.198  6.830   16.796  1.00 28.48 ? 137 ALA A CB  1 
ATOM   1004 N N   . ARG A 1 150 ? -0.135  9.199   16.301  1.00 29.99 ? 138 ARG A N   1 
ATOM   1005 C CA  . ARG A 1 150 ? 0.183   10.630  16.298  1.00 30.33 ? 138 ARG A CA  1 
ATOM   1006 C C   . ARG A 1 150 ? 0.726   11.052  14.957  1.00 29.20 ? 138 ARG A C   1 
ATOM   1007 O O   . ARG A 1 150 ? 0.342   12.085  14.441  1.00 28.36 ? 138 ARG A O   1 
ATOM   1008 C CB  . ARG A 1 150 ? 1.162   10.998  17.432  1.00 31.28 ? 138 ARG A CB  1 
ATOM   1009 C CG  . ARG A 1 150 ? 0.517   10.925  18.798  1.00 34.90 ? 138 ARG A CG  1 
ATOM   1010 C CD  . ARG A 1 150 ? 1.360   11.475  19.947  1.00 40.59 ? 138 ARG A CD  1 
ATOM   1011 N NE  . ARG A 1 150 ? 1.185   10.623  21.126  1.00 45.55 ? 138 ARG A NE  1 
ATOM   1012 C CZ  . ARG A 1 150 ? 2.081   9.752   21.598  1.00 49.64 ? 138 ARG A CZ  1 
ATOM   1013 N NH1 . ARG A 1 150 ? 3.283   9.604   21.036  1.00 50.87 ? 138 ARG A NH1 1 
ATOM   1014 N NH2 . ARG A 1 150 ? 1.782   9.046   22.684  1.00 52.47 ? 138 ARG A NH2 1 
ATOM   1015 N N   . LYS A 1 151 ? 1.582   10.226  14.370  1.00 29.18 ? 139 LYS A N   1 
ATOM   1016 C CA  . LYS A 1 151 ? 2.173   10.519  13.050  1.00 29.17 ? 139 LYS A CA  1 
ATOM   1017 C C   . LYS A 1 151 ? 1.088   10.565  11.966  1.00 28.53 ? 139 LYS A C   1 
ATOM   1018 O O   . LYS A 1 151 ? 1.116   11.386  11.053  1.00 26.25 ? 139 LYS A O   1 
ATOM   1019 C CB  . LYS A 1 151 ? 3.229   9.471   12.687  1.00 29.97 ? 139 LYS A CB  1 
ATOM   1020 C CG  . LYS A 1 151 ? 4.476   9.472   13.564  1.00 33.22 ? 139 LYS A CG  1 
ATOM   1021 C CD  . LYS A 1 151 ? 5.596   10.284  12.951  1.00 38.05 ? 139 LYS A CD  1 
ATOM   1022 C CE  . LYS A 1 151 ? 6.868   10.282  13.824  1.00 39.27 ? 139 LYS A CE  1 
ATOM   1023 N NZ  . LYS A 1 151 ? 7.607   8.971   13.802  1.00 41.52 ? 139 LYS A NZ  1 
ATOM   1024 N N   . VAL A 1 152 ? 0.099   9.694   12.068  1.00 28.14 ? 140 VAL A N   1 
ATOM   1025 C CA  . VAL A 1 152 ? -0.979  9.733   11.080  1.00 28.67 ? 140 VAL A CA  1 
ATOM   1026 C C   . VAL A 1 152 ? -1.846  10.976  11.254  1.00 28.28 ? 140 VAL A C   1 
ATOM   1027 O O   . VAL A 1 152 ? -2.178  11.633  10.271  1.00 27.66 ? 140 VAL A O   1 
ATOM   1028 C CB  . VAL A 1 152 ? -1.836  8.463   11.124  1.00 28.54 ? 140 VAL A CB  1 
ATOM   1029 C CG1 . VAL A 1 152 ? -3.011  8.583   10.116  1.00 29.91 ? 140 VAL A CG1 1 
ATOM   1030 C CG2 . VAL A 1 152 ? -0.982  7.247   10.794  1.00 29.46 ? 140 VAL A CG2 1 
ATOM   1031 N N   . LYS A 1 153 ? -2.207  11.296  12.494  1.00 28.54 ? 141 LYS A N   1 
ATOM   1032 C CA  . LYS A 1 153 ? -2.942  12.530  12.776  1.00 28.78 ? 141 LYS A CA  1 
ATOM   1033 C C   . LYS A 1 153 ? -2.198  13.748  12.212  1.00 28.58 ? 141 LYS A C   1 
ATOM   1034 O O   . LYS A 1 153 ? -2.793  14.621  11.558  1.00 27.78 ? 141 LYS A O   1 
ATOM   1035 C CB  . LYS A 1 153 ? -3.152  12.708  14.276  1.00 29.11 ? 141 LYS A CB  1 
ATOM   1036 C CG  . LYS A 1 153 ? -4.158  11.701  14.884  1.00 32.32 ? 141 LYS A CG  1 
ATOM   1037 C CD  . LYS A 1 153 ? -4.223  11.842  16.404  1.00 35.36 ? 141 LYS A CD  1 
ATOM   1038 C CE  . LYS A 1 153 ? -5.210  10.844  17.038  1.00 38.10 ? 141 LYS A CE  1 
ATOM   1039 N NZ  . LYS A 1 153 ? -5.259  10.931  18.547  1.00 37.54 ? 141 LYS A NZ  1 
ATOM   1040 N N   . GLU A 1 154 ? -0.897  13.793  12.469  1.00 27.83 ? 142 GLU A N   1 
ATOM   1041 C CA  . GLU A 1 154 ? -0.067  14.915  12.035  1.00 28.58 ? 142 GLU A CA  1 
ATOM   1042 C C   . GLU A 1 154 ? -0.012  14.999  10.501  1.00 27.79 ? 142 GLU A C   1 
ATOM   1043 O O   . GLU A 1 154 ? -0.017  16.089  9.912   1.00 27.56 ? 142 GLU A O   1 
ATOM   1044 C CB  . GLU A 1 154 ? 1.343   14.778  12.628  1.00 29.02 ? 142 GLU A CB  1 
ATOM   1045 C CG  . GLU A 1 154 ? 1.386   15.025  14.142  1.00 32.20 ? 142 GLU A CG  1 
ATOM   1046 C CD  . GLU A 1 154 ? 2.663   14.545  14.845  1.00 35.76 ? 142 GLU A CD  1 
ATOM   1047 O OE1 . GLU A 1 154 ? 3.515   13.862  14.225  1.00 37.30 ? 142 GLU A OE1 1 
ATOM   1048 O OE2 . GLU A 1 154 ? 2.809   14.851  16.055  1.00 38.74 ? 142 GLU A OE2 1 
ATOM   1049 N N   . TYR A 1 155 ? 0.062   13.847  9.856   1.00 27.08 ? 143 TYR A N   1 
ATOM   1050 C CA  . TYR A 1 155 ? 0.058   13.763  8.393   1.00 26.33 ? 143 TYR A CA  1 
ATOM   1051 C C   . TYR A 1 155 ? -1.228  14.360  7.821   1.00 25.63 ? 143 TYR A C   1 
ATOM   1052 O O   . TYR A 1 155 ? -1.203  15.126  6.860   1.00 23.79 ? 143 TYR A O   1 
ATOM   1053 C CB  . TYR A 1 155 ? 0.203   12.298  7.976   1.00 26.90 ? 143 TYR A CB  1 
ATOM   1054 C CG  . TYR A 1 155 ? 0.182   12.066  6.495   1.00 28.24 ? 143 TYR A CG  1 
ATOM   1055 C CD1 . TYR A 1 155 ? 1.268   12.430  5.704   1.00 32.42 ? 143 TYR A CD1 1 
ATOM   1056 C CD2 . TYR A 1 155 ? -0.919  11.455  5.884   1.00 30.96 ? 143 TYR A CD2 1 
ATOM   1057 C CE1 . TYR A 1 155 ? 1.251   12.203  4.305   1.00 34.20 ? 143 TYR A CE1 1 
ATOM   1058 C CE2 . TYR A 1 155 ? -0.957  11.234  4.499   1.00 33.08 ? 143 TYR A CE2 1 
ATOM   1059 C CZ  . TYR A 1 155 ? 0.129   11.607  3.726   1.00 31.72 ? 143 TYR A CZ  1 
ATOM   1060 O OH  . TYR A 1 155 ? 0.096   11.365  2.367   1.00 35.71 ? 143 TYR A OH  1 
ATOM   1061 N N   . LYS A 1 156 ? -2.362  13.981  8.414   1.00 24.39 ? 144 LYS A N   1 
ATOM   1062 C CA  . LYS A 1 156 ? -3.666  14.514  7.983   1.00 24.97 ? 144 LYS A CA  1 
ATOM   1063 C C   . LYS A 1 156 ? -3.800  16.038  8.164   1.00 25.34 ? 144 LYS A C   1 
ATOM   1064 O O   . LYS A 1 156 ? -4.408  16.707  7.306   1.00 24.26 ? 144 LYS A O   1 
ATOM   1065 C CB  . LYS A 1 156 ? -4.785  13.777  8.699   1.00 25.59 ? 144 LYS A CB  1 
ATOM   1066 C CG  . LYS A 1 156 ? -4.863  12.355  8.198   1.00 26.92 ? 144 LYS A CG  1 
ATOM   1067 C CD  . LYS A 1 156 ? -5.894  11.510  8.955   1.00 27.41 ? 144 LYS A CD  1 
ATOM   1068 C CE  . LYS A 1 156 ? -7.310  11.710  8.422   1.00 28.06 ? 144 LYS A CE  1 
ATOM   1069 N NZ  . LYS A 1 156 ? -7.426  11.190  7.049   1.00 26.63 ? 144 LYS A NZ  1 
ATOM   1070 N N   . GLU A 1 157 ? -3.236  16.565  9.259   1.00 25.31 ? 145 GLU A N   1 
ATOM   1071 C CA  . GLU A 1 157 ? -3.196  18.017  9.499   1.00 26.33 ? 145 GLU A CA  1 
ATOM   1072 C C   . GLU A 1 157 ? -2.290  18.699  8.466   1.00 25.85 ? 145 GLU A C   1 
ATOM   1073 O O   . GLU A 1 157 ? -2.633  19.762  7.927   1.00 24.53 ? 145 GLU A O   1 
ATOM   1074 C CB  . GLU A 1 157 ? -2.736  18.346  10.928  1.00 27.36 ? 145 GLU A CB  1 
ATOM   1075 C CG  . GLU A 1 157 ? -3.762  17.905  11.984  1.00 30.24 ? 145 GLU A CG  1 
ATOM   1076 C CD  . GLU A 1 157 ? -5.031  18.770  12.045  1.00 36.34 ? 145 GLU A CD  1 
ATOM   1077 O OE1 . GLU A 1 157 ? -5.779  18.627  13.042  1.00 41.63 ? 145 GLU A OE1 1 
ATOM   1078 O OE2 . GLU A 1 157 ? -5.277  19.625  11.152  1.00 37.39 ? 145 GLU A OE2 1 
ATOM   1079 N N   . ARG A 1 158 ? -1.139  18.093  8.176   1.00 26.00 ? 146 ARG A N   1 
ATOM   1080 C CA  . ARG A 1 158 ? -0.269  18.642  7.134   1.00 26.52 ? 146 ARG A CA  1 
ATOM   1081 C C   . ARG A 1 158 ? -0.982  18.694  5.779   1.00 25.54 ? 146 ARG A C   1 
ATOM   1082 O O   . ARG A 1 158 ? -0.936  19.701  5.093   1.00 26.51 ? 146 ARG A O   1 
ATOM   1083 C CB  . ARG A 1 158 ? 1.019   17.827  7.022   1.00 26.82 ? 146 ARG A CB  1 
ATOM   1084 C CG  . ARG A 1 158 ? 2.108   18.449  6.108   1.00 33.03 ? 146 ARG A CG  1 
ATOM   1085 C CD  . ARG A 1 158 ? 3.574   18.060  6.489   1.00 37.98 ? 146 ARG A CD  1 
ATOM   1086 N NE  . ARG A 1 158 ? 3.629   17.337  7.773   1.00 44.01 ? 146 ARG A NE  1 
ATOM   1087 C CZ  . ARG A 1 158 ? 3.565   16.005  7.911   1.00 46.96 ? 146 ARG A CZ  1 
ATOM   1088 N NH1 . ARG A 1 158 ? 3.487   15.226  6.840   1.00 49.51 ? 146 ARG A NH1 1 
ATOM   1089 N NH2 . ARG A 1 158 ? 3.589   15.444  9.130   1.00 48.74 ? 146 ARG A NH2 1 
ATOM   1090 N N   . MET A 1 159 ? -1.617  17.595  5.377   1.00 25.67 ? 147 MET A N   1 
ATOM   1091 C CA  . MET A 1 159 ? -2.370  17.560  4.116   1.00 25.16 ? 147 MET A CA  1 
ATOM   1092 C C   . MET A 1 159 ? -3.417  18.640  4.070   1.00 23.96 ? 147 MET A C   1 
ATOM   1093 O O   . MET A 1 159 ? -3.617  19.268  3.049   1.00 24.99 ? 147 MET A O   1 
ATOM   1094 C CB  . MET A 1 159 ? -3.068  16.192  3.944   1.00 25.97 ? 147 MET A CB  1 
ATOM   1095 C CG  . MET A 1 159 ? -2.112  15.088  3.492   1.00 28.64 ? 147 MET A CG  1 
ATOM   1096 S SD  . MET A 1 159 ? -3.057  13.668  2.896   1.00 32.07 ? 147 MET A SD  1 
ATOM   1097 C CE  . MET A 1 159 ? -4.208  13.158  4.325   1.00 33.08 ? 147 MET A CE  1 
ATOM   1098 N N   . LYS A 1 160 ? -4.098  18.856  5.179   1.00 23.27 ? 148 LYS A N   1 
ATOM   1099 C CA  . LYS A 1 160 ? -5.074  19.939  5.295   1.00 23.94 ? 148 LYS A CA  1 
ATOM   1100 C C   . LYS A 1 160 ? -4.429  21.311  5.072   1.00 23.64 ? 148 LYS A C   1 
ATOM   1101 O O   . LYS A 1 160 ? -4.903  22.095  4.271   1.00 22.81 ? 148 LYS A O   1 
ATOM   1102 C CB  . LYS A 1 160 ? -5.719  19.809  6.672   1.00 25.39 ? 148 LYS A CB  1 
ATOM   1103 C CG  . LYS A 1 160 ? -6.715  20.821  7.067   1.00 29.83 ? 148 LYS A CG  1 
ATOM   1104 C CD  . LYS A 1 160 ? -7.430  20.234  8.317   1.00 35.89 ? 148 LYS A CD  1 
ATOM   1105 C CE  . LYS A 1 160 ? -7.583  21.222  9.375   1.00 38.69 ? 148 LYS A CE  1 
ATOM   1106 N NZ  . LYS A 1 160 ? -7.835  20.572  10.707  1.00 40.86 ? 148 LYS A NZ  1 
ATOM   1107 N N   . ARG A 1 161 ? -3.365  21.597  5.813   1.00 22.77 ? 149 ARG A N   1 
ATOM   1108 C CA  . ARG A 1 161 ? -2.669  22.869  5.711   1.00 23.58 ? 149 ARG A CA  1 
ATOM   1109 C C   . ARG A 1 161 ? -2.196  23.097  4.279   1.00 22.77 ? 149 ARG A C   1 
ATOM   1110 O O   . ARG A 1 161 ? -2.246  24.208  3.763   1.00 24.45 ? 149 ARG A O   1 
ATOM   1111 C CB  . ARG A 1 161 ? -1.482  22.896  6.680   1.00 23.84 ? 149 ARG A CB  1 
ATOM   1112 C CG  . ARG A 1 161 ? -0.588  24.125  6.516   1.00 25.37 ? 149 ARG A CG  1 
ATOM   1113 C CD  . ARG A 1 161 ? 0.634   24.164  7.430   1.00 28.89 ? 149 ARG A CD  1 
ATOM   1114 N NE  . ARG A 1 161 ? 1.467   22.948  7.438   1.00 30.29 ? 149 ARG A NE  1 
ATOM   1115 C CZ  . ARG A 1 161 ? 2.326   22.608  6.469   1.00 34.88 ? 149 ARG A CZ  1 
ATOM   1116 N NH1 . ARG A 1 161 ? 2.441   23.328  5.359   1.00 34.32 ? 149 ARG A NH1 1 
ATOM   1117 N NH2 . ARG A 1 161 ? 3.073   21.522  6.609   1.00 37.96 ? 149 ARG A NH2 1 
ATOM   1118 N N   . GLU A 1 162 ? -1.739  22.045  3.629   1.00 22.85 ? 150 GLU A N   1 
ATOM   1119 C CA  . GLU A 1 162 ? -1.229  22.145  2.256   1.00 24.63 ? 150 GLU A CA  1 
ATOM   1120 C C   . GLU A 1 162 ? -2.323  22.549  1.272   1.00 24.36 ? 150 GLU A C   1 
ATOM   1121 O O   . GLU A 1 162 ? -2.104  23.397  0.428   1.00 25.22 ? 150 GLU A O   1 
ATOM   1122 C CB  . GLU A 1 162 ? -0.532  20.855  1.832   1.00 25.00 ? 150 GLU A CB  1 
ATOM   1123 C CG  . GLU A 1 162 ? 0.822   20.695  2.507   1.00 30.01 ? 150 GLU A CG  1 
ATOM   1124 C CD  . GLU A 1 162 ? 1.523   19.393  2.174   1.00 35.88 ? 150 GLU A CD  1 
ATOM   1125 O OE1 . GLU A 1 162 ? 0.918   18.536  1.486   1.00 42.58 ? 150 GLU A OE1 1 
ATOM   1126 O OE2 . GLU A 1 162 ? 2.694   19.239  2.608   1.00 39.87 ? 150 GLU A OE2 1 
ATOM   1127 N N   . VAL A 1 163 ? -3.499  21.949  1.396   1.00 24.39 ? 151 VAL A N   1 
ATOM   1128 C CA  . VAL A 1 163 ? -4.654  22.366  0.596   1.00 24.02 ? 151 VAL A CA  1 
ATOM   1129 C C   . VAL A 1 163 ? -5.104  23.797  0.888   1.00 24.39 ? 151 VAL A C   1 
ATOM   1130 O O   . VAL A 1 163 ? -5.328  24.598  -0.037  1.00 24.45 ? 151 VAL A O   1 
ATOM   1131 C CB  . VAL A 1 163 ? -5.822  21.367  0.747   1.00 24.43 ? 151 VAL A CB  1 
ATOM   1132 C CG1 . VAL A 1 163 ? -7.056  21.906  0.062   1.00 25.72 ? 151 VAL A CG1 1 
ATOM   1133 C CG2 . VAL A 1 163 ? -5.439  20.015  0.146   1.00 25.31 ? 151 VAL A CG2 1 
ATOM   1134 N N   . LEU A 1 164 ? -5.140  24.177  2.157   1.00 24.67 ? 152 LEU A N   1 
ATOM   1135 C CA  . LEU A 1 164 ? -5.493  25.548  2.521   1.00 25.80 ? 152 LEU A CA  1 
ATOM   1136 C C   . LEU A 1 164 ? -4.577  26.591  1.890   1.00 25.43 ? 152 LEU A C   1 
ATOM   1137 O O   . LEU A 1 164 ? -5.050  27.601  1.428   1.00 25.64 ? 152 LEU A O   1 
ATOM   1138 C CB  . LEU A 1 164 ? -5.546  25.731  4.040   1.00 26.15 ? 152 LEU A CB  1 
ATOM   1139 C CG  . LEU A 1 164 ? -6.528  24.857  4.811   1.00 27.40 ? 152 LEU A CG  1 
ATOM   1140 C CD1 . LEU A 1 164 ? -6.523  25.149  6.302   1.00 27.71 ? 152 LEU A CD1 1 
ATOM   1141 C CD2 . LEU A 1 164 ? -7.914  24.992  4.259   1.00 29.32 ? 152 LEU A CD2 1 
ATOM   1142 N N   . GLU A 1 165 ? -3.284  26.305  1.826   1.00 25.32 ? 153 GLU A N   1 
ATOM   1143 C CA  . GLU A 1 165 ? -2.313  27.188  1.198   1.00 26.72 ? 153 GLU A CA  1 
ATOM   1144 C C   . GLU A 1 165 ? -2.508  27.290  -0.327  1.00 26.15 ? 153 GLU A C   1 
ATOM   1145 O O   . GLU A 1 165 ? -2.463  28.393  -0.869  1.00 25.65 ? 153 GLU A O   1 
ATOM   1146 C CB  . GLU A 1 165 ? -0.911  26.721  1.535   1.00 26.77 ? 153 GLU A CB  1 
ATOM   1147 C CG  . GLU A 1 165 ? -0.607  26.911  3.014   1.00 31.15 ? 153 GLU A CG  1 
ATOM   1148 C CD  . GLU A 1 165 ? 0.849   26.730  3.332   1.00 36.91 ? 153 GLU A CD  1 
ATOM   1149 O OE1 . GLU A 1 165 ? 1.345   25.582  3.258   1.00 41.55 ? 153 GLU A OE1 1 
ATOM   1150 O OE2 . GLU A 1 165 ? 1.490   27.748  3.641   1.00 44.11 ? 153 GLU A OE2 1 
ATOM   1151 N N   . LYS A 1 166 ? -2.781  26.156  -0.972  1.00 26.66 ? 154 LYS A N   1 
ATOM   1152 C CA  . LYS A 1 166 ? -3.098  26.124  -2.391  1.00 26.93 ? 154 LYS A CA  1 
ATOM   1153 C C   . LYS A 1 166 ? -4.365  26.911  -2.696  1.00 25.38 ? 154 LYS A C   1 
ATOM   1154 O O   . LYS A 1 166 ? -4.428  27.661  -3.660  1.00 23.66 ? 154 LYS A O   1 
ATOM   1155 C CB  . LYS A 1 166 ? -3.224  24.670  -2.888  1.00 26.38 ? 154 LYS A CB  1 
ATOM   1156 C CG  . LYS A 1 166 ? -1.847  23.965  -2.939  1.00 29.90 ? 154 LYS A CG  1 
ATOM   1157 C CD  . LYS A 1 166 ? -1.932  22.647  -3.624  1.00 34.08 ? 154 LYS A CD  1 
ATOM   1158 C CE  . LYS A 1 166 ? -0.574  22.012  -3.837  1.00 37.42 ? 154 LYS A CE  1 
ATOM   1159 N NZ  . LYS A 1 166 ? -0.771  20.584  -4.224  1.00 39.46 ? 154 LYS A NZ  1 
ATOM   1160 N N   . ALA A 1 167 ? -5.381  26.732  -1.872  1.00 25.91 ? 155 ALA A N   1 
ATOM   1161 C CA  . ALA A 1 167 ? -6.635  27.433  -2.072  1.00 26.15 ? 155 ALA A CA  1 
ATOM   1162 C C   . ALA A 1 167 ? -6.450  28.918  -1.957  1.00 26.70 ? 155 ALA A C   1 
ATOM   1163 O O   . ALA A 1 167 ? -6.985  29.673  -2.752  1.00 26.40 ? 155 ALA A O   1 
ATOM   1164 C CB  . ALA A 1 167 ? -7.705  26.902  -1.060  1.00 26.33 ? 155 ALA A CB  1 
ATOM   1165 N N   . GLN A 1 168 ? -5.663  29.352  -0.969  1.00 27.22 ? 156 GLN A N   1 
ATOM   1166 C CA  . GLN A 1 168 ? -5.427  30.743  -0.721  1.00 28.36 ? 156 GLN A CA  1 
ATOM   1167 C C   . GLN A 1 168 ? -4.707  31.298  -1.956  1.00 27.32 ? 156 GLN A C   1 
ATOM   1168 O O   . GLN A 1 168 ? -5.106  32.320  -2.511  1.00 26.96 ? 156 GLN A O   1 
ATOM   1169 C CB  . GLN A 1 168 ? -4.591  30.877  0.567   1.00 29.04 ? 156 GLN A CB  1 
ATOM   1170 C CG  . GLN A 1 168 ? -3.815  32.142  0.767   1.00 33.35 ? 156 GLN A CG  1 
ATOM   1171 C CD  . GLN A 1 168 ? -2.660  31.907  1.760   1.00 38.08 ? 156 GLN A CD  1 
ATOM   1172 O OE1 . GLN A 1 168 ? -1.491  31.979  1.386   1.00 40.12 ? 156 GLN A OE1 1 
ATOM   1173 N NE2 . GLN A 1 168 ? -3.001  31.543  3.002   1.00 35.85 ? 156 GLN A NE2 1 
ATOM   1174 N N   . ARG A 1 169 ? -3.695  30.576  -2.421  1.00 26.62 ? 157 ARG A N   1 
ATOM   1175 C CA  . ARG A 1 169 ? -2.932  31.019  -3.609  1.00 26.69 ? 157 ARG A CA  1 
ATOM   1176 C C   . ARG A 1 169 ? -3.798  31.160  -4.867  1.00 24.75 ? 157 ARG A C   1 
ATOM   1177 O O   . ARG A 1 169 ? -3.733  32.167  -5.561  1.00 24.78 ? 157 ARG A O   1 
ATOM   1178 C CB  . ARG A 1 169 ? -1.762  30.070  -3.864  1.00 27.63 ? 157 ARG A CB  1 
ATOM   1179 C CG  . ARG A 1 169 ? -0.813  30.525  -5.019  1.00 30.87 ? 157 ARG A CG  1 
ATOM   1180 C CD  A ARG A 1 169 ? 0.574   29.905  -4.881  0.65 34.69 ? 157 ARG A CD  1 
ATOM   1181 C CD  B ARG A 1 169 ? 0.667   30.138  -4.844  0.35 31.71 ? 157 ARG A CD  1 
ATOM   1182 N NE  A ARG A 1 169 ? 1.477   30.092  -6.024  0.65 38.14 ? 157 ARG A NE  1 
ATOM   1183 N NE  B ARG A 1 169 ? 1.576   30.847  -5.765  0.35 31.82 ? 157 ARG A NE  1 
ATOM   1184 C CZ  A ARG A 1 169 ? 1.615   29.254  -7.058  0.65 38.88 ? 157 ARG A CZ  1 
ATOM   1185 C CZ  B ARG A 1 169 ? 2.125   32.057  -5.575  0.35 32.06 ? 157 ARG A CZ  1 
ATOM   1186 N NH1 A ARG A 1 169 ? 0.894   28.147  -7.166  0.65 40.37 ? 157 ARG A NH1 1 
ATOM   1187 N NH1 B ARG A 1 169 ? 1.879   32.781  -4.485  0.35 31.74 ? 157 ARG A NH1 1 
ATOM   1188 N NH2 A ARG A 1 169 ? 2.497   29.531  -8.002  0.65 38.92 ? 157 ARG A NH2 1 
ATOM   1189 N NH2 B ARG A 1 169 ? 2.931   32.554  -6.502  0.35 31.39 ? 157 ARG A NH2 1 
ATOM   1190 N N   . LEU A 1 170 ? -4.593  30.152  -5.189  1.00 25.59 ? 158 LEU A N   1 
ATOM   1191 C CA  . LEU A 1 170 ? -5.523  30.242  -6.316  1.00 24.91 ? 158 LEU A CA  1 
ATOM   1192 C C   . LEU A 1 170 ? -6.461  31.460  -6.224  1.00 25.82 ? 158 LEU A C   1 
ATOM   1193 O O   . LEU A 1 170 ? -6.698  32.176  -7.215  1.00 25.35 ? 158 LEU A O   1 
ATOM   1194 C CB  . LEU A 1 170 ? -6.346  28.949  -6.375  1.00 24.65 ? 158 LEU A CB  1 
ATOM   1195 C CG  . LEU A 1 170 ? -7.312  28.830  -7.538  1.00 25.40 ? 158 LEU A CG  1 
ATOM   1196 C CD1 . LEU A 1 170 ? -6.621  29.113  -8.863  1.00 26.86 ? 158 LEU A CD1 1 
ATOM   1197 C CD2 . LEU A 1 170 ? -7.927  27.438  -7.516  1.00 24.22 ? 158 LEU A CD2 1 
ATOM   1198 N N   . GLU A 1 171 ? -6.982  31.698  -5.023  1.00 26.95 ? 159 GLU A N   1 
ATOM   1199 C CA  . GLU A 1 171 ? -7.877  32.830  -4.770  1.00 28.58 ? 159 GLU A CA  1 
ATOM   1200 C C   . GLU A 1 171 ? -7.119  34.156  -4.895  1.00 28.56 ? 159 GLU A C   1 
ATOM   1201 O O   . GLU A 1 171 ? -7.671  35.155  -5.326  1.00 29.83 ? 159 GLU A O   1 
ATOM   1202 C CB  . GLU A 1 171 ? -8.545  32.713  -3.380  1.00 28.73 ? 159 GLU A CB  1 
ATOM   1203 C CG  . GLU A 1 171 ? -9.550  31.551  -3.230  1.00 31.98 ? 159 GLU A CG  1 
ATOM   1204 C CD  . GLU A 1 171 ? -9.927  31.234  -1.777  1.00 36.41 ? 159 GLU A CD  1 
ATOM   1205 O OE1 . GLU A 1 171 ? -9.598  32.042  -0.878  1.00 41.22 ? 159 GLU A OE1 1 
ATOM   1206 O OE2 . GLU A 1 171 ? -10.557 30.162  -1.507  1.00 34.94 ? 159 GLU A OE2 1 
ATOM   1207 N N   . GLN A 1 172 ? -5.839  34.152  -4.562  1.00 29.23 ? 160 GLN A N   1 
ATOM   1208 C CA  . GLN A 1 172 ? -5.027  35.371  -4.659  1.00 29.00 ? 160 GLN A CA  1 
ATOM   1209 C C   . GLN A 1 172 ? -4.496  35.692  -6.075  1.00 28.87 ? 160 GLN A C   1 
ATOM   1210 O O   . GLN A 1 172 ? -4.494  36.857  -6.496  1.00 28.04 ? 160 GLN A O   1 
ATOM   1211 C CB  . GLN A 1 172 ? -3.865  35.289  -3.657  1.00 29.85 ? 160 GLN A CB  1 
ATOM   1212 C CG  . GLN A 1 172 ? -4.309  35.384  -2.182  1.00 31.17 ? 160 GLN A CG  1 
ATOM   1213 C CD  . GLN A 1 172 ? -4.683  36.781  -1.792  1.00 30.60 ? 160 GLN A CD  1 
ATOM   1214 O OE1 . GLN A 1 172 ? -3.981  37.723  -2.127  1.00 32.35 ? 160 GLN A OE1 1 
ATOM   1215 N NE2 . GLN A 1 172 ? -5.816  36.929  -1.119  1.00 34.54 ? 160 GLN A NE2 1 
ATOM   1216 N N   . ILE A 1 173 ? -4.020  34.685  -6.809  1.00 28.07 ? 161 ILE A N   1 
ATOM   1217 C CA  . ILE A 1 173 ? -3.388  34.964  -8.120  1.00 27.63 ? 161 ILE A CA  1 
ATOM   1218 C C   . ILE A 1 173 ? -4.252  34.592  -9.322  1.00 27.50 ? 161 ILE A C   1 
ATOM   1219 O O   . ILE A 1 173 ? -3.979  35.019  -10.440 1.00 27.80 ? 161 ILE A O   1 
ATOM   1220 C CB  . ILE A 1 173 ? -2.015  34.277  -8.220  1.00 27.81 ? 161 ILE A CB  1 
ATOM   1221 C CG1 . ILE A 1 173 ? -2.162  32.748  -8.254  1.00 25.42 ? 161 ILE A CG1 1 
ATOM   1222 C CG2 . ILE A 1 173 ? -1.107  34.743  -7.066  1.00 26.89 ? 161 ILE A CG2 1 
ATOM   1223 C CD1 . ILE A 1 173 ? -0.860  31.982  -8.485  1.00 26.71 ? 161 ILE A CD1 1 
ATOM   1224 N N   . GLY A 1 174 ? -5.295  33.801  -9.103  1.00 27.01 ? 162 GLY A N   1 
ATOM   1225 C CA  . GLY A 1 174 ? -6.221  33.445  -10.174 1.00 27.22 ? 162 GLY A CA  1 
ATOM   1226 C C   . GLY A 1 174 ? -5.749  32.233  -10.957 1.00 27.16 ? 162 GLY A C   1 
ATOM   1227 O O   . GLY A 1 174 ? -4.545  31.948  -10.978 1.00 28.93 ? 162 GLY A O   1 
ATOM   1228 N N   . TYR A 1 175 ? -6.671  31.565  -11.650 1.00 25.34 ? 163 TYR A N   1 
ATOM   1229 C CA  . TYR A 1 175 ? -6.352  30.327  -12.349 1.00 25.69 ? 163 TYR A CA  1 
ATOM   1230 C C   . TYR A 1 175 ? -5.317  30.482  -13.463 1.00 25.36 ? 163 TYR A C   1 
ATOM   1231 O O   . TYR A 1 175 ? -4.439  29.636  -13.608 1.00 25.22 ? 163 TYR A O   1 
ATOM   1232 C CB  . TYR A 1 175 ? -7.626  29.600  -12.879 1.00 25.05 ? 163 TYR A CB  1 
ATOM   1233 C CG  . TYR A 1 175 ? -8.259  30.153  -14.119 1.00 26.76 ? 163 TYR A CG  1 
ATOM   1234 C CD1 . TYR A 1 175 ? -7.744  29.860  -15.377 1.00 27.77 ? 163 TYR A CD1 1 
ATOM   1235 C CD2 . TYR A 1 175 ? -9.380  30.984  -14.052 1.00 27.81 ? 163 TYR A CD2 1 
ATOM   1236 C CE1 . TYR A 1 175 ? -8.292  30.384  -16.512 1.00 28.75 ? 163 TYR A CE1 1 
ATOM   1237 C CE2 . TYR A 1 175 ? -9.936  31.511  -15.198 1.00 28.74 ? 163 TYR A CE2 1 
ATOM   1238 C CZ  . TYR A 1 175 ? -9.397  31.184  -16.427 1.00 28.80 ? 163 TYR A CZ  1 
ATOM   1239 O OH  . TYR A 1 175 ? -9.910  31.690  -17.581 1.00 31.29 ? 163 TYR A OH  1 
ATOM   1240 N N   . LYS A 1 176 ? -5.430  31.529  -14.252 1.00 26.85 ? 164 LYS A N   1 
ATOM   1241 C CA  . LYS A 1 176 ? -4.469  31.739  -15.330 1.00 28.18 ? 164 LYS A CA  1 
ATOM   1242 C C   . LYS A 1 176 ? -3.063  31.668  -14.762 1.00 28.76 ? 164 LYS A C   1 
ATOM   1243 O O   . LYS A 1 176 ? -2.256  30.849  -15.189 1.00 29.47 ? 164 LYS A O   1 
ATOM   1244 C CB  . LYS A 1 176 ? -4.663  33.083  -16.014 1.00 28.52 ? 164 LYS A CB  1 
ATOM   1245 C CG  . LYS A 1 176 ? -5.685  33.085  -17.126 1.00 31.50 ? 164 LYS A CG  1 
ATOM   1246 C CD  . LYS A 1 176 ? -5.279  34.049  -18.235 1.00 31.50 ? 164 LYS A CD  1 
ATOM   1247 N N   . GLU A 1 177 ? -2.767  32.541  -13.801 1.00 29.33 ? 165 GLU A N   1 
ATOM   1248 C CA  . GLU A 1 177 ? -1.412  32.596  -13.227 1.00 29.82 ? 165 GLU A CA  1 
ATOM   1249 C C   . GLU A 1 177 ? -1.059  31.344  -12.455 1.00 29.15 ? 165 GLU A C   1 
ATOM   1250 O O   . GLU A 1 177 ? 0.074   30.860  -12.499 1.00 28.62 ? 165 GLU A O   1 
ATOM   1251 C CB  . GLU A 1 177 ? -1.264  33.829  -12.329 1.00 30.49 ? 165 GLU A CB  1 
ATOM   1252 C CG  . GLU A 1 177 ? 0.179   34.245  -12.065 1.00 33.44 ? 165 GLU A CG  1 
ATOM   1253 C CD  . GLU A 1 177 ? 1.015   34.373  -13.326 1.00 36.48 ? 165 GLU A CD  1 
ATOM   1254 O OE1 . GLU A 1 177 ? 0.626   35.142  -14.251 1.00 39.89 ? 165 GLU A OE1 1 
ATOM   1255 O OE2 . GLU A 1 177 ? 2.067   33.690  -13.401 1.00 39.53 ? 165 GLU A OE2 1 
ATOM   1256 N N   . TYR A 1 178 ? -2.032  30.762  -11.766 1.00 28.48 ? 166 TYR A N   1 
ATOM   1257 C CA  . TYR A 1 178 ? -1.735  29.548  -11.029 1.00 28.93 ? 166 TYR A CA  1 
ATOM   1258 C C   . TYR A 1 178 ? -1.210  28.481  -11.999 1.00 30.97 ? 166 TYR A C   1 
ATOM   1259 O O   . TYR A 1 178 ? -0.211  27.806  -11.721 1.00 30.95 ? 166 TYR A O   1 
ATOM   1260 C CB  . TYR A 1 178 ? -2.993  29.047  -10.280 1.00 27.85 ? 166 TYR A CB  1 
ATOM   1261 C CG  . TYR A 1 178 ? -2.730  27.989  -9.229  1.00 27.44 ? 166 TYR A CG  1 
ATOM   1262 C CD1 . TYR A 1 178 ? -2.743  28.315  -7.882  1.00 26.76 ? 166 TYR A CD1 1 
ATOM   1263 C CD2 . TYR A 1 178 ? -2.536  26.659  -9.567  1.00 25.81 ? 166 TYR A CD2 1 
ATOM   1264 C CE1 . TYR A 1 178 ? -2.521  27.381  -6.917  1.00 25.66 ? 166 TYR A CE1 1 
ATOM   1265 C CE2 . TYR A 1 178 ? -2.304  25.733  -8.624  1.00 26.95 ? 166 TYR A CE2 1 
ATOM   1266 C CZ  . TYR A 1 178 ? -2.294  26.103  -7.272  1.00 26.30 ? 166 TYR A CZ  1 
ATOM   1267 O OH  . TYR A 1 178 ? -2.065  25.177  -6.303  1.00 27.03 ? 166 TYR A OH  1 
ATOM   1268 N N   . LEU A 1 179 ? -1.899  28.331  -13.132 1.00 32.88 ? 167 LEU A N   1 
ATOM   1269 C CA  . LEU A 1 179 ? -1.528  27.334  -14.143 1.00 34.56 ? 167 LEU A CA  1 
ATOM   1270 C C   . LEU A 1 179 ? -0.184  27.665  -14.815 1.00 37.56 ? 167 LEU A C   1 
ATOM   1271 O O   . LEU A 1 179 ? 0.611   26.766  -15.067 1.00 38.10 ? 167 LEU A O   1 
ATOM   1272 C CB  . LEU A 1 179 ? -2.639  27.184  -15.183 1.00 34.07 ? 167 LEU A CB  1 
ATOM   1273 C CG  . LEU A 1 179 ? -3.849  26.402  -14.619 1.00 31.35 ? 167 LEU A CG  1 
ATOM   1274 C CD1 . LEU A 1 179 ? -5.007  26.474  -15.570 1.00 30.93 ? 167 LEU A CD1 1 
ATOM   1275 C CD2 . LEU A 1 179 ? -3.507  24.959  -14.331 1.00 31.21 ? 167 LEU A CD2 1 
ATOM   1276 N N   . ASN A 1 180 ? 0.061   28.936  -15.079 1.00 40.69 ? 168 ASN A N   1 
ATOM   1277 C CA  . ASN A 1 180 ? 1.351   29.377  -15.662 1.00 44.17 ? 168 ASN A CA  1 
ATOM   1278 C C   . ASN A 1 180 ? 2.571   29.060  -14.799 1.00 46.46 ? 168 ASN A C   1 
ATOM   1279 O O   . ASN A 1 180 ? 3.687   28.951  -15.300 1.00 47.10 ? 168 ASN A O   1 
ATOM   1280 C CB  . ASN A 1 180 ? 1.325   30.880  -15.907 1.00 44.46 ? 168 ASN A CB  1 
ATOM   1281 C CG  . ASN A 1 180 ? 0.342   31.272  -16.987 1.00 47.07 ? 168 ASN A CG  1 
ATOM   1282 O OD1 . ASN A 1 180 ? -0.128  30.415  -17.753 1.00 51.54 ? 168 ASN A OD1 1 
ATOM   1283 N ND2 . ASN A 1 180 ? 0.011   32.561  -17.053 1.00 47.50 ? 168 ASN A ND2 1 
ATOM   1284 N N   . GLN A 1 181 ? 2.359   28.954  -13.493 1.00 48.89 ? 169 GLN A N   1 
ATOM   1285 C CA  . GLN A 1 181 ? 3.442   28.668  -12.555 1.00 50.73 ? 169 GLN A CA  1 
ATOM   1286 C C   . GLN A 1 181 ? 3.467   27.184  -12.232 1.00 52.01 ? 169 GLN A C   1 
ATOM   1287 O O   . GLN A 1 181 ? 4.499   26.641  -11.836 1.00 52.74 ? 169 GLN A O   1 
ATOM   1288 C CB  . GLN A 1 181 ? 3.274   29.538  -11.304 1.00 50.82 ? 169 GLN A CB  1 
ATOM   1289 C CG  . GLN A 1 181 ? 3.424   31.036  -11.646 1.00 52.12 ? 169 GLN A CG  1 
ATOM   1290 C CD  . GLN A 1 181 ? 3.175   31.979  -10.475 1.00 53.64 ? 169 GLN A CD  1 
ATOM   1291 O OE1 . GLN A 1 181 ? 2.690   31.563  -9.424  1.00 54.63 ? 169 GLN A OE1 1 
ATOM   1292 N NE2 . GLN A 1 181 ? 3.488   33.254  -10.666 1.00 53.05 ? 169 GLN A NE2 1 
ATOM   1293 N N   . LYS A 1 182 ? 2.320   26.535  -12.427 1.00 53.36 ? 170 LYS A N   1 
ATOM   1294 C CA  . LYS A 1 182 ? 2.183   25.089  -12.288 1.00 54.13 ? 170 LYS A CA  1 
ATOM   1295 C C   . LYS A 1 182 ? 2.701   24.427  -13.563 1.00 54.49 ? 170 LYS A C   1 
ATOM   1296 O O   . LYS A 1 182 ? 3.736   23.767  -13.551 1.00 54.94 ? 170 LYS A O   1 
ATOM   1297 C CB  . LYS A 1 182 ? 0.706   24.732  -12.055 1.00 54.32 ? 170 LYS A CB  1 
ATOM   1298 C CG  . LYS A 1 182 ? 0.429   23.273  -11.761 1.00 55.82 ? 170 LYS A CG  1 
ATOM   1299 C CD  . LYS A 1 182 ? -1.074  22.996  -11.659 1.00 56.58 ? 170 LYS A CD  1 
ATOM   1300 C CE  . LYS A 1 182 ? -1.379  21.508  -11.796 1.00 57.51 ? 170 LYS A CE  1 
ATOM   1301 N NZ  . LYS A 1 182 ? -0.626  20.682  -10.798 1.00 57.55 ? 170 LYS A NZ  1 
HETATM 1302 S S   . SO4 B 2 .   ? 3.751   -12.869 -11.194 1.00 54.51 ? 200 SO4 A S   1 
HETATM 1303 O O1  . SO4 B 2 .   ? 3.855   -13.346 -9.812  1.00 49.89 ? 200 SO4 A O1  1 
HETATM 1304 O O2  . SO4 B 2 .   ? 4.464   -13.786 -12.078 1.00 56.23 ? 200 SO4 A O2  1 
HETATM 1305 O O3  . SO4 B 2 .   ? 2.348   -12.896 -11.597 1.00 54.91 ? 200 SO4 A O3  1 
HETATM 1306 O O4  . SO4 B 2 .   ? 4.293   -11.540 -11.331 1.00 54.92 ? 200 SO4 A O4  1 
HETATM 1307 S S   . SO4 C 2 .   ? -6.440  3.579   -22.260 0.25 39.85 ? 201 SO4 A S   1 
HETATM 1308 O O1  . SO4 C 2 .   ? -5.827  3.314   -20.963 0.25 40.13 ? 201 SO4 A O1  1 
HETATM 1309 O O2  . SO4 C 2 .   ? -5.980  2.573   -23.215 0.25 40.06 ? 201 SO4 A O2  1 
HETATM 1310 O O3  . SO4 C 2 .   ? -7.896  3.521   -22.136 0.25 40.33 ? 201 SO4 A O3  1 
HETATM 1311 O O4  . SO4 C 2 .   ? -6.054  4.910   -22.719 0.25 40.29 ? 201 SO4 A O4  1 
HETATM 1312 O O   . HOH D 3 .   ? -6.865  4.045   -2.192  1.00 20.39 ? 202 HOH A O   1 
HETATM 1313 O O   . HOH D 3 .   ? -5.224  -11.599 -4.707  1.00 22.14 ? 203 HOH A O   1 
HETATM 1314 O O   . HOH D 3 .   ? 9.412   -20.810 -4.650  1.00 25.46 ? 204 HOH A O   1 
HETATM 1315 O O   . HOH D 3 .   ? -6.613  16.084  6.189   1.00 24.13 ? 205 HOH A O   1 
HETATM 1316 O O   . HOH D 3 .   ? -6.031  -9.984  5.472   1.00 24.03 ? 206 HOH A O   1 
HETATM 1317 O O   . HOH D 3 .   ? -11.214 -8.380  -0.166  1.00 18.80 ? 207 HOH A O   1 
HETATM 1318 O O   . HOH D 3 .   ? 0.054   -12.547 -8.292  1.00 21.08 ? 208 HOH A O   1 
HETATM 1319 O O   . HOH D 3 .   ? 6.006   -21.173 -12.413 1.00 20.57 ? 209 HOH A O   1 
HETATM 1320 O O   . HOH D 3 .   ? 2.795   -12.687 -7.917  1.00 26.23 ? 210 HOH A O   1 
HETATM 1321 O O   . HOH D 3 .   ? -5.240  -12.562 6.620   1.00 22.61 ? 211 HOH A O   1 
HETATM 1322 O O   . HOH D 3 .   ? -4.519  4.688   13.721  1.00 31.40 ? 212 HOH A O   1 
HETATM 1323 O O   . HOH D 3 .   ? 4.708   7.737   -1.444  1.00 33.48 ? 213 HOH A O   1 
HETATM 1324 O O   . HOH D 3 .   ? -5.543  9.478   6.054   1.00 23.31 ? 214 HOH A O   1 
HETATM 1325 O O   . HOH D 3 .   ? -5.750  6.556   -6.749  1.00 33.02 ? 215 HOH A O   1 
HETATM 1326 O O   . HOH D 3 .   ? 0.167   -11.398 -10.714 1.00 31.29 ? 216 HOH A O   1 
HETATM 1327 O O   . HOH D 3 .   ? -6.195  4.527   -9.376  1.00 25.75 ? 217 HOH A O   1 
HETATM 1328 O O   . HOH D 3 .   ? -18.504 -15.522 -0.609  1.00 38.45 ? 218 HOH A O   1 
HETATM 1329 O O   . HOH D 3 .   ? 2.312   -15.104 9.425   1.00 25.16 ? 219 HOH A O   1 
HETATM 1330 O O   . HOH D 3 .   ? 14.248  -4.631  2.409   1.00 36.76 ? 220 HOH A O   1 
HETATM 1331 O O   . HOH D 3 .   ? 8.144   -22.859 -5.685  1.00 34.90 ? 221 HOH A O   1 
HETATM 1332 O O   . HOH D 3 .   ? 2.618   -8.713  -10.334 1.00 28.44 ? 222 HOH A O   1 
HETATM 1333 O O   . HOH D 3 .   ? -4.522  40.220  -2.205  1.00 27.78 ? 223 HOH A O   1 
HETATM 1334 O O   . HOH D 3 .   ? 1.067   -5.340  -18.220 1.00 49.87 ? 224 HOH A O   1 
HETATM 1335 O O   . HOH D 3 .   ? 2.772   -9.731  -7.704  1.00 32.60 ? 225 HOH A O   1 
HETATM 1336 O O   . HOH D 3 .   ? 11.473  3.413   7.713   1.00 35.79 ? 226 HOH A O   1 
HETATM 1337 O O   . HOH D 3 .   ? 4.703   -16.847 11.773  1.00 32.43 ? 227 HOH A O   1 
HETATM 1338 O O   . HOH D 3 .   ? 7.677   -22.710 6.505   1.00 43.90 ? 228 HOH A O   1 
HETATM 1339 O O   . HOH D 3 .   ? -7.093  -10.885 -3.017  1.00 36.15 ? 229 HOH A O   1 
HETATM 1340 O O   . HOH D 3 .   ? -4.459  34.522  -13.005 1.00 35.79 ? 230 HOH A O   1 
HETATM 1341 O O   . HOH D 3 .   ? 9.124   0.685   13.264  1.00 41.25 ? 231 HOH A O   1 
HETATM 1342 O O   . HOH D 3 .   ? -9.056  32.796  -11.128 1.00 39.11 ? 232 HOH A O   1 
HETATM 1343 O O   . HOH D 3 .   ? -6.818  33.570  0.374   1.00 40.95 ? 233 HOH A O   1 
HETATM 1344 O O   . HOH D 3 .   ? -12.790 30.073  -0.296  1.00 40.55 ? 234 HOH A O   1 
HETATM 1345 O O   . HOH D 3 .   ? -5.384  -21.187 6.193   1.00 34.53 ? 235 HOH A O   1 
HETATM 1346 O O   . HOH D 3 .   ? -2.639  29.625  -17.718 1.00 44.55 ? 236 HOH A O   1 
HETATM 1347 O O   . HOH D 3 .   ? 7.740   -0.973  -14.387 1.00 40.84 ? 237 HOH A O   1 
HETATM 1348 O O   . HOH D 3 .   ? 3.482   12.328  10.181  1.00 40.73 ? 238 HOH A O   1 
HETATM 1349 O O   . HOH D 3 .   ? -10.134 36.007  -4.412  1.00 58.31 ? 239 HOH A O   1 
HETATM 1350 O O   . HOH D 3 .   ? -7.053  29.146  3.041   0.50 30.03 ? 240 HOH A O   1 
HETATM 1351 O O   . HOH D 3 .   ? -3.012  5.432   -7.962  1.00 37.45 ? 241 HOH A O   1 
HETATM 1352 O O   . HOH D 3 .   ? -5.776  7.133   7.487   1.00 28.58 ? 242 HOH A O   1 
HETATM 1353 O O   . HOH D 3 .   ? 11.963  -11.644 4.126   1.00 47.35 ? 243 HOH A O   1 
HETATM 1354 O O   . HOH D 3 .   ? 13.657  -10.811 10.082  1.00 53.18 ? 244 HOH A O   1 
HETATM 1355 O O   . HOH D 3 .   ? -19.487 -14.959 1.986   1.00 52.19 ? 245 HOH A O   1 
HETATM 1356 O O   . HOH D 3 .   ? 1.175   -16.970 11.458  1.00 49.57 ? 246 HOH A O   1 
HETATM 1357 O O   . HOH D 3 .   ? -16.526 -12.948 -4.285  1.00 41.90 ? 247 HOH A O   1 
HETATM 1358 O O   . HOH D 3 .   ? 1.664   1.316   -13.733 1.00 40.94 ? 248 HOH A O   1 
HETATM 1359 O O   . HOH D 3 .   ? -2.529  3.633   19.881  1.00 43.90 ? 249 HOH A O   1 
HETATM 1360 O O   . HOH D 3 .   ? 1.054   5.406   -4.807  1.00 28.00 ? 250 HOH A O   1 
HETATM 1361 O O   . HOH D 3 .   ? -5.449  14.859  12.329  1.00 40.36 ? 251 HOH A O   1 
HETATM 1362 O O   . HOH D 3 .   ? 1.560   -8.047  16.969  1.00 49.21 ? 252 HOH A O   1 
HETATM 1363 O O   . HOH D 3 .   ? 5.065   -25.005 0.386   1.00 43.94 ? 253 HOH A O   1 
HETATM 1364 O O   . HOH D 3 .   ? 5.474   10.012  0.160   1.00 42.20 ? 254 HOH A O   1 
HETATM 1365 O O   . HOH D 3 .   ? -9.290  32.259  -8.052  1.00 44.38 ? 255 HOH A O   1 
HETATM 1366 O O   . HOH D 3 .   ? 4.136   -10.185 14.359  0.50 22.05 ? 256 HOH A O   1 
HETATM 1367 O O   . HOH D 3 .   ? 5.355   -0.355  -11.203 1.00 38.58 ? 257 HOH A O   1 
HETATM 1368 O O   . HOH D 3 .   ? 12.106  7.469   -2.527  1.00 51.91 ? 258 HOH A O   1 
HETATM 1369 O O   . HOH D 3 .   ? 9.638   9.424   2.216   1.00 50.75 ? 259 HOH A O   1 
HETATM 1370 O O   . HOH D 3 .   ? 9.761   9.904   11.696  1.00 54.36 ? 260 HOH A O   1 
HETATM 1371 O O   . HOH D 3 .   ? 7.253   6.161   14.408  1.00 54.13 ? 261 HOH A O   1 
HETATM 1372 O O   . HOH D 3 .   ? 13.216  0.058   7.835   1.00 41.91 ? 262 HOH A O   1 
HETATM 1373 O O   . HOH D 3 .   ? 10.097  -17.126 1.646   1.00 39.12 ? 263 HOH A O   1 
HETATM 1374 O O   . HOH D 3 .   ? -3.405  -18.561 10.126  1.00 39.67 ? 264 HOH A O   1 
HETATM 1375 O O   . HOH D 3 .   ? -1.402  -17.629 10.949  1.00 40.05 ? 265 HOH A O   1 
HETATM 1376 O O   . HOH D 3 .   ? -1.703  -10.823 14.853  1.00 41.57 ? 266 HOH A O   1 
HETATM 1377 O O   . HOH D 3 .   ? -0.782  5.552   -11.822 1.00 43.41 ? 267 HOH A O   1 
HETATM 1378 O O   . HOH D 3 .   ? -2.869  -7.806  -17.553 1.00 34.93 ? 268 HOH A O   1 
HETATM 1379 O O   . HOH D 3 .   ? -1.229  6.676   -6.465  1.00 43.83 ? 269 HOH A O   1 
HETATM 1380 O O   . HOH D 3 .   ? -1.813  8.805   20.138  1.00 51.83 ? 270 HOH A O   1 
HETATM 1381 O O   . HOH D 3 .   ? -3.027  6.535   20.363  1.00 47.59 ? 271 HOH A O   1 
HETATM 1382 O O   . HOH D 3 .   ? 3.502   15.147  4.115   1.00 49.81 ? 272 HOH A O   1 
HETATM 1383 O O   . HOH D 3 .   ? 4.876   13.201  7.791   1.00 61.03 ? 273 HOH A O   1 
HETATM 1384 O O   . HOH D 3 .   ? 1.785   12.387  1.021   1.00 48.26 ? 274 HOH A O   1 
HETATM 1385 O O   . HOH D 3 .   ? 4.090   12.180  1.566   1.00 54.19 ? 275 HOH A O   1 
HETATM 1386 O O   . HOH D 3 .   ? -0.892  13.119  0.016   1.00 55.09 ? 276 HOH A O   1 
HETATM 1387 O O   . HOH D 3 .   ? -2.451  18.102  0.656   1.00 31.74 ? 277 HOH A O   1 
HETATM 1388 O O   . HOH D 3 .   ? -2.358  19.707  -1.419  1.00 38.56 ? 278 HOH A O   1 
HETATM 1389 O O   . HOH D 3 .   ? 1.617   19.485  -5.542  1.00 62.38 ? 279 HOH A O   1 
HETATM 1390 O O   . HOH D 3 .   ? 0.623   23.752  -0.521  1.00 42.51 ? 280 HOH A O   1 
HETATM 1391 O O   . HOH D 3 .   ? 0.852   30.882  1.585   1.00 56.44 ? 281 HOH A O   1 
HETATM 1392 O O   . HOH D 3 .   ? 0.444   30.353  3.912   1.00 41.03 ? 282 HOH A O   1 
HETATM 1393 O O   . HOH D 3 .   ? 0.155   26.298  -5.069  1.00 44.32 ? 283 HOH A O   1 
HETATM 1394 O O   . HOH D 3 .   ? -8.962  29.526  1.736   1.00 50.36 ? 284 HOH A O   1 
HETATM 1395 O O   . HOH D 3 .   ? -1.870  36.934  -10.933 1.00 42.50 ? 285 HOH A O   1 
HETATM 1396 O O   . HOH D 3 .   ? -4.358  38.547  -8.509  1.00 49.72 ? 286 HOH A O   1 
HETATM 1397 O O   . HOH D 3 .   ? -6.928  34.039  -14.031 1.00 41.45 ? 287 HOH A O   1 
HETATM 1398 O O   . HOH D 3 .   ? -17.295 -15.717 -4.719  1.00 55.13 ? 288 HOH A O   1 
HETATM 1399 O O   . HOH D 3 .   ? -2.995  2.122   22.028  1.00 51.59 ? 289 HOH A O   1 
HETATM 1400 O O   . HOH D 3 .   ? 10.430  4.511   -10.264 1.00 41.45 ? 290 HOH A O   1 
HETATM 1401 O O   . HOH D 3 .   ? -7.736  20.350  13.594  1.00 48.71 ? 291 HOH A O   1 
HETATM 1402 O O   . HOH D 3 .   ? 2.153   -6.326  -12.372 1.00 39.68 ? 292 HOH A O   1 
HETATM 1403 O O   . HOH D 3 .   ? 13.290  5.867   -6.046  1.00 49.01 ? 293 HOH A O   1 
HETATM 1404 O O   . HOH D 3 .   ? 10.944  9.232   -6.980  1.00 64.33 ? 294 HOH A O   1 
HETATM 1405 O O   . HOH D 3 .   ? -6.541  13.889  18.723  1.00 61.21 ? 295 HOH A O   1 
HETATM 1406 O O   . HOH D 3 .   ? 7.534   5.513   -9.326  1.00 61.23 ? 296 HOH A O   1 
HETATM 1407 O O   . HOH D 3 .   ? 1.025   26.656  -2.097  1.00 54.00 ? 297 HOH A O   1 
HETATM 1408 O O   . HOH D 3 .   ? -0.610  18.273  -11.046 1.00 63.84 ? 298 HOH A O   1 
HETATM 1409 O O   . HOH D 3 .   ? 4.510   -15.430 -13.972 1.00 43.71 ? 299 HOH A O   1 
HETATM 1410 O O   . HOH D 3 .   ? -18.697 -17.143 3.222   1.00 57.45 ? 300 HOH A O   1 
HETATM 1411 O O   . HOH D 3 .   ? 12.054  8.303   1.363   1.00 51.02 ? 301 HOH A O   1 
HETATM 1412 O O   . HOH D 3 .   ? 1.424   -4.881  -14.440 1.00 51.41 ? 302 HOH A O   1 
HETATM 1413 O O   . HOH D 3 .   ? 2.083   -8.795  -13.545 1.00 54.84 ? 303 HOH A O   1 
HETATM 1414 O O   . HOH D 3 .   ? -11.602 -16.318 0.307   1.00 49.14 ? 304 HOH A O   1 
HETATM 1415 O O   . HOH D 3 .   ? 4.694   14.158  12.182  1.00 50.39 ? 305 HOH A O   1 
HETATM 1416 O O   . HOH D 3 .   ? -8.273  36.000  -7.967  1.00 57.95 ? 306 HOH A O   1 
HETATM 1417 O O   . HOH D 3 .   ? -2.991  5.533   -19.054 1.00 48.89 ? 307 HOH A O   1 
HETATM 1418 O O   . HOH D 3 .   ? -4.615  0.707   -21.798 1.00 48.14 ? 308 HOH A O   1 
HETATM 1419 O O   . HOH D 3 .   ? 6.110   -23.156 4.080   1.00 51.24 ? 309 HOH A O   1 
HETATM 1420 O O   . HOH D 3 .   ? 9.493   2.922   -14.385 1.00 48.79 ? 310 HOH A O   1 
HETATM 1421 O O   . HOH D 3 .   ? 3.870   7.137   23.741  1.00 57.22 ? 311 HOH A O   1 
HETATM 1422 O O   . HOH D 3 .   ? 15.253  -6.794  3.575   1.00 55.86 ? 312 HOH A O   1 
HETATM 1423 O O   . HOH D 3 .   ? 10.499  -10.568 -11.044 1.00 44.24 ? 313 HOH A O   1 
HETATM 1424 O O   . HOH D 3 .   ? 10.733  -9.949  -13.503 1.00 54.56 ? 314 HOH A O   1 
HETATM 1425 O O   . HOH D 3 .   ? 8.629   -10.099 -14.123 1.00 59.18 ? 315 HOH A O   1 
HETATM 1426 O O   . HOH D 3 .   ? 10.069  -7.834  -14.585 1.00 53.38 ? 316 HOH A O   1 
HETATM 1427 O O   . HOH D 3 .   ? 2.764   20.561  9.744   1.00 41.92 ? 317 HOH A O   1 
HETATM 1428 O O   . HOH D 3 .   ? 1.038   21.118  9.644   1.00 30.75 ? 318 HOH A O   1 
HETATM 1429 O O   . HOH D 3 .   ? 2.205   20.490  12.254  1.00 42.31 ? 319 HOH A O   1 
# 
loop_
_pdbx_poly_seq_scheme.asym_id 
_pdbx_poly_seq_scheme.entity_id 
_pdbx_poly_seq_scheme.seq_id 
_pdbx_poly_seq_scheme.mon_id 
_pdbx_poly_seq_scheme.ndb_seq_num 
_pdbx_poly_seq_scheme.pdb_seq_num 
_pdbx_poly_seq_scheme.auth_seq_num 
_pdbx_poly_seq_scheme.pdb_mon_id 
_pdbx_poly_seq_scheme.auth_mon_id 
_pdbx_poly_seq_scheme.pdb_strand_id 
_pdbx_poly_seq_scheme.pdb_ins_code 
_pdbx_poly_seq_scheme.hetero 
A 1 1   MET 1   -11 ?   ?   ?   A . n 
A 1 2   GLY 2   -10 ?   ?   ?   A . n 
A 1 3   SER 3   -9  ?   ?   ?   A . n 
A 1 4   ASP 4   -8  ?   ?   ?   A . n 
A 1 5   LYS 5   -7  ?   ?   ?   A . n 
A 1 6   ILE 6   -6  ?   ?   ?   A . n 
A 1 7   HIS 7   -5  ?   ?   ?   A . n 
A 1 8   HIS 8   -4  ?   ?   ?   A . n 
A 1 9   HIS 9   -3  ?   ?   ?   A . n 
A 1 10  HIS 10  -2  ?   ?   ?   A . n 
A 1 11  HIS 11  -1  ?   ?   ?   A . n 
A 1 12  HIS 12  0   ?   ?   ?   A . n 
A 1 13  VAL 13  1   ?   ?   ?   A . n 
A 1 14  PRO 14  2   2   PRO PRO A . n 
A 1 15  ARG 15  3   3   ARG ARG A . n 
A 1 16  VAL 16  4   4   VAL VAL A . n 
A 1 17  GLY 17  5   5   GLY GLY A . n 
A 1 18  ILE 18  6   6   ILE ILE A . n 
A 1 19  ILE 19  7   7   ILE ILE A . n 
A 1 20  MET 20  8   8   MET MET A . n 
A 1 21  GLY 21  9   9   GLY GLY A . n 
A 1 22  SER 22  10  10  SER SER A . n 
A 1 23  ASP 23  11  11  ASP ASP A . n 
A 1 24  SER 24  12  12  SER SER A . n 
A 1 25  ASP 25  13  13  ASP ASP A . n 
A 1 26  LEU 26  14  14  LEU LEU A . n 
A 1 27  PRO 27  15  15  PRO PRO A . n 
A 1 28  VAL 28  16  16  VAL VAL A . n 
A 1 29  MET 29  17  17  MET MET A . n 
A 1 30  LYS 30  18  18  LYS LYS A . n 
A 1 31  GLN 31  19  19  GLN GLN A . n 
A 1 32  ALA 32  20  20  ALA ALA A . n 
A 1 33  ALA 33  21  21  ALA ALA A . n 
A 1 34  GLU 34  22  22  GLU GLU A . n 
A 1 35  ILE 35  23  23  ILE ILE A . n 
A 1 36  LEU 36  24  24  LEU LEU A . n 
A 1 37  GLU 37  25  25  GLU GLU A . n 
A 1 38  GLU 38  26  26  GLU GLU A . n 
A 1 39  PHE 39  27  27  PHE PHE A . n 
A 1 40  GLY 40  28  28  GLY GLY A . n 
A 1 41  ILE 41  29  29  ILE ILE A . n 
A 1 42  ASP 42  30  30  ASP ASP A . n 
A 1 43  TYR 43  31  31  TYR TYR A . n 
A 1 44  GLU 44  32  32  GLU GLU A . n 
A 1 45  ILE 45  33  33  ILE ILE A . n 
A 1 46  THR 46  34  34  THR THR A . n 
A 1 47  ILE 47  35  35  ILE ILE A . n 
A 1 48  VAL 48  36  36  VAL VAL A . n 
A 1 49  SER 49  37  37  SER SER A . n 
A 1 50  ALA 50  38  38  ALA ALA A . n 
A 1 51  HIS 51  39  39  HIS HIS A . n 
A 1 52  ARG 52  40  40  ARG ARG A . n 
A 1 53  THR 53  41  41  THR THR A . n 
A 1 54  PRO 54  42  42  PRO PRO A . n 
A 1 55  ASP 55  43  43  ASP ASP A . n 
A 1 56  ARG 56  44  44  ARG ARG A . n 
A 1 57  MET 57  45  45  MET MET A . n 
A 1 58  PHE 58  46  46  PHE PHE A . n 
A 1 59  GLU 59  47  47  GLU GLU A . n 
A 1 60  TYR 60  48  48  TYR TYR A . n 
A 1 61  ALA 61  49  49  ALA ALA A . n 
A 1 62  LYS 62  50  50  LYS LYS A . n 
A 1 63  ASN 63  51  51  ASN ASN A . n 
A 1 64  ALA 64  52  52  ALA ALA A . n 
A 1 65  GLU 65  53  53  GLU GLU A . n 
A 1 66  GLU 66  54  54  GLU GLU A . n 
A 1 67  ARG 67  55  55  ARG ARG A . n 
A 1 68  GLY 68  56  56  GLY GLY A . n 
A 1 69  ILE 69  57  57  ILE ILE A . n 
A 1 70  GLU 70  58  58  GLU GLU A . n 
A 1 71  VAL 71  59  59  VAL VAL A . n 
A 1 72  ILE 72  60  60  ILE ILE A . n 
A 1 73  ILE 73  61  61  ILE ILE A . n 
A 1 74  ALA 74  62  62  ALA ALA A . n 
A 1 75  GLY 75  63  63  GLY GLY A . n 
A 1 76  ALA 76  64  64  ALA ALA A . n 
A 1 77  GLY 77  65  65  GLY GLY A . n 
A 1 78  GLY 78  66  66  GLY GLY A . n 
A 1 79  ALA 79  67  67  ALA ALA A . n 
A 1 80  ALA 80  68  68  ALA ALA A . n 
A 1 81  HIS 81  69  69  HIS HIS A . n 
A 1 82  LEU 82  70  70  LEU LEU A . n 
A 1 83  PRO 83  71  71  PRO PRO A . n 
A 1 84  GLY 84  72  72  GLY GLY A . n 
A 1 85  MET 85  73  73  MET MET A . n 
A 1 86  VAL 86  74  74  VAL VAL A . n 
A 1 87  ALA 87  75  75  ALA ALA A . n 
A 1 88  SER 88  76  76  SER SER A . n 
A 1 89  ILE 89  77  77  ILE ILE A . n 
A 1 90  THR 90  78  78  THR THR A . n 
A 1 91  HIS 91  79  79  HIS HIS A . n 
A 1 92  LEU 92  80  80  LEU LEU A . n 
A 1 93  PRO 93  81  81  PRO PRO A . n 
A 1 94  VAL 94  82  82  VAL VAL A . n 
A 1 95  ILE 95  83  83  ILE ILE A . n 
A 1 96  GLY 96  84  84  GLY GLY A . n 
A 1 97  VAL 97  85  85  VAL VAL A . n 
A 1 98  PRO 98  86  86  PRO PRO A . n 
A 1 99  VAL 99  87  87  VAL VAL A . n 
A 1 100 LYS 100 88  88  LYS LYS A . n 
A 1 101 THR 101 89  89  THR THR A . n 
A 1 102 SER 102 90  90  SER SER A . n 
A 1 103 THR 103 91  91  THR THR A . n 
A 1 104 LEU 104 92  92  LEU LEU A . n 
A 1 105 ASN 105 93  93  ASN ASN A . n 
A 1 106 GLY 106 94  94  GLY GLY A . n 
A 1 107 LEU 107 95  95  LEU LEU A . n 
A 1 108 ASP 108 96  96  ASP ASP A . n 
A 1 109 SER 109 97  97  SER SER A . n 
A 1 110 LEU 110 98  98  LEU LEU A . n 
A 1 111 PHE 111 99  99  PHE PHE A . n 
A 1 112 SER 112 100 100 SER SER A . n 
A 1 113 ILE 113 101 101 ILE ILE A . n 
A 1 114 VAL 114 102 102 VAL VAL A . n 
A 1 115 GLN 115 103 103 GLN GLN A . n 
A 1 116 MET 116 104 104 MET MET A . n 
A 1 117 PRO 117 105 105 PRO PRO A . n 
A 1 118 GLY 118 106 106 GLY GLY A . n 
A 1 119 GLY 119 107 107 GLY GLY A . n 
A 1 120 VAL 120 108 108 VAL VAL A . n 
A 1 121 PRO 121 109 109 PRO PRO A . n 
A 1 122 VAL 122 110 110 VAL VAL A . n 
A 1 123 ALA 123 111 111 ALA ALA A . n 
A 1 124 THR 124 112 112 THR THR A . n 
A 1 125 VAL 125 113 113 VAL VAL A . n 
A 1 126 ALA 126 114 114 ALA ALA A . n 
A 1 127 ILE 127 115 115 ILE ILE A . n 
A 1 128 ASN 128 116 116 ASN ASN A . n 
A 1 129 ASN 129 117 117 ASN ASN A . n 
A 1 130 ALA 130 118 118 ALA ALA A . n 
A 1 131 LYS 131 119 119 LYS LYS A . n 
A 1 132 ASN 132 120 120 ASN ASN A . n 
A 1 133 ALA 133 121 121 ALA ALA A . n 
A 1 134 GLY 134 122 122 GLY GLY A . n 
A 1 135 ILE 135 123 123 ILE ILE A . n 
A 1 136 LEU 136 124 124 LEU LEU A . n 
A 1 137 ALA 137 125 125 ALA ALA A . n 
A 1 138 ALA 138 126 126 ALA ALA A . n 
A 1 139 SER 139 127 127 SER SER A . n 
A 1 140 ILE 140 128 128 ILE ILE A . n 
A 1 141 LEU 141 129 129 LEU LEU A . n 
A 1 142 GLY 142 130 130 GLY GLY A . n 
A 1 143 ILE 143 131 131 ILE ILE A . n 
A 1 144 LYS 144 132 132 LYS LYS A . n 
A 1 145 TYR 145 133 133 TYR TYR A . n 
A 1 146 PRO 146 134 134 PRO PRO A . n 
A 1 147 GLU 147 135 135 GLU GLU A . n 
A 1 148 ILE 148 136 136 ILE ILE A . n 
A 1 149 ALA 149 137 137 ALA ALA A . n 
A 1 150 ARG 150 138 138 ARG ARG A . n 
A 1 151 LYS 151 139 139 LYS LYS A . n 
A 1 152 VAL 152 140 140 VAL VAL A . n 
A 1 153 LYS 153 141 141 LYS LYS A . n 
A 1 154 GLU 154 142 142 GLU GLU A . n 
A 1 155 TYR 155 143 143 TYR TYR A . n 
A 1 156 LYS 156 144 144 LYS LYS A . n 
A 1 157 GLU 157 145 145 GLU GLU A . n 
A 1 158 ARG 158 146 146 ARG ARG A . n 
A 1 159 MET 159 147 147 MET MET A . n 
A 1 160 LYS 160 148 148 LYS LYS A . n 
A 1 161 ARG 161 149 149 ARG ARG A . n 
A 1 162 GLU 162 150 150 GLU GLU A . n 
A 1 163 VAL 163 151 151 VAL VAL A . n 
A 1 164 LEU 164 152 152 LEU LEU A . n 
A 1 165 GLU 165 153 153 GLU GLU A . n 
A 1 166 LYS 166 154 154 LYS LYS A . n 
A 1 167 ALA 167 155 155 ALA ALA A . n 
A 1 168 GLN 168 156 156 GLN GLN A . n 
A 1 169 ARG 169 157 157 ARG ARG A . n 
A 1 170 LEU 170 158 158 LEU LEU A . n 
A 1 171 GLU 171 159 159 GLU GLU A . n 
A 1 172 GLN 172 160 160 GLN GLN A . n 
A 1 173 ILE 173 161 161 ILE ILE A . n 
A 1 174 GLY 174 162 162 GLY GLY A . n 
A 1 175 TYR 175 163 163 TYR TYR A . n 
A 1 176 LYS 176 164 164 LYS LYS A . n 
A 1 177 GLU 177 165 165 GLU GLU A . n 
A 1 178 TYR 178 166 166 TYR TYR A . n 
A 1 179 LEU 179 167 167 LEU LEU A . n 
A 1 180 ASN 180 168 168 ASN ASN A . n 
A 1 181 GLN 181 169 169 GLN GLN A . n 
A 1 182 LYS 182 170 170 LYS LYS A . n 
A 1 183 GLU 183 171 ?   ?   ?   A . n 
# 
_pdbx_SG_project.id                    1 
_pdbx_SG_project.project_name          'PSI, Protein Structure Initiative' 
_pdbx_SG_project.full_name_of_center   'Joint Center for Structural Genomics' 
_pdbx_SG_project.initial_of_center     JCSG 
# 
loop_
_pdbx_nonpoly_scheme.asym_id 
_pdbx_nonpoly_scheme.entity_id 
_pdbx_nonpoly_scheme.mon_id 
_pdbx_nonpoly_scheme.ndb_seq_num 
_pdbx_nonpoly_scheme.pdb_seq_num 
_pdbx_nonpoly_scheme.auth_seq_num 
_pdbx_nonpoly_scheme.pdb_mon_id 
_pdbx_nonpoly_scheme.auth_mon_id 
_pdbx_nonpoly_scheme.pdb_strand_id 
_pdbx_nonpoly_scheme.pdb_ins_code 
B 2 SO4 1   200 200 SO4 SO4 A . 
C 2 SO4 1   201 201 SO4 SO4 A . 
D 3 HOH 1   202 1   HOH HOH A . 
D 3 HOH 2   203 2   HOH HOH A . 
D 3 HOH 3   204 3   HOH HOH A . 
D 3 HOH 4   205 4   HOH HOH A . 
D 3 HOH 5   206 5   HOH HOH A . 
D 3 HOH 6   207 6   HOH HOH A . 
D 3 HOH 7   208 7   HOH HOH A . 
D 3 HOH 8   209 8   HOH HOH A . 
D 3 HOH 9   210 9   HOH HOH A . 
D 3 HOH 10  211 10  HOH HOH A . 
D 3 HOH 11  212 11  HOH HOH A . 
D 3 HOH 12  213 12  HOH HOH A . 
D 3 HOH 13  214 13  HOH HOH A . 
D 3 HOH 14  215 14  HOH HOH A . 
D 3 HOH 15  216 15  HOH HOH A . 
D 3 HOH 16  217 16  HOH HOH A . 
D 3 HOH 17  218 17  HOH HOH A . 
D 3 HOH 18  219 18  HOH HOH A . 
D 3 HOH 19  220 19  HOH HOH A . 
D 3 HOH 20  221 20  HOH HOH A . 
D 3 HOH 21  222 21  HOH HOH A . 
D 3 HOH 22  223 22  HOH HOH A . 
D 3 HOH 23  224 24  HOH HOH A . 
D 3 HOH 24  225 25  HOH HOH A . 
D 3 HOH 25  226 26  HOH HOH A . 
D 3 HOH 26  227 27  HOH HOH A . 
D 3 HOH 27  228 28  HOH HOH A . 
D 3 HOH 28  229 29  HOH HOH A . 
D 3 HOH 29  230 30  HOH HOH A . 
D 3 HOH 30  231 31  HOH HOH A . 
D 3 HOH 31  232 32  HOH HOH A . 
D 3 HOH 32  233 34  HOH HOH A . 
D 3 HOH 33  234 35  HOH HOH A . 
D 3 HOH 34  235 36  HOH HOH A . 
D 3 HOH 35  236 37  HOH HOH A . 
D 3 HOH 36  237 38  HOH HOH A . 
D 3 HOH 37  238 40  HOH HOH A . 
D 3 HOH 38  239 41  HOH HOH A . 
D 3 HOH 39  240 42  HOH HOH A . 
D 3 HOH 40  241 43  HOH HOH A . 
D 3 HOH 41  242 44  HOH HOH A . 
D 3 HOH 42  243 45  HOH HOH A . 
D 3 HOH 43  244 47  HOH HOH A . 
D 3 HOH 44  245 48  HOH HOH A . 
D 3 HOH 45  246 49  HOH HOH A . 
D 3 HOH 46  247 50  HOH HOH A . 
D 3 HOH 47  248 51  HOH HOH A . 
D 3 HOH 48  249 52  HOH HOH A . 
D 3 HOH 49  250 53  HOH HOH A . 
D 3 HOH 50  251 54  HOH HOH A . 
D 3 HOH 51  252 55  HOH HOH A . 
D 3 HOH 52  253 56  HOH HOH A . 
D 3 HOH 53  254 57  HOH HOH A . 
D 3 HOH 54  255 58  HOH HOH A . 
D 3 HOH 55  256 69  HOH HOH A . 
D 3 HOH 56  257 70  HOH HOH A . 
D 3 HOH 57  258 71  HOH HOH A . 
D 3 HOH 58  259 72  HOH HOH A . 
D 3 HOH 59  260 73  HOH HOH A . 
D 3 HOH 60  261 74  HOH HOH A . 
D 3 HOH 61  262 75  HOH HOH A . 
D 3 HOH 62  263 76  HOH HOH A . 
D 3 HOH 63  264 78  HOH HOH A . 
D 3 HOH 64  265 79  HOH HOH A . 
D 3 HOH 65  266 80  HOH HOH A . 
D 3 HOH 66  267 81  HOH HOH A . 
D 3 HOH 67  268 82  HOH HOH A . 
D 3 HOH 68  269 83  HOH HOH A . 
D 3 HOH 69  270 84  HOH HOH A . 
D 3 HOH 70  271 85  HOH HOH A . 
D 3 HOH 71  272 86  HOH HOH A . 
D 3 HOH 72  273 87  HOH HOH A . 
D 3 HOH 73  274 88  HOH HOH A . 
D 3 HOH 74  275 89  HOH HOH A . 
D 3 HOH 75  276 90  HOH HOH A . 
D 3 HOH 76  277 91  HOH HOH A . 
D 3 HOH 77  278 92  HOH HOH A . 
D 3 HOH 78  279 94  HOH HOH A . 
D 3 HOH 79  280 95  HOH HOH A . 
D 3 HOH 80  281 96  HOH HOH A . 
D 3 HOH 81  282 97  HOH HOH A . 
D 3 HOH 82  283 98  HOH HOH A . 
D 3 HOH 83  284 99  HOH HOH A . 
D 3 HOH 84  285 100 HOH HOH A . 
D 3 HOH 85  286 101 HOH HOH A . 
D 3 HOH 86  287 102 HOH HOH A . 
D 3 HOH 87  288 103 HOH HOH A . 
D 3 HOH 88  289 104 HOH HOH A . 
D 3 HOH 89  290 107 HOH HOH A . 
D 3 HOH 90  291 108 HOH HOH A . 
D 3 HOH 91  292 109 HOH HOH A . 
D 3 HOH 92  293 111 HOH HOH A . 
D 3 HOH 93  294 112 HOH HOH A . 
D 3 HOH 94  295 115 HOH HOH A . 
D 3 HOH 95  296 116 HOH HOH A . 
D 3 HOH 96  297 119 HOH HOH A . 
D 3 HOH 97  298 120 HOH HOH A . 
D 3 HOH 98  299 122 HOH HOH A . 
D 3 HOH 99  300 123 HOH HOH A . 
D 3 HOH 100 301 124 HOH HOH A . 
D 3 HOH 101 302 126 HOH HOH A . 
D 3 HOH 102 303 127 HOH HOH A . 
D 3 HOH 103 304 128 HOH HOH A . 
D 3 HOH 104 305 131 HOH HOH A . 
D 3 HOH 105 306 132 HOH HOH A . 
D 3 HOH 106 307 133 HOH HOH A . 
D 3 HOH 107 308 134 HOH HOH A . 
D 3 HOH 108 309 139 HOH HOH A . 
D 3 HOH 109 310 141 HOH HOH A . 
D 3 HOH 110 311 143 HOH HOH A . 
D 3 HOH 111 312 146 HOH HOH A . 
D 3 HOH 112 313 147 HOH HOH A . 
D 3 HOH 113 314 148 HOH HOH A . 
D 3 HOH 114 315 149 HOH HOH A . 
D 3 HOH 115 316 150 HOH HOH A . 
D 3 HOH 116 317 151 HOH HOH A . 
D 3 HOH 117 318 152 HOH HOH A . 
D 3 HOH 118 319 153 HOH HOH A . 
# 
_pdbx_struct_assembly.id                   1 
_pdbx_struct_assembly.details              author_and_software_defined_assembly 
_pdbx_struct_assembly.method_details       PISA,PQS 
_pdbx_struct_assembly.oligomeric_details   octameric 
_pdbx_struct_assembly.oligomeric_count     8 
# 
_pdbx_struct_assembly_gen.assembly_id       1 
_pdbx_struct_assembly_gen.oper_expression   1,2,3,4,5,6,7,8 
_pdbx_struct_assembly_gen.asym_id_list      A,B,C,D 
# 
loop_
_pdbx_struct_assembly_prop.biol_id 
_pdbx_struct_assembly_prop.type 
_pdbx_struct_assembly_prop.value 
_pdbx_struct_assembly_prop.details 
1 'ABSA (A^2)' 36850 ? 
1 MORE         -444  ? 
1 'SSA (A^2)'  41350 ? 
# 
loop_
_pdbx_struct_oper_list.id 
_pdbx_struct_oper_list.type 
_pdbx_struct_oper_list.name 
_pdbx_struct_oper_list.symmetry_operation 
_pdbx_struct_oper_list.matrix[1][1] 
_pdbx_struct_oper_list.matrix[1][2] 
_pdbx_struct_oper_list.matrix[1][3] 
_pdbx_struct_oper_list.vector[1] 
_pdbx_struct_oper_list.matrix[2][1] 
_pdbx_struct_oper_list.matrix[2][2] 
_pdbx_struct_oper_list.matrix[2][3] 
_pdbx_struct_oper_list.vector[2] 
_pdbx_struct_oper_list.matrix[3][1] 
_pdbx_struct_oper_list.matrix[3][2] 
_pdbx_struct_oper_list.matrix[3][3] 
_pdbx_struct_oper_list.vector[3] 
1 'identity operation'         1_555 x,y,z    1.0000000000  0.0000000000  0.0000000000  0.0000000000   0.0000000000  1.0000000000  0.0000000000  0.0000000000   0.0000000000  0.0000000000  1.0000000000  0.0000000000   
2 'crystal symmetry operation' 2_555 -x,-y,z  0.3305426479  0.7795107907  -0.5320756385 -19.2194141379 0.7795107907  -0.5433163501 -0.3117214637 3.7703006504   -0.5320756385 -0.3117214637 -0.7872262978 -42.5376741570 
3 'crystal symmetry operation' 3_555 -y,x,z   0.6652713240  0.7159253680  0.2118134389  -0.0612459409  0.0635854227  0.2283418250  -0.9715023958 -18.5969972320 -0.7438890774 0.6597809321  0.1063868511  -27.3984548403 
4 'crystal symmetry operation' 4_555 y,-x,z   0.6652713240  0.0635854227  -0.7438890774 -19.1581681970 0.7159253680  0.2283418250  0.6597809321  22.3672978824  0.2118134389  -0.9715023958 0.1063868511  -15.1392193168 
5 'crystal symmetry operation' 5_555 -x,y,-z  -0.6148767254 -0.7708867021 -0.1663138749 -32.9165532780 -0.7708867021 0.5430547743  0.3329041973  -8.4379466322  -0.1663138749 0.3329041973  -0.9281780489 -37.1119363085 
6 'crystal symmetry operation' 6_555 x,-y,-z  -0.7156659225 -0.0086240886 0.6983895134  -16.9308520629 -0.0086240886 -0.9997384242 -0.0211827336 -5.7354463503  0.6983895134  -0.0211827336 0.7154043467  6.8222032458   
7 'crystal symmetry operation' 7_555 y,x,-z   -0.3343579350 -0.7259622458 0.6009855148  -13.9859735172 -0.7259622458 -0.2082513861 -0.6554465485 -27.6109817007 0.6009855148  -0.6554465485 -0.4573906789 -17.8621243373 
8 'crystal symmetry operation' 8_555 -y,-x,-z -0.9961847129 -0.0535485449 -0.0689098763 -35.8614318237 -0.0535485449 -0.2484322638 0.9671680121  13.4375887182  -0.0689098763 0.9671680121  0.2446169767  -12.4276087254 
# 
_pdbx_struct_special_symmetry.id              1 
_pdbx_struct_special_symmetry.PDB_model_num   1 
_pdbx_struct_special_symmetry.auth_asym_id    A 
_pdbx_struct_special_symmetry.auth_comp_id    SO4 
_pdbx_struct_special_symmetry.auth_seq_id     201 
_pdbx_struct_special_symmetry.PDB_ins_code    ? 
_pdbx_struct_special_symmetry.label_asym_id   C 
_pdbx_struct_special_symmetry.label_comp_id   SO4 
_pdbx_struct_special_symmetry.label_seq_id    . 
# 
loop_
_pdbx_audit_revision_history.ordinal 
_pdbx_audit_revision_history.data_content_type 
_pdbx_audit_revision_history.major_revision 
_pdbx_audit_revision_history.minor_revision 
_pdbx_audit_revision_history.revision_date 
1 'Structure model' 1 0 2003-07-22 
2 'Structure model' 1 1 2008-04-26 
3 'Structure model' 1 2 2011-07-13 
4 'Structure model' 1 3 2017-10-04 
5 'Structure model' 1 4 2018-07-18 
6 'Structure model' 1 5 2023-01-25 
7 'Structure model' 1 6 2023-09-20 
# 
_pdbx_audit_revision_details.ordinal             1 
_pdbx_audit_revision_details.revision_ordinal    1 
_pdbx_audit_revision_details.data_content_type   'Structure model' 
_pdbx_audit_revision_details.provider            repository 
_pdbx_audit_revision_details.type                'Initial release' 
_pdbx_audit_revision_details.description         ? 
_pdbx_audit_revision_details.details             ? 
# 
loop_
_pdbx_audit_revision_group.ordinal 
_pdbx_audit_revision_group.revision_ordinal 
_pdbx_audit_revision_group.data_content_type 
_pdbx_audit_revision_group.group 
1  2 'Structure model' 'Version format compliance' 
2  3 'Structure model' Advisory                    
3  3 'Structure model' 'Derived calculations'      
4  3 'Structure model' 'Version format compliance' 
5  4 'Structure model' 'Refinement description'    
6  5 'Structure model' 'Data collection'           
7  5 'Structure model' 'Database references'       
8  5 'Structure model' 'Derived calculations'      
9  6 'Structure model' 'Database references'       
10 6 'Structure model' 'Derived calculations'      
11 7 'Structure model' 'Data collection'           
12 7 'Structure model' 'Refinement description'    
# 
loop_
_pdbx_audit_revision_category.ordinal 
_pdbx_audit_revision_category.revision_ordinal 
_pdbx_audit_revision_category.data_content_type 
_pdbx_audit_revision_category.category 
1 4 'Structure model' software                      
2 5 'Structure model' pdbx_database_related         
3 5 'Structure model' pdbx_struct_special_symmetry  
4 6 'Structure model' database_2                    
5 6 'Structure model' struct_ref_seq_dif            
6 6 'Structure model' struct_site                   
7 7 'Structure model' chem_comp_atom                
8 7 'Structure model' chem_comp_bond                
9 7 'Structure model' pdbx_initial_refinement_model 
# 
loop_
_pdbx_audit_revision_item.ordinal 
_pdbx_audit_revision_item.revision_ordinal 
_pdbx_audit_revision_item.data_content_type 
_pdbx_audit_revision_item.item 
1 6 'Structure model' '_database_2.pdbx_DOI'                
2 6 'Structure model' '_database_2.pdbx_database_accession' 
3 6 'Structure model' '_struct_ref_seq_dif.details'         
4 6 'Structure model' '_struct_site.pdbx_auth_asym_id'      
5 6 'Structure model' '_struct_site.pdbx_auth_comp_id'      
6 6 'Structure model' '_struct_site.pdbx_auth_seq_id'       
# 
_pdbx_refine_tls.id               1 
_pdbx_refine_tls.details          . 
_pdbx_refine_tls.method           refined 
_pdbx_refine_tls.origin_x         0.2375 
_pdbx_refine_tls.origin_y         0.5656 
_pdbx_refine_tls.origin_z         0.3730 
_pdbx_refine_tls.T[1][1]          -0.1172 
_pdbx_refine_tls.T[2][2]          -0.0475 
_pdbx_refine_tls.T[3][3]          -0.0345 
_pdbx_refine_tls.T[1][2]          -0.0657 
_pdbx_refine_tls.T[1][3]          0.0036 
_pdbx_refine_tls.T[2][3]          0.0102 
_pdbx_refine_tls.L[1][1]          0.4772 
_pdbx_refine_tls.L[2][2]          1.9472 
_pdbx_refine_tls.L[3][3]          0.4109 
_pdbx_refine_tls.L[1][2]          -0.5836 
_pdbx_refine_tls.L[1][3]          -0.1088 
_pdbx_refine_tls.L[2][3]          0.1248 
_pdbx_refine_tls.S[1][1]          -0.0264 
_pdbx_refine_tls.S[2][2]          0.0274 
_pdbx_refine_tls.S[3][3]          -0.0010 
_pdbx_refine_tls.S[1][2]          -0.0568 
_pdbx_refine_tls.S[1][3]          0.0963 
_pdbx_refine_tls.S[2][3]          -0.2736 
_pdbx_refine_tls.S[2][1]          0.0764 
_pdbx_refine_tls.S[3][1]          -0.0767 
_pdbx_refine_tls.S[3][2]          0.1372 
_pdbx_refine_tls.pdbx_refine_id   'X-RAY DIFFRACTION' 
# 
_pdbx_refine_tls_group.id                  1 
_pdbx_refine_tls_group.refine_tls_id       1 
_pdbx_refine_tls_group.beg_label_asym_id   A 
_pdbx_refine_tls_group.beg_label_seq_id    14 
_pdbx_refine_tls_group.end_label_asym_id   A 
_pdbx_refine_tls_group.end_label_seq_id    182 
_pdbx_refine_tls_group.selection           ALL 
_pdbx_refine_tls_group.beg_auth_asym_id    A 
_pdbx_refine_tls_group.beg_auth_seq_id     2 
_pdbx_refine_tls_group.end_auth_asym_id    A 
_pdbx_refine_tls_group.end_auth_seq_id     170 
_pdbx_refine_tls_group.pdbx_refine_id      'X-RAY DIFFRACTION' 
_pdbx_refine_tls_group.selection_details   ? 
# 
loop_
_software.name 
_software.classification 
_software.version 
_software.citation_id 
_software.pdbx_ordinal 
MOSFLM 'data reduction' .         ? 1 
SCALA  'data scaling'   '4.2)'    ? 2 
MOLREP phasing          .         ? 3 
REFMAC refinement       .         ? 4 
CCP4   'data scaling'   '(SCALA)' ? 5 
# 
_pdbx_database_remark.id     650 
_pdbx_database_remark.text   
;HELIX
DETERMINATION METHOD: AUTHOR
;
# 
loop_
_pdbx_validate_close_contact.id 
_pdbx_validate_close_contact.PDB_model_num 
_pdbx_validate_close_contact.auth_atom_id_1 
_pdbx_validate_close_contact.auth_asym_id_1 
_pdbx_validate_close_contact.auth_comp_id_1 
_pdbx_validate_close_contact.auth_seq_id_1 
_pdbx_validate_close_contact.PDB_ins_code_1 
_pdbx_validate_close_contact.label_alt_id_1 
_pdbx_validate_close_contact.auth_atom_id_2 
_pdbx_validate_close_contact.auth_asym_id_2 
_pdbx_validate_close_contact.auth_comp_id_2 
_pdbx_validate_close_contact.auth_seq_id_2 
_pdbx_validate_close_contact.PDB_ins_code_2 
_pdbx_validate_close_contact.label_alt_id_2 
_pdbx_validate_close_contact.dist 
1 1 O   A HOH 317 ? ? O A HOH 318 ? ? 1.82 
2 1 OE1 A GLN 19  ? ? O A HOH 250 ? ? 2.01 
# 
_pdbx_validate_symm_contact.id                1 
_pdbx_validate_symm_contact.PDB_model_num     1 
_pdbx_validate_symm_contact.auth_atom_id_1    O 
_pdbx_validate_symm_contact.auth_asym_id_1    A 
_pdbx_validate_symm_contact.auth_comp_id_1    HOH 
_pdbx_validate_symm_contact.auth_seq_id_1     319 
_pdbx_validate_symm_contact.PDB_ins_code_1    ? 
_pdbx_validate_symm_contact.label_alt_id_1    ? 
_pdbx_validate_symm_contact.site_symmetry_1   1_555 
_pdbx_validate_symm_contact.auth_atom_id_2    O 
_pdbx_validate_symm_contact.auth_asym_id_2    A 
_pdbx_validate_symm_contact.auth_comp_id_2    HOH 
_pdbx_validate_symm_contact.auth_seq_id_2     319 
_pdbx_validate_symm_contact.PDB_ins_code_2    ? 
_pdbx_validate_symm_contact.label_alt_id_2    ? 
_pdbx_validate_symm_contact.site_symmetry_2   15_545 
_pdbx_validate_symm_contact.dist              2.07 
# 
loop_
_pdbx_validate_torsion.id 
_pdbx_validate_torsion.PDB_model_num 
_pdbx_validate_torsion.auth_comp_id 
_pdbx_validate_torsion.auth_asym_id 
_pdbx_validate_torsion.auth_seq_id 
_pdbx_validate_torsion.PDB_ins_code 
_pdbx_validate_torsion.label_alt_id 
_pdbx_validate_torsion.phi 
_pdbx_validate_torsion.psi 
1 1 GLN A 103 ? ? -86.47  32.14 
2 1 ASN A 117 ? ? -100.76 71.70 
# 
loop_
_pdbx_unobs_or_zero_occ_atoms.id 
_pdbx_unobs_or_zero_occ_atoms.PDB_model_num 
_pdbx_unobs_or_zero_occ_atoms.polymer_flag 
_pdbx_unobs_or_zero_occ_atoms.occupancy_flag 
_pdbx_unobs_or_zero_occ_atoms.auth_asym_id 
_pdbx_unobs_or_zero_occ_atoms.auth_comp_id 
_pdbx_unobs_or_zero_occ_atoms.auth_seq_id 
_pdbx_unobs_or_zero_occ_atoms.PDB_ins_code 
_pdbx_unobs_or_zero_occ_atoms.auth_atom_id 
_pdbx_unobs_or_zero_occ_atoms.label_alt_id 
_pdbx_unobs_or_zero_occ_atoms.label_asym_id 
_pdbx_unobs_or_zero_occ_atoms.label_comp_id 
_pdbx_unobs_or_zero_occ_atoms.label_seq_id 
_pdbx_unobs_or_zero_occ_atoms.label_atom_id 
1 1 Y 1 A LYS 50  ? CE  ? A LYS 62  CE  
2 1 Y 1 A LYS 50  ? NZ  ? A LYS 62  NZ  
3 1 Y 1 A GLU 54  ? CG  ? A GLU 66  CG  
4 1 Y 1 A GLU 54  ? CD  ? A GLU 66  CD  
5 1 Y 1 A GLU 54  ? OE1 ? A GLU 66  OE1 
6 1 Y 1 A GLU 54  ? OE2 ? A GLU 66  OE2 
7 1 Y 1 A LYS 164 ? CE  ? A LYS 176 CE  
8 1 Y 1 A LYS 164 ? NZ  ? A LYS 176 NZ  
# 
loop_
_pdbx_unobs_or_zero_occ_residues.id 
_pdbx_unobs_or_zero_occ_residues.PDB_model_num 
_pdbx_unobs_or_zero_occ_residues.polymer_flag 
_pdbx_unobs_or_zero_occ_residues.occupancy_flag 
_pdbx_unobs_or_zero_occ_residues.auth_asym_id 
_pdbx_unobs_or_zero_occ_residues.auth_comp_id 
_pdbx_unobs_or_zero_occ_residues.auth_seq_id 
_pdbx_unobs_or_zero_occ_residues.PDB_ins_code 
_pdbx_unobs_or_zero_occ_residues.label_asym_id 
_pdbx_unobs_or_zero_occ_residues.label_comp_id 
_pdbx_unobs_or_zero_occ_residues.label_seq_id 
1  1 Y 1 A MET -11 ? A MET 1   
2  1 Y 1 A GLY -10 ? A GLY 2   
3  1 Y 1 A SER -9  ? A SER 3   
4  1 Y 1 A ASP -8  ? A ASP 4   
5  1 Y 1 A LYS -7  ? A LYS 5   
6  1 Y 1 A ILE -6  ? A ILE 6   
7  1 Y 1 A HIS -5  ? A HIS 7   
8  1 Y 1 A HIS -4  ? A HIS 8   
9  1 Y 1 A HIS -3  ? A HIS 9   
10 1 Y 1 A HIS -2  ? A HIS 10  
11 1 Y 1 A HIS -1  ? A HIS 11  
12 1 Y 1 A HIS 0   ? A HIS 12  
13 1 Y 1 A VAL 1   ? A VAL 13  
14 1 Y 1 A GLU 171 ? A GLU 183 
# 
loop_
_chem_comp_atom.comp_id 
_chem_comp_atom.atom_id 
_chem_comp_atom.type_symbol 
_chem_comp_atom.pdbx_aromatic_flag 
_chem_comp_atom.pdbx_stereo_config 
_chem_comp_atom.pdbx_ordinal 
ALA N    N N N 1   
ALA CA   C N S 2   
ALA C    C N N 3   
ALA O    O N N 4   
ALA CB   C N N 5   
ALA OXT  O N N 6   
ALA H    H N N 7   
ALA H2   H N N 8   
ALA HA   H N N 9   
ALA HB1  H N N 10  
ALA HB2  H N N 11  
ALA HB3  H N N 12  
ALA HXT  H N N 13  
ARG N    N N N 14  
ARG CA   C N S 15  
ARG C    C N N 16  
ARG O    O N N 17  
ARG CB   C N N 18  
ARG CG   C N N 19  
ARG CD   C N N 20  
ARG NE   N N N 21  
ARG CZ   C N N 22  
ARG NH1  N N N 23  
ARG NH2  N N N 24  
ARG OXT  O N N 25  
ARG H    H N N 26  
ARG H2   H N N 27  
ARG HA   H N N 28  
ARG HB2  H N N 29  
ARG HB3  H N N 30  
ARG HG2  H N N 31  
ARG HG3  H N N 32  
ARG HD2  H N N 33  
ARG HD3  H N N 34  
ARG HE   H N N 35  
ARG HH11 H N N 36  
ARG HH12 H N N 37  
ARG HH21 H N N 38  
ARG HH22 H N N 39  
ARG HXT  H N N 40  
ASN N    N N N 41  
ASN CA   C N S 42  
ASN C    C N N 43  
ASN O    O N N 44  
ASN CB   C N N 45  
ASN CG   C N N 46  
ASN OD1  O N N 47  
ASN ND2  N N N 48  
ASN OXT  O N N 49  
ASN H    H N N 50  
ASN H2   H N N 51  
ASN HA   H N N 52  
ASN HB2  H N N 53  
ASN HB3  H N N 54  
ASN HD21 H N N 55  
ASN HD22 H N N 56  
ASN HXT  H N N 57  
ASP N    N N N 58  
ASP CA   C N S 59  
ASP C    C N N 60  
ASP O    O N N 61  
ASP CB   C N N 62  
ASP CG   C N N 63  
ASP OD1  O N N 64  
ASP OD2  O N N 65  
ASP OXT  O N N 66  
ASP H    H N N 67  
ASP H2   H N N 68  
ASP HA   H N N 69  
ASP HB2  H N N 70  
ASP HB3  H N N 71  
ASP HD2  H N N 72  
ASP HXT  H N N 73  
GLN N    N N N 74  
GLN CA   C N S 75  
GLN C    C N N 76  
GLN O    O N N 77  
GLN CB   C N N 78  
GLN CG   C N N 79  
GLN CD   C N N 80  
GLN OE1  O N N 81  
GLN NE2  N N N 82  
GLN OXT  O N N 83  
GLN H    H N N 84  
GLN H2   H N N 85  
GLN HA   H N N 86  
GLN HB2  H N N 87  
GLN HB3  H N N 88  
GLN HG2  H N N 89  
GLN HG3  H N N 90  
GLN HE21 H N N 91  
GLN HE22 H N N 92  
GLN HXT  H N N 93  
GLU N    N N N 94  
GLU CA   C N S 95  
GLU C    C N N 96  
GLU O    O N N 97  
GLU CB   C N N 98  
GLU CG   C N N 99  
GLU CD   C N N 100 
GLU OE1  O N N 101 
GLU OE2  O N N 102 
GLU OXT  O N N 103 
GLU H    H N N 104 
GLU H2   H N N 105 
GLU HA   H N N 106 
GLU HB2  H N N 107 
GLU HB3  H N N 108 
GLU HG2  H N N 109 
GLU HG3  H N N 110 
GLU HE2  H N N 111 
GLU HXT  H N N 112 
GLY N    N N N 113 
GLY CA   C N N 114 
GLY C    C N N 115 
GLY O    O N N 116 
GLY OXT  O N N 117 
GLY H    H N N 118 
GLY H2   H N N 119 
GLY HA2  H N N 120 
GLY HA3  H N N 121 
GLY HXT  H N N 122 
HIS N    N N N 123 
HIS CA   C N S 124 
HIS C    C N N 125 
HIS O    O N N 126 
HIS CB   C N N 127 
HIS CG   C Y N 128 
HIS ND1  N Y N 129 
HIS CD2  C Y N 130 
HIS CE1  C Y N 131 
HIS NE2  N Y N 132 
HIS OXT  O N N 133 
HIS H    H N N 134 
HIS H2   H N N 135 
HIS HA   H N N 136 
HIS HB2  H N N 137 
HIS HB3  H N N 138 
HIS HD1  H N N 139 
HIS HD2  H N N 140 
HIS HE1  H N N 141 
HIS HE2  H N N 142 
HIS HXT  H N N 143 
HOH O    O N N 144 
HOH H1   H N N 145 
HOH H2   H N N 146 
ILE N    N N N 147 
ILE CA   C N S 148 
ILE C    C N N 149 
ILE O    O N N 150 
ILE CB   C N S 151 
ILE CG1  C N N 152 
ILE CG2  C N N 153 
ILE CD1  C N N 154 
ILE OXT  O N N 155 
ILE H    H N N 156 
ILE H2   H N N 157 
ILE HA   H N N 158 
ILE HB   H N N 159 
ILE HG12 H N N 160 
ILE HG13 H N N 161 
ILE HG21 H N N 162 
ILE HG22 H N N 163 
ILE HG23 H N N 164 
ILE HD11 H N N 165 
ILE HD12 H N N 166 
ILE HD13 H N N 167 
ILE HXT  H N N 168 
LEU N    N N N 169 
LEU CA   C N S 170 
LEU C    C N N 171 
LEU O    O N N 172 
LEU CB   C N N 173 
LEU CG   C N N 174 
LEU CD1  C N N 175 
LEU CD2  C N N 176 
LEU OXT  O N N 177 
LEU H    H N N 178 
LEU H2   H N N 179 
LEU HA   H N N 180 
LEU HB2  H N N 181 
LEU HB3  H N N 182 
LEU HG   H N N 183 
LEU HD11 H N N 184 
LEU HD12 H N N 185 
LEU HD13 H N N 186 
LEU HD21 H N N 187 
LEU HD22 H N N 188 
LEU HD23 H N N 189 
LEU HXT  H N N 190 
LYS N    N N N 191 
LYS CA   C N S 192 
LYS C    C N N 193 
LYS O    O N N 194 
LYS CB   C N N 195 
LYS CG   C N N 196 
LYS CD   C N N 197 
LYS CE   C N N 198 
LYS NZ   N N N 199 
LYS OXT  O N N 200 
LYS H    H N N 201 
LYS H2   H N N 202 
LYS HA   H N N 203 
LYS HB2  H N N 204 
LYS HB3  H N N 205 
LYS HG2  H N N 206 
LYS HG3  H N N 207 
LYS HD2  H N N 208 
LYS HD3  H N N 209 
LYS HE2  H N N 210 
LYS HE3  H N N 211 
LYS HZ1  H N N 212 
LYS HZ2  H N N 213 
LYS HZ3  H N N 214 
LYS HXT  H N N 215 
MET N    N N N 216 
MET CA   C N S 217 
MET C    C N N 218 
MET O    O N N 219 
MET CB   C N N 220 
MET CG   C N N 221 
MET SD   S N N 222 
MET CE   C N N 223 
MET OXT  O N N 224 
MET H    H N N 225 
MET H2   H N N 226 
MET HA   H N N 227 
MET HB2  H N N 228 
MET HB3  H N N 229 
MET HG2  H N N 230 
MET HG3  H N N 231 
MET HE1  H N N 232 
MET HE2  H N N 233 
MET HE3  H N N 234 
MET HXT  H N N 235 
PHE N    N N N 236 
PHE CA   C N S 237 
PHE C    C N N 238 
PHE O    O N N 239 
PHE CB   C N N 240 
PHE CG   C Y N 241 
PHE CD1  C Y N 242 
PHE CD2  C Y N 243 
PHE CE1  C Y N 244 
PHE CE2  C Y N 245 
PHE CZ   C Y N 246 
PHE OXT  O N N 247 
PHE H    H N N 248 
PHE H2   H N N 249 
PHE HA   H N N 250 
PHE HB2  H N N 251 
PHE HB3  H N N 252 
PHE HD1  H N N 253 
PHE HD2  H N N 254 
PHE HE1  H N N 255 
PHE HE2  H N N 256 
PHE HZ   H N N 257 
PHE HXT  H N N 258 
PRO N    N N N 259 
PRO CA   C N S 260 
PRO C    C N N 261 
PRO O    O N N 262 
PRO CB   C N N 263 
PRO CG   C N N 264 
PRO CD   C N N 265 
PRO OXT  O N N 266 
PRO H    H N N 267 
PRO HA   H N N 268 
PRO HB2  H N N 269 
PRO HB3  H N N 270 
PRO HG2  H N N 271 
PRO HG3  H N N 272 
PRO HD2  H N N 273 
PRO HD3  H N N 274 
PRO HXT  H N N 275 
SER N    N N N 276 
SER CA   C N S 277 
SER C    C N N 278 
SER O    O N N 279 
SER CB   C N N 280 
SER OG   O N N 281 
SER OXT  O N N 282 
SER H    H N N 283 
SER H2   H N N 284 
SER HA   H N N 285 
SER HB2  H N N 286 
SER HB3  H N N 287 
SER HG   H N N 288 
SER HXT  H N N 289 
SO4 S    S N N 290 
SO4 O1   O N N 291 
SO4 O2   O N N 292 
SO4 O3   O N N 293 
SO4 O4   O N N 294 
THR N    N N N 295 
THR CA   C N S 296 
THR C    C N N 297 
THR O    O N N 298 
THR CB   C N R 299 
THR OG1  O N N 300 
THR CG2  C N N 301 
THR OXT  O N N 302 
THR H    H N N 303 
THR H2   H N N 304 
THR HA   H N N 305 
THR HB   H N N 306 
THR HG1  H N N 307 
THR HG21 H N N 308 
THR HG22 H N N 309 
THR HG23 H N N 310 
THR HXT  H N N 311 
TYR N    N N N 312 
TYR CA   C N S 313 
TYR C    C N N 314 
TYR O    O N N 315 
TYR CB   C N N 316 
TYR CG   C Y N 317 
TYR CD1  C Y N 318 
TYR CD2  C Y N 319 
TYR CE1  C Y N 320 
TYR CE2  C Y N 321 
TYR CZ   C Y N 322 
TYR OH   O N N 323 
TYR OXT  O N N 324 
TYR H    H N N 325 
TYR H2   H N N 326 
TYR HA   H N N 327 
TYR HB2  H N N 328 
TYR HB3  H N N 329 
TYR HD1  H N N 330 
TYR HD2  H N N 331 
TYR HE1  H N N 332 
TYR HE2  H N N 333 
TYR HH   H N N 334 
TYR HXT  H N N 335 
VAL N    N N N 336 
VAL CA   C N S 337 
VAL C    C N N 338 
VAL O    O N N 339 
VAL CB   C N N 340 
VAL CG1  C N N 341 
VAL CG2  C N N 342 
VAL OXT  O N N 343 
VAL H    H N N 344 
VAL H2   H N N 345 
VAL HA   H N N 346 
VAL HB   H N N 347 
VAL HG11 H N N 348 
VAL HG12 H N N 349 
VAL HG13 H N N 350 
VAL HG21 H N N 351 
VAL HG22 H N N 352 
VAL HG23 H N N 353 
VAL HXT  H N N 354 
# 
loop_
_chem_comp_bond.comp_id 
_chem_comp_bond.atom_id_1 
_chem_comp_bond.atom_id_2 
_chem_comp_bond.value_order 
_chem_comp_bond.pdbx_aromatic_flag 
_chem_comp_bond.pdbx_stereo_config 
_chem_comp_bond.pdbx_ordinal 
ALA N   CA   sing N N 1   
ALA N   H    sing N N 2   
ALA N   H2   sing N N 3   
ALA CA  C    sing N N 4   
ALA CA  CB   sing N N 5   
ALA CA  HA   sing N N 6   
ALA C   O    doub N N 7   
ALA C   OXT  sing N N 8   
ALA CB  HB1  sing N N 9   
ALA CB  HB2  sing N N 10  
ALA CB  HB3  sing N N 11  
ALA OXT HXT  sing N N 12  
ARG N   CA   sing N N 13  
ARG N   H    sing N N 14  
ARG N   H2   sing N N 15  
ARG CA  C    sing N N 16  
ARG CA  CB   sing N N 17  
ARG CA  HA   sing N N 18  
ARG C   O    doub N N 19  
ARG C   OXT  sing N N 20  
ARG CB  CG   sing N N 21  
ARG CB  HB2  sing N N 22  
ARG CB  HB3  sing N N 23  
ARG CG  CD   sing N N 24  
ARG CG  HG2  sing N N 25  
ARG CG  HG3  sing N N 26  
ARG CD  NE   sing N N 27  
ARG CD  HD2  sing N N 28  
ARG CD  HD3  sing N N 29  
ARG NE  CZ   sing N N 30  
ARG NE  HE   sing N N 31  
ARG CZ  NH1  sing N N 32  
ARG CZ  NH2  doub N N 33  
ARG NH1 HH11 sing N N 34  
ARG NH1 HH12 sing N N 35  
ARG NH2 HH21 sing N N 36  
ARG NH2 HH22 sing N N 37  
ARG OXT HXT  sing N N 38  
ASN N   CA   sing N N 39  
ASN N   H    sing N N 40  
ASN N   H2   sing N N 41  
ASN CA  C    sing N N 42  
ASN CA  CB   sing N N 43  
ASN CA  HA   sing N N 44  
ASN C   O    doub N N 45  
ASN C   OXT  sing N N 46  
ASN CB  CG   sing N N 47  
ASN CB  HB2  sing N N 48  
ASN CB  HB3  sing N N 49  
ASN CG  OD1  doub N N 50  
ASN CG  ND2  sing N N 51  
ASN ND2 HD21 sing N N 52  
ASN ND2 HD22 sing N N 53  
ASN OXT HXT  sing N N 54  
ASP N   CA   sing N N 55  
ASP N   H    sing N N 56  
ASP N   H2   sing N N 57  
ASP CA  C    sing N N 58  
ASP CA  CB   sing N N 59  
ASP CA  HA   sing N N 60  
ASP C   O    doub N N 61  
ASP C   OXT  sing N N 62  
ASP CB  CG   sing N N 63  
ASP CB  HB2  sing N N 64  
ASP CB  HB3  sing N N 65  
ASP CG  OD1  doub N N 66  
ASP CG  OD2  sing N N 67  
ASP OD2 HD2  sing N N 68  
ASP OXT HXT  sing N N 69  
GLN N   CA   sing N N 70  
GLN N   H    sing N N 71  
GLN N   H2   sing N N 72  
GLN CA  C    sing N N 73  
GLN CA  CB   sing N N 74  
GLN CA  HA   sing N N 75  
GLN C   O    doub N N 76  
GLN C   OXT  sing N N 77  
GLN CB  CG   sing N N 78  
GLN CB  HB2  sing N N 79  
GLN CB  HB3  sing N N 80  
GLN CG  CD   sing N N 81  
GLN CG  HG2  sing N N 82  
GLN CG  HG3  sing N N 83  
GLN CD  OE1  doub N N 84  
GLN CD  NE2  sing N N 85  
GLN NE2 HE21 sing N N 86  
GLN NE2 HE22 sing N N 87  
GLN OXT HXT  sing N N 88  
GLU N   CA   sing N N 89  
GLU N   H    sing N N 90  
GLU N   H2   sing N N 91  
GLU CA  C    sing N N 92  
GLU CA  CB   sing N N 93  
GLU CA  HA   sing N N 94  
GLU C   O    doub N N 95  
GLU C   OXT  sing N N 96  
GLU CB  CG   sing N N 97  
GLU CB  HB2  sing N N 98  
GLU CB  HB3  sing N N 99  
GLU CG  CD   sing N N 100 
GLU CG  HG2  sing N N 101 
GLU CG  HG3  sing N N 102 
GLU CD  OE1  doub N N 103 
GLU CD  OE2  sing N N 104 
GLU OE2 HE2  sing N N 105 
GLU OXT HXT  sing N N 106 
GLY N   CA   sing N N 107 
GLY N   H    sing N N 108 
GLY N   H2   sing N N 109 
GLY CA  C    sing N N 110 
GLY CA  HA2  sing N N 111 
GLY CA  HA3  sing N N 112 
GLY C   O    doub N N 113 
GLY C   OXT  sing N N 114 
GLY OXT HXT  sing N N 115 
HIS N   CA   sing N N 116 
HIS N   H    sing N N 117 
HIS N   H2   sing N N 118 
HIS CA  C    sing N N 119 
HIS CA  CB   sing N N 120 
HIS CA  HA   sing N N 121 
HIS C   O    doub N N 122 
HIS C   OXT  sing N N 123 
HIS CB  CG   sing N N 124 
HIS CB  HB2  sing N N 125 
HIS CB  HB3  sing N N 126 
HIS CG  ND1  sing Y N 127 
HIS CG  CD2  doub Y N 128 
HIS ND1 CE1  doub Y N 129 
HIS ND1 HD1  sing N N 130 
HIS CD2 NE2  sing Y N 131 
HIS CD2 HD2  sing N N 132 
HIS CE1 NE2  sing Y N 133 
HIS CE1 HE1  sing N N 134 
HIS NE2 HE2  sing N N 135 
HIS OXT HXT  sing N N 136 
HOH O   H1   sing N N 137 
HOH O   H2   sing N N 138 
ILE N   CA   sing N N 139 
ILE N   H    sing N N 140 
ILE N   H2   sing N N 141 
ILE CA  C    sing N N 142 
ILE CA  CB   sing N N 143 
ILE CA  HA   sing N N 144 
ILE C   O    doub N N 145 
ILE C   OXT  sing N N 146 
ILE CB  CG1  sing N N 147 
ILE CB  CG2  sing N N 148 
ILE CB  HB   sing N N 149 
ILE CG1 CD1  sing N N 150 
ILE CG1 HG12 sing N N 151 
ILE CG1 HG13 sing N N 152 
ILE CG2 HG21 sing N N 153 
ILE CG2 HG22 sing N N 154 
ILE CG2 HG23 sing N N 155 
ILE CD1 HD11 sing N N 156 
ILE CD1 HD12 sing N N 157 
ILE CD1 HD13 sing N N 158 
ILE OXT HXT  sing N N 159 
LEU N   CA   sing N N 160 
LEU N   H    sing N N 161 
LEU N   H2   sing N N 162 
LEU CA  C    sing N N 163 
LEU CA  CB   sing N N 164 
LEU CA  HA   sing N N 165 
LEU C   O    doub N N 166 
LEU C   OXT  sing N N 167 
LEU CB  CG   sing N N 168 
LEU CB  HB2  sing N N 169 
LEU CB  HB3  sing N N 170 
LEU CG  CD1  sing N N 171 
LEU CG  CD2  sing N N 172 
LEU CG  HG   sing N N 173 
LEU CD1 HD11 sing N N 174 
LEU CD1 HD12 sing N N 175 
LEU CD1 HD13 sing N N 176 
LEU CD2 HD21 sing N N 177 
LEU CD2 HD22 sing N N 178 
LEU CD2 HD23 sing N N 179 
LEU OXT HXT  sing N N 180 
LYS N   CA   sing N N 181 
LYS N   H    sing N N 182 
LYS N   H2   sing N N 183 
LYS CA  C    sing N N 184 
LYS CA  CB   sing N N 185 
LYS CA  HA   sing N N 186 
LYS C   O    doub N N 187 
LYS C   OXT  sing N N 188 
LYS CB  CG   sing N N 189 
LYS CB  HB2  sing N N 190 
LYS CB  HB3  sing N N 191 
LYS CG  CD   sing N N 192 
LYS CG  HG2  sing N N 193 
LYS CG  HG3  sing N N 194 
LYS CD  CE   sing N N 195 
LYS CD  HD2  sing N N 196 
LYS CD  HD3  sing N N 197 
LYS CE  NZ   sing N N 198 
LYS CE  HE2  sing N N 199 
LYS CE  HE3  sing N N 200 
LYS NZ  HZ1  sing N N 201 
LYS NZ  HZ2  sing N N 202 
LYS NZ  HZ3  sing N N 203 
LYS OXT HXT  sing N N 204 
MET N   CA   sing N N 205 
MET N   H    sing N N 206 
MET N   H2   sing N N 207 
MET CA  C    sing N N 208 
MET CA  CB   sing N N 209 
MET CA  HA   sing N N 210 
MET C   O    doub N N 211 
MET C   OXT  sing N N 212 
MET CB  CG   sing N N 213 
MET CB  HB2  sing N N 214 
MET CB  HB3  sing N N 215 
MET CG  SD   sing N N 216 
MET CG  HG2  sing N N 217 
MET CG  HG3  sing N N 218 
MET SD  CE   sing N N 219 
MET CE  HE1  sing N N 220 
MET CE  HE2  sing N N 221 
MET CE  HE3  sing N N 222 
MET OXT HXT  sing N N 223 
PHE N   CA   sing N N 224 
PHE N   H    sing N N 225 
PHE N   H2   sing N N 226 
PHE CA  C    sing N N 227 
PHE CA  CB   sing N N 228 
PHE CA  HA   sing N N 229 
PHE C   O    doub N N 230 
PHE C   OXT  sing N N 231 
PHE CB  CG   sing N N 232 
PHE CB  HB2  sing N N 233 
PHE CB  HB3  sing N N 234 
PHE CG  CD1  doub Y N 235 
PHE CG  CD2  sing Y N 236 
PHE CD1 CE1  sing Y N 237 
PHE CD1 HD1  sing N N 238 
PHE CD2 CE2  doub Y N 239 
PHE CD2 HD2  sing N N 240 
PHE CE1 CZ   doub Y N 241 
PHE CE1 HE1  sing N N 242 
PHE CE2 CZ   sing Y N 243 
PHE CE2 HE2  sing N N 244 
PHE CZ  HZ   sing N N 245 
PHE OXT HXT  sing N N 246 
PRO N   CA   sing N N 247 
PRO N   CD   sing N N 248 
PRO N   H    sing N N 249 
PRO CA  C    sing N N 250 
PRO CA  CB   sing N N 251 
PRO CA  HA   sing N N 252 
PRO C   O    doub N N 253 
PRO C   OXT  sing N N 254 
PRO CB  CG   sing N N 255 
PRO CB  HB2  sing N N 256 
PRO CB  HB3  sing N N 257 
PRO CG  CD   sing N N 258 
PRO CG  HG2  sing N N 259 
PRO CG  HG3  sing N N 260 
PRO CD  HD2  sing N N 261 
PRO CD  HD3  sing N N 262 
PRO OXT HXT  sing N N 263 
SER N   CA   sing N N 264 
SER N   H    sing N N 265 
SER N   H2   sing N N 266 
SER CA  C    sing N N 267 
SER CA  CB   sing N N 268 
SER CA  HA   sing N N 269 
SER C   O    doub N N 270 
SER C   OXT  sing N N 271 
SER CB  OG   sing N N 272 
SER CB  HB2  sing N N 273 
SER CB  HB3  sing N N 274 
SER OG  HG   sing N N 275 
SER OXT HXT  sing N N 276 
SO4 S   O1   doub N N 277 
SO4 S   O2   doub N N 278 
SO4 S   O3   sing N N 279 
SO4 S   O4   sing N N 280 
THR N   CA   sing N N 281 
THR N   H    sing N N 282 
THR N   H2   sing N N 283 
THR CA  C    sing N N 284 
THR CA  CB   sing N N 285 
THR CA  HA   sing N N 286 
THR C   O    doub N N 287 
THR C   OXT  sing N N 288 
THR CB  OG1  sing N N 289 
THR CB  CG2  sing N N 290 
THR CB  HB   sing N N 291 
THR OG1 HG1  sing N N 292 
THR CG2 HG21 sing N N 293 
THR CG2 HG22 sing N N 294 
THR CG2 HG23 sing N N 295 
THR OXT HXT  sing N N 296 
TYR N   CA   sing N N 297 
TYR N   H    sing N N 298 
TYR N   H2   sing N N 299 
TYR CA  C    sing N N 300 
TYR CA  CB   sing N N 301 
TYR CA  HA   sing N N 302 
TYR C   O    doub N N 303 
TYR C   OXT  sing N N 304 
TYR CB  CG   sing N N 305 
TYR CB  HB2  sing N N 306 
TYR CB  HB3  sing N N 307 
TYR CG  CD1  doub Y N 308 
TYR CG  CD2  sing Y N 309 
TYR CD1 CE1  sing Y N 310 
TYR CD1 HD1  sing N N 311 
TYR CD2 CE2  doub Y N 312 
TYR CD2 HD2  sing N N 313 
TYR CE1 CZ   doub Y N 314 
TYR CE1 HE1  sing N N 315 
TYR CE2 CZ   sing Y N 316 
TYR CE2 HE2  sing N N 317 
TYR CZ  OH   sing N N 318 
TYR OH  HH   sing N N 319 
TYR OXT HXT  sing N N 320 
VAL N   CA   sing N N 321 
VAL N   H    sing N N 322 
VAL N   H2   sing N N 323 
VAL CA  C    sing N N 324 
VAL CA  CB   sing N N 325 
VAL CA  HA   sing N N 326 
VAL C   O    doub N N 327 
VAL C   OXT  sing N N 328 
VAL CB  CG1  sing N N 329 
VAL CB  CG2  sing N N 330 
VAL CB  HB   sing N N 331 
VAL CG1 HG11 sing N N 332 
VAL CG1 HG12 sing N N 333 
VAL CG1 HG13 sing N N 334 
VAL CG2 HG21 sing N N 335 
VAL CG2 HG22 sing N N 336 
VAL CG2 HG23 sing N N 337 
VAL OXT HXT  sing N N 338 
# 
loop_
_pdbx_entity_nonpoly.entity_id 
_pdbx_entity_nonpoly.name 
_pdbx_entity_nonpoly.comp_id 
2 'SULFATE ION' SO4 
3 water         HOH 
# 
_pdbx_initial_refinement_model.id               1 
_pdbx_initial_refinement_model.entity_id_list   ? 
_pdbx_initial_refinement_model.type             'experimental model' 
_pdbx_initial_refinement_model.source_name      PDB 
_pdbx_initial_refinement_model.accession_code   1QCZ 
_pdbx_initial_refinement_model.details          ? 
# 
